data_5XDE
#
_entry.id   5XDE
#
_cell.length_a   101.220
_cell.length_b   101.220
_cell.length_c   424.740
_cell.angle_alpha   90.00
_cell.angle_beta   90.00
_cell.angle_gamma   90.00
#
_symmetry.space_group_name_H-M   'P 41 21 2'
#
loop_
_entity.id
_entity.type
_entity.pdbx_description
1 polymer 'Thermophilic dibenzothiophene desulfurization enzyme C'
2 non-polymer 'FLAVIN MONONUCLEOTIDE'
3 non-polymer 'SULFATE ION'
4 non-polymer GLYCEROL
5 non-polymer dibenzothiophene
6 water water
#
_entity_poly.entity_id   1
_entity_poly.type   'polypeptide(L)'
_entity_poly.pdbx_seq_one_letter_code
;MRTIHANSSAVREDHRALDVATELAKTFRVTVRERERAGGTPKAERDAIRRSGLLTLLISKERGGLGESWPTVYEAIAEI
ASADASLGHLFGYHFSNFAYVDLFASPEQKARWYPQAVRERWFLGNASSENNAHVLDWRVTATPLPDGSYEINGTKAFCS
GSADADRLLVFAVTSRDPNGDGRIVAALIPSDRAGVQVNGDWDSLGMRQTDSGSVTFSGVVVYPDELLGTPGQVTDAFAS
GSKPSLWTPITQLIFTHLYLGIARGALEEAAHYSRSHSRPFTLAGVEKATEDPYVLAIYGEFAAQLQVAEAGAREVALRV
QELWERNHVTPEQRGQLMVQVASAKIVATRLVIELTSRLYEAMGARAAASRQFGFDRFWRDARTHTLHDPVAYKIREVGN
WFLNHRFPTPSFYS
;
_entity_poly.pdbx_strand_id   A,B,C,D
#
loop_
_chem_comp.id
_chem_comp.type
_chem_comp.name
_chem_comp.formula
83R non-polymer dibenzothiophene 'C12 H8 S'
FMN non-polymer 'FLAVIN MONONUCLEOTIDE' 'C17 H21 N4 O9 P'
GOL non-polymer GLYCEROL 'C3 H8 O3'
SO4 non-polymer 'SULFATE ION' 'O4 S -2'
#
# COMPACT_ATOMS: atom_id res chain seq x y z
N HIS A 15 -3.14 -39.64 -1.74
CA HIS A 15 -2.85 -38.56 -2.67
C HIS A 15 -3.60 -38.73 -4.00
N ARG A 16 -4.45 -39.76 -4.08
CA ARG A 16 -5.11 -40.09 -5.34
C ARG A 16 -6.11 -39.02 -5.76
N ALA A 17 -6.96 -38.57 -4.84
CA ALA A 17 -7.97 -37.57 -5.20
C ALA A 17 -7.31 -36.30 -5.72
N LEU A 18 -6.23 -35.86 -5.09
CA LEU A 18 -5.57 -34.63 -5.54
C LEU A 18 -4.92 -34.82 -6.91
N ASP A 19 -4.37 -36.01 -7.17
CA ASP A 19 -3.87 -36.29 -8.52
C ASP A 19 -4.98 -36.21 -9.53
N VAL A 20 -6.15 -36.77 -9.22
CA VAL A 20 -7.31 -36.64 -10.10
C VAL A 20 -7.64 -35.16 -10.34
N ALA A 21 -7.65 -34.35 -9.27
CA ALA A 21 -7.99 -32.94 -9.45
C ALA A 21 -6.94 -32.23 -10.29
N THR A 22 -5.66 -32.55 -10.07
CA THR A 22 -4.60 -31.94 -10.87
C THR A 22 -4.76 -32.26 -12.35
N GLU A 23 -5.11 -33.51 -12.67
CA GLU A 23 -5.30 -33.89 -14.06
C GLU A 23 -6.50 -33.19 -14.67
N LEU A 24 -7.60 -33.09 -13.92
CA LEU A 24 -8.74 -32.30 -14.38
C LEU A 24 -8.32 -30.88 -14.71
N ALA A 25 -7.58 -30.24 -13.80
CA ALA A 25 -7.18 -28.86 -13.99
C ALA A 25 -6.31 -28.70 -15.24
N LYS A 26 -5.35 -29.61 -15.44
CA LYS A 26 -4.54 -29.55 -16.66
C LYS A 26 -5.43 -29.57 -17.89
N THR A 27 -6.40 -30.47 -17.93
CA THR A 27 -7.31 -30.53 -19.07
C THR A 27 -8.07 -29.23 -19.24
N PHE A 28 -8.48 -28.60 -18.14
CA PHE A 28 -9.28 -27.39 -18.23
C PHE A 28 -8.43 -26.22 -18.74
N ARG A 29 -7.14 -26.19 -18.42
CA ARG A 29 -6.30 -25.09 -18.88
C ARG A 29 -6.24 -25.02 -20.40
N VAL A 30 -6.29 -26.16 -21.07
CA VAL A 30 -6.11 -26.21 -22.52
C VAL A 30 -7.17 -25.37 -23.23
N THR A 31 -8.40 -25.35 -22.71
CA THR A 31 -9.52 -24.75 -23.42
C THR A 31 -10.17 -23.56 -22.73
N VAL A 32 -9.70 -23.15 -21.54
CA VAL A 32 -10.43 -22.13 -20.79
C VAL A 32 -10.46 -20.80 -21.54
N ARG A 33 -9.39 -20.48 -22.27
CA ARG A 33 -9.37 -19.20 -22.96
C ARG A 33 -10.58 -19.06 -23.89
N GLU A 34 -10.84 -20.08 -24.71
CA GLU A 34 -11.95 -20.02 -25.66
C GLU A 34 -13.30 -20.23 -24.99
N ARG A 35 -13.38 -21.14 -24.02
CA ARG A 35 -14.66 -21.37 -23.36
C ARG A 35 -15.13 -20.14 -22.60
N GLU A 36 -14.25 -19.51 -21.82
CA GLU A 36 -14.73 -18.43 -20.97
C GLU A 36 -15.18 -17.23 -21.80
N ARG A 37 -14.57 -17.00 -22.98
CA ARG A 37 -15.05 -15.97 -23.88
C ARG A 37 -16.52 -16.17 -24.25
N ALA A 38 -16.88 -17.40 -24.62
CA ALA A 38 -18.24 -17.68 -25.06
C ALA A 38 -19.26 -17.65 -23.91
N GLY A 39 -18.81 -17.85 -22.66
CA GLY A 39 -19.78 -17.87 -21.59
C GLY A 39 -20.63 -19.13 -21.63
N GLY A 40 -21.81 -19.05 -21.03
CA GLY A 40 -22.69 -20.20 -21.06
C GLY A 40 -22.23 -21.32 -20.15
N THR A 41 -22.76 -22.52 -20.41
CA THR A 41 -22.60 -23.65 -19.49
C THR A 41 -21.44 -24.52 -19.92
N PRO A 42 -20.47 -24.74 -19.08
CA PRO A 42 -19.35 -25.62 -19.44
C PRO A 42 -19.70 -27.09 -19.28
N LYS A 43 -20.61 -27.58 -20.13
CA LYS A 43 -21.20 -28.90 -19.93
C LYS A 43 -20.16 -30.01 -20.00
N ALA A 44 -19.33 -30.01 -21.05
CA ALA A 44 -18.34 -31.07 -21.19
C ALA A 44 -17.47 -31.16 -19.95
N GLU A 45 -17.11 -30.01 -19.38
CA GLU A 45 -16.21 -29.98 -18.24
C GLU A 45 -16.92 -30.40 -16.96
N ARG A 46 -18.19 -30.01 -16.80
CA ARG A 46 -18.98 -30.52 -15.68
C ARG A 46 -19.14 -32.03 -15.74
N ASP A 47 -19.32 -32.60 -16.94
CA ASP A 47 -19.37 -34.06 -17.04
C ASP A 47 -18.01 -34.70 -16.73
N ALA A 48 -16.90 -34.06 -17.10
CA ALA A 48 -15.61 -34.60 -16.70
C ALA A 48 -15.48 -34.63 -15.17
N ILE A 49 -16.01 -33.60 -14.50
CA ILE A 49 -15.98 -33.62 -13.05
C ILE A 49 -16.86 -34.73 -12.51
N ARG A 50 -18.03 -34.96 -13.13
CA ARG A 50 -18.87 -36.10 -12.76
C ARG A 50 -18.11 -37.42 -12.91
N ARG A 51 -17.43 -37.60 -14.04
CA ARG A 51 -16.70 -38.86 -14.27
C ARG A 51 -15.57 -39.04 -13.27
N SER A 52 -15.00 -37.94 -12.77
CA SER A 52 -13.85 -38.01 -11.89
C SER A 52 -14.18 -38.63 -10.54
N GLY A 53 -15.44 -38.55 -10.11
CA GLY A 53 -15.83 -38.98 -8.78
C GLY A 53 -15.60 -37.97 -7.69
N LEU A 54 -14.92 -36.86 -7.97
CA LEU A 54 -14.58 -35.94 -6.89
C LEU A 54 -15.79 -35.25 -6.27
N LEU A 55 -16.93 -35.24 -6.96
CA LEU A 55 -18.12 -34.66 -6.35
C LEU A 55 -18.53 -35.44 -5.11
N THR A 56 -18.03 -36.67 -4.94
CA THR A 56 -18.39 -37.56 -3.83
C THR A 56 -17.33 -37.59 -2.73
N LEU A 57 -16.43 -36.61 -2.69
CA LEU A 57 -15.29 -36.64 -1.77
C LEU A 57 -15.71 -36.82 -0.32
N LEU A 58 -16.80 -36.17 0.09
CA LEU A 58 -17.20 -36.16 1.49
C LEU A 58 -18.26 -37.21 1.82
N ILE A 59 -18.71 -37.98 0.84
CA ILE A 59 -19.63 -39.07 1.09
C ILE A 59 -18.84 -40.27 1.57
N SER A 60 -19.32 -40.93 2.62
CA SER A 60 -18.61 -42.05 3.21
C SER A 60 -18.46 -43.18 2.20
N LYS A 61 -17.42 -43.98 2.38
CA LYS A 61 -17.22 -45.12 1.49
C LYS A 61 -18.39 -46.09 1.58
N GLU A 62 -18.94 -46.25 2.78
CA GLU A 62 -20.09 -47.14 2.97
C GLU A 62 -21.28 -46.70 2.13
N ARG A 63 -21.44 -45.41 1.88
CA ARG A 63 -22.50 -44.90 1.03
C ARG A 63 -22.07 -44.75 -0.43
N GLY A 64 -20.86 -45.21 -0.77
CA GLY A 64 -20.40 -45.21 -2.14
C GLY A 64 -19.45 -44.09 -2.52
N GLY A 65 -19.09 -43.21 -1.57
CA GLY A 65 -18.24 -42.08 -1.85
C GLY A 65 -16.77 -42.38 -1.58
N LEU A 66 -15.96 -41.32 -1.59
CA LEU A 66 -14.52 -41.48 -1.43
C LEU A 66 -14.06 -41.46 0.01
N GLY A 67 -14.91 -41.03 0.95
CA GLY A 67 -14.55 -40.98 2.34
C GLY A 67 -13.38 -40.05 2.65
N GLU A 68 -13.28 -38.94 1.94
CA GLU A 68 -12.17 -38.01 2.11
C GLU A 68 -12.56 -36.90 3.09
N SER A 69 -11.68 -35.90 3.22
CA SER A 69 -11.77 -34.89 4.27
C SER A 69 -11.80 -33.49 3.67
N TRP A 70 -12.14 -32.52 4.51
CA TRP A 70 -12.19 -31.13 4.03
C TRP A 70 -10.85 -30.61 3.54
N PRO A 71 -9.71 -30.91 4.17
CA PRO A 71 -8.43 -30.43 3.61
C PRO A 71 -8.21 -30.88 2.18
N THR A 72 -8.63 -32.10 1.84
CA THR A 72 -8.57 -32.57 0.45
C THR A 72 -9.51 -31.77 -0.45
N VAL A 73 -10.73 -31.52 0.02
CA VAL A 73 -11.69 -30.75 -0.77
C VAL A 73 -11.16 -29.37 -1.08
N TYR A 74 -10.61 -28.69 -0.05
CA TYR A 74 -10.09 -27.33 -0.24
C TYR A 74 -8.91 -27.31 -1.20
N GLU A 75 -7.98 -28.25 -1.05
CA GLU A 75 -6.86 -28.35 -1.98
C GLU A 75 -7.36 -28.58 -3.42
N ALA A 76 -8.35 -29.46 -3.60
CA ALA A 76 -8.89 -29.68 -4.94
C ALA A 76 -9.56 -28.43 -5.49
N ILE A 77 -10.25 -27.66 -4.64
CA ILE A 77 -10.91 -26.43 -5.10
C ILE A 77 -9.87 -25.45 -5.62
N ALA A 78 -8.82 -25.22 -4.84
CA ALA A 78 -7.79 -24.27 -5.26
C ALA A 78 -7.12 -24.73 -6.55
N GLU A 79 -6.81 -26.03 -6.65
CA GLU A 79 -6.14 -26.52 -7.86
C GLU A 79 -7.01 -26.30 -9.10
N ILE A 80 -8.29 -26.69 -9.03
CA ILE A 80 -9.17 -26.48 -10.17
C ILE A 80 -9.34 -24.98 -10.46
N ALA A 81 -9.47 -24.17 -9.42
CA ALA A 81 -9.65 -22.74 -9.61
C ALA A 81 -8.43 -22.11 -10.29
N SER A 82 -7.24 -22.65 -10.05
CA SER A 82 -6.04 -22.09 -10.64
C SER A 82 -6.05 -22.25 -12.17
N ALA A 83 -6.75 -23.26 -12.67
CA ALA A 83 -6.88 -23.53 -14.10
C ALA A 83 -8.08 -22.85 -14.72
N ASP A 84 -9.20 -22.81 -14.00
CA ASP A 84 -10.47 -22.30 -14.53
C ASP A 84 -11.29 -21.82 -13.35
N ALA A 85 -11.41 -20.51 -13.19
CA ALA A 85 -12.08 -19.97 -12.02
C ALA A 85 -13.56 -20.30 -12.01
N SER A 86 -14.20 -20.40 -13.17
CA SER A 86 -15.63 -20.72 -13.16
C SER A 86 -15.86 -22.17 -12.74
N LEU A 87 -15.04 -23.10 -13.24
CA LEU A 87 -15.16 -24.47 -12.79
C LEU A 87 -14.76 -24.62 -11.33
N GLY A 88 -13.77 -23.84 -10.86
CA GLY A 88 -13.42 -23.89 -9.45
C GLY A 88 -14.57 -23.41 -8.58
N HIS A 89 -15.24 -22.36 -9.01
CA HIS A 89 -16.40 -21.84 -8.31
C HIS A 89 -17.52 -22.86 -8.26
N LEU A 90 -17.86 -23.45 -9.41
CA LEU A 90 -18.95 -24.43 -9.46
C LEU A 90 -18.64 -25.62 -8.58
N PHE A 91 -17.40 -26.12 -8.66
CA PHE A 91 -16.97 -27.24 -7.83
C PHE A 91 -17.02 -26.87 -6.36
N GLY A 92 -16.51 -25.69 -6.01
CA GLY A 92 -16.54 -25.29 -4.61
C GLY A 92 -17.95 -25.10 -4.09
N TYR A 93 -18.82 -24.49 -4.88
CA TYR A 93 -20.19 -24.27 -4.43
C TYR A 93 -20.95 -25.57 -4.27
N HIS A 94 -20.65 -26.56 -5.12
CA HIS A 94 -21.21 -27.89 -4.91
C HIS A 94 -20.96 -28.36 -3.48
N PHE A 95 -19.76 -28.10 -2.95
CA PHE A 95 -19.43 -28.54 -1.61
C PHE A 95 -20.03 -27.64 -0.53
N SER A 96 -20.23 -26.35 -0.81
CA SER A 96 -21.04 -25.54 0.10
C SER A 96 -22.47 -26.08 0.18
N ASN A 97 -23.05 -26.43 -0.97
CA ASN A 97 -24.38 -27.01 -0.99
C ASN A 97 -24.39 -28.35 -0.27
N PHE A 98 -23.39 -29.20 -0.54
CA PHE A 98 -23.32 -30.50 0.11
C PHE A 98 -23.19 -30.35 1.61
N ALA A 99 -22.32 -29.43 2.06
CA ALA A 99 -22.20 -29.16 3.49
C ALA A 99 -23.55 -28.83 4.12
N TYR A 100 -24.33 -27.95 3.48
CA TYR A 100 -25.63 -27.58 4.05
C TYR A 100 -26.54 -28.80 4.15
N VAL A 101 -26.65 -29.55 3.05
CA VAL A 101 -27.39 -30.80 3.05
C VAL A 101 -26.92 -31.72 4.17
N ASP A 102 -25.61 -31.90 4.30
CA ASP A 102 -25.13 -32.88 5.28
C ASP A 102 -25.40 -32.42 6.70
N LEU A 103 -25.47 -31.12 6.92
CA LEU A 103 -25.66 -30.60 8.28
C LEU A 103 -27.12 -30.65 8.71
N PHE A 104 -28.05 -30.82 7.79
CA PHE A 104 -29.47 -30.82 8.12
C PHE A 104 -30.20 -32.09 7.71
N ALA A 105 -29.62 -32.92 6.85
CA ALA A 105 -30.33 -34.10 6.36
C ALA A 105 -30.54 -35.11 7.49
N SER A 106 -31.69 -35.76 7.44
CA SER A 106 -31.98 -36.86 8.36
C SER A 106 -31.19 -38.11 7.95
N PRO A 107 -31.04 -39.06 8.89
CA PRO A 107 -30.43 -40.35 8.50
C PRO A 107 -31.12 -40.99 7.30
N GLU A 108 -32.44 -40.89 7.25
CA GLU A 108 -33.20 -41.44 6.13
C GLU A 108 -32.81 -40.77 4.82
N GLN A 109 -32.64 -39.45 4.84
CA GLN A 109 -32.28 -38.72 3.64
C GLN A 109 -30.85 -39.06 3.21
N LYS A 110 -29.93 -39.19 4.15
CA LYS A 110 -28.57 -39.57 3.76
C LYS A 110 -28.54 -40.98 3.16
N ALA A 111 -29.32 -41.91 3.72
CA ALA A 111 -29.28 -43.27 3.21
C ALA A 111 -29.85 -43.36 1.79
N ARG A 112 -30.85 -42.54 1.48
CA ARG A 112 -31.43 -42.48 0.13
C ARG A 112 -30.55 -41.65 -0.80
N TRP A 113 -30.21 -40.43 -0.37
CA TRP A 113 -29.62 -39.44 -1.28
C TRP A 113 -28.15 -39.73 -1.61
N TYR A 114 -27.38 -40.22 -0.66
CA TYR A 114 -25.96 -40.21 -0.93
C TYR A 114 -25.60 -41.30 -1.94
N PRO A 115 -26.13 -42.53 -1.81
CA PRO A 115 -25.90 -43.51 -2.88
C PRO A 115 -26.47 -43.05 -4.21
N GLN A 116 -27.61 -42.34 -4.19
CA GLN A 116 -28.14 -41.78 -5.43
C GLN A 116 -27.21 -40.71 -6.01
N ALA A 117 -26.64 -39.88 -5.15
CA ALA A 117 -25.71 -38.87 -5.65
C ALA A 117 -24.49 -39.50 -6.30
N VAL A 118 -24.07 -40.65 -5.79
CA VAL A 118 -22.96 -41.40 -6.38
C VAL A 118 -23.37 -41.96 -7.75
N ARG A 119 -24.53 -42.62 -7.82
CA ARG A 119 -24.92 -43.30 -9.05
C ARG A 119 -25.35 -42.32 -10.13
N GLU A 120 -26.09 -41.28 -9.74
CA GLU A 120 -26.53 -40.28 -10.70
C GLU A 120 -25.50 -39.17 -10.90
N ARG A 121 -24.41 -39.18 -10.12
CA ARG A 121 -23.32 -38.20 -10.23
C ARG A 121 -23.84 -36.77 -10.07
N TRP A 122 -24.57 -36.54 -8.97
CA TRP A 122 -25.11 -35.22 -8.68
C TRP A 122 -24.03 -34.14 -8.63
N PHE A 123 -24.31 -33.04 -9.33
CA PHE A 123 -23.52 -31.82 -9.28
C PHE A 123 -24.50 -30.77 -8.75
N LEU A 124 -24.31 -30.32 -7.51
CA LEU A 124 -25.36 -29.58 -6.83
C LEU A 124 -25.30 -28.10 -7.19
N GLY A 125 -26.49 -27.50 -7.34
CA GLY A 125 -26.64 -26.08 -7.55
C GLY A 125 -27.51 -25.49 -6.45
N ASN A 126 -27.66 -24.17 -6.50
CA ASN A 126 -28.47 -23.54 -5.46
C ASN A 126 -29.17 -22.32 -6.02
N ALA A 127 -30.32 -22.00 -5.41
CA ALA A 127 -31.09 -20.79 -5.70
C ALA A 127 -31.46 -20.18 -4.35
N SER A 128 -30.71 -19.16 -3.93
CA SER A 128 -30.80 -18.67 -2.55
C SER A 128 -30.93 -17.16 -2.46
N SER A 129 -29.98 -16.43 -3.05
CA SER A 129 -29.98 -14.99 -2.97
C SER A 129 -30.97 -14.40 -3.96
N GLU A 130 -31.30 -13.12 -3.76
CA GLU A 130 -32.31 -12.44 -4.57
C GLU A 130 -31.79 -11.06 -4.94
N ASN A 131 -32.47 -10.43 -5.89
CA ASN A 131 -32.06 -9.13 -6.41
C ASN A 131 -33.07 -8.05 -6.06
N ASN A 132 -33.30 -7.85 -4.75
CA ASN A 132 -34.26 -6.86 -4.29
C ASN A 132 -33.56 -5.59 -3.82
N ALA A 133 -34.06 -4.98 -2.74
CA ALA A 133 -33.51 -3.72 -2.24
C ALA A 133 -32.18 -3.93 -1.53
N HIS A 134 -32.03 -5.03 -0.81
CA HIS A 134 -30.78 -5.40 -0.17
C HIS A 134 -30.72 -6.92 -0.08
N VAL A 135 -29.59 -7.45 0.41
CA VAL A 135 -29.42 -8.90 0.46
C VAL A 135 -30.43 -9.56 1.39
N LEU A 136 -31.02 -8.80 2.31
CA LEU A 136 -31.96 -9.36 3.29
C LEU A 136 -33.41 -9.34 2.82
N ASP A 137 -33.72 -8.65 1.73
CA ASP A 137 -35.08 -8.57 1.21
C ASP A 137 -35.35 -9.84 0.41
N TRP A 138 -35.99 -10.82 1.06
CA TRP A 138 -36.34 -12.10 0.44
C TRP A 138 -37.84 -12.12 0.15
N ARG A 139 -38.19 -12.53 -1.07
CA ARG A 139 -39.58 -12.54 -1.53
C ARG A 139 -40.01 -13.84 -2.19
N VAL A 140 -39.14 -14.85 -2.24
CA VAL A 140 -39.55 -16.20 -2.64
C VAL A 140 -40.23 -16.86 -1.45
N THR A 141 -41.49 -17.26 -1.63
CA THR A 141 -42.32 -17.75 -0.54
C THR A 141 -42.55 -19.25 -0.64
N ALA A 142 -42.83 -19.84 0.52
CA ALA A 142 -43.22 -21.24 0.63
C ALA A 142 -44.55 -21.30 1.36
N THR A 143 -45.62 -21.60 0.62
CA THR A 143 -46.91 -21.68 1.30
C THR A 143 -47.31 -23.13 1.54
N PRO A 144 -47.83 -23.44 2.72
CA PRO A 144 -48.06 -24.85 3.08
C PRO A 144 -49.10 -25.50 2.18
N LEU A 145 -48.89 -26.80 1.93
CA LEU A 145 -49.81 -27.61 1.14
C LEU A 145 -50.38 -28.71 1.99
N PRO A 146 -51.35 -29.48 1.49
CA PRO A 146 -51.84 -30.65 2.22
C PRO A 146 -50.77 -31.72 2.35
N ASP A 147 -50.89 -32.52 3.40
CA ASP A 147 -50.03 -33.67 3.65
C ASP A 147 -48.60 -33.27 4.01
N GLY A 148 -48.36 -31.98 4.31
CA GLY A 148 -47.05 -31.56 4.75
C GLY A 148 -46.13 -31.05 3.68
N SER A 149 -46.65 -30.74 2.49
CA SER A 149 -45.84 -30.20 1.40
C SER A 149 -45.90 -28.67 1.40
N TYR A 150 -45.05 -28.08 0.59
CA TYR A 150 -45.01 -26.63 0.42
C TYR A 150 -44.96 -26.30 -1.06
N GLU A 151 -45.36 -25.08 -1.40
CA GLU A 151 -45.36 -24.57 -2.76
C GLU A 151 -44.50 -23.32 -2.81
N ILE A 152 -43.55 -23.29 -3.75
CA ILE A 152 -42.55 -22.22 -3.83
C ILE A 152 -42.89 -21.30 -5.00
N ASN A 153 -42.85 -19.99 -4.76
CA ASN A 153 -43.13 -19.00 -5.79
C ASN A 153 -42.18 -17.82 -5.67
N GLY A 154 -41.63 -17.36 -6.80
CA GLY A 154 -40.78 -16.19 -6.85
C GLY A 154 -39.53 -16.45 -7.67
N THR A 155 -38.66 -15.42 -7.69
CA THR A 155 -37.43 -15.46 -8.48
C THR A 155 -36.20 -15.27 -7.61
N LYS A 156 -35.16 -16.05 -7.92
CA LYS A 156 -33.87 -16.01 -7.25
C LYS A 156 -32.80 -15.49 -8.20
N ALA A 157 -31.76 -14.87 -7.64
CA ALA A 157 -30.64 -14.34 -8.40
C ALA A 157 -29.34 -15.00 -7.96
N PHE A 158 -28.31 -14.85 -8.80
CA PHE A 158 -26.98 -15.39 -8.53
C PHE A 158 -27.03 -16.87 -8.18
N CYS A 159 -27.77 -17.63 -9.00
CA CYS A 159 -27.98 -19.06 -8.73
C CYS A 159 -26.83 -19.85 -9.36
N SER A 160 -25.67 -19.78 -8.72
CA SER A 160 -24.49 -20.44 -9.25
C SER A 160 -24.77 -21.92 -9.49
N GLY A 161 -24.33 -22.40 -10.65
CA GLY A 161 -24.45 -23.80 -10.99
C GLY A 161 -25.87 -24.30 -11.13
N SER A 162 -26.83 -23.40 -11.39
CA SER A 162 -28.22 -23.80 -11.54
C SER A 162 -28.47 -24.46 -12.88
N ALA A 163 -27.71 -24.10 -13.91
CA ALA A 163 -27.79 -24.81 -15.18
C ALA A 163 -27.05 -26.14 -15.09
N ASP A 164 -27.66 -27.19 -15.61
CA ASP A 164 -27.08 -28.54 -15.59
C ASP A 164 -26.88 -29.04 -14.14
N ALA A 165 -27.58 -28.46 -13.18
CA ALA A 165 -27.58 -29.00 -11.83
C ALA A 165 -28.60 -30.12 -11.71
N ASP A 166 -28.20 -31.20 -11.02
CA ASP A 166 -29.10 -32.33 -10.88
C ASP A 166 -30.10 -32.12 -9.75
N ARG A 167 -29.67 -31.41 -8.70
CA ARG A 167 -30.53 -31.05 -7.59
C ARG A 167 -30.25 -29.58 -7.24
N LEU A 168 -31.28 -28.87 -6.81
CA LEU A 168 -31.16 -27.48 -6.41
C LEU A 168 -31.41 -27.37 -4.91
N LEU A 169 -30.48 -26.73 -4.21
CA LEU A 169 -30.70 -26.35 -2.82
C LEU A 169 -31.48 -25.03 -2.85
N VAL A 170 -32.71 -25.03 -2.33
CA VAL A 170 -33.61 -23.89 -2.46
C VAL A 170 -34.03 -23.39 -1.08
N PHE A 171 -34.12 -22.07 -0.94
CA PHE A 171 -34.52 -21.41 0.30
C PHE A 171 -35.74 -20.55 0.05
N ALA A 172 -36.73 -20.65 0.91
CA ALA A 172 -37.93 -19.82 0.82
C ALA A 172 -38.38 -19.47 2.23
N VAL A 173 -39.28 -18.49 2.31
CA VAL A 173 -39.85 -18.03 3.57
C VAL A 173 -41.30 -18.46 3.64
N THR A 174 -41.71 -19.01 4.77
CA THR A 174 -43.09 -19.48 4.89
C THR A 174 -44.07 -18.32 4.78
N SER A 175 -45.10 -18.51 3.97
CA SER A 175 -46.17 -17.54 3.78
C SER A 175 -47.51 -18.23 4.00
N ARG A 176 -48.46 -17.49 4.58
CA ARG A 176 -49.78 -18.04 4.85
C ARG A 176 -49.68 -19.33 5.65
N ASP A 177 -48.74 -19.37 6.59
CA ASP A 177 -48.41 -20.59 7.31
C ASP A 177 -49.04 -20.57 8.69
N PRO A 178 -49.92 -21.52 9.01
CA PRO A 178 -50.54 -21.53 10.35
C PRO A 178 -49.54 -21.73 11.47
N ASN A 179 -48.40 -22.37 11.20
CA ASN A 179 -47.37 -22.60 12.21
C ASN A 179 -46.31 -21.52 12.23
N GLY A 180 -46.53 -20.40 11.53
CA GLY A 180 -45.62 -19.29 11.61
C GLY A 180 -45.11 -18.82 10.27
N ASP A 181 -45.42 -17.57 9.91
CA ASP A 181 -44.89 -17.01 8.68
C ASP A 181 -43.49 -16.48 8.93
N GLY A 182 -42.76 -16.27 7.82
CA GLY A 182 -41.41 -15.74 7.90
C GLY A 182 -40.35 -16.76 8.26
N ARG A 183 -40.71 -18.03 8.42
CA ARG A 183 -39.75 -19.07 8.76
C ARG A 183 -39.03 -19.57 7.51
N ILE A 184 -37.72 -19.74 7.62
CA ILE A 184 -36.90 -20.12 6.48
C ILE A 184 -37.00 -21.62 6.26
N VAL A 185 -37.51 -22.01 5.10
CA VAL A 185 -37.55 -23.42 4.69
C VAL A 185 -36.44 -23.65 3.67
N ALA A 186 -35.74 -24.76 3.83
CA ALA A 186 -34.74 -25.21 2.87
C ALA A 186 -35.14 -26.57 2.35
N ALA A 187 -34.89 -26.81 1.06
CA ALA A 187 -35.27 -28.06 0.43
C ALA A 187 -34.25 -28.43 -0.64
N LEU A 188 -34.19 -29.72 -0.97
CA LEU A 188 -33.33 -30.22 -2.04
C LEU A 188 -34.24 -30.89 -3.05
N ILE A 189 -34.42 -30.26 -4.21
CA ILE A 189 -35.40 -30.72 -5.18
C ILE A 189 -34.72 -31.03 -6.52
N PRO A 190 -35.30 -31.89 -7.33
CA PRO A 190 -34.77 -32.11 -8.67
C PRO A 190 -34.87 -30.84 -9.49
N SER A 191 -33.83 -30.55 -10.29
CA SER A 191 -33.86 -29.35 -11.10
C SER A 191 -34.91 -29.42 -12.20
N ASP A 192 -35.43 -30.61 -12.52
CA ASP A 192 -36.45 -30.77 -13.54
C ASP A 192 -37.84 -30.91 -12.94
N ARG A 193 -38.01 -30.57 -11.67
CA ARG A 193 -39.33 -30.51 -11.06
C ARG A 193 -40.18 -29.47 -11.76
N ALA A 194 -41.46 -29.79 -11.95
CA ALA A 194 -42.37 -28.91 -12.66
C ALA A 194 -42.43 -27.53 -11.99
N GLY A 195 -42.41 -26.48 -12.81
CA GLY A 195 -42.48 -25.13 -12.31
C GLY A 195 -41.13 -24.47 -12.07
N VAL A 196 -40.03 -25.21 -12.18
CA VAL A 196 -38.69 -24.63 -12.04
C VAL A 196 -38.23 -24.17 -13.40
N GLN A 197 -37.79 -22.91 -13.48
CA GLN A 197 -37.31 -22.32 -14.73
C GLN A 197 -35.95 -21.67 -14.52
N VAL A 198 -34.89 -22.28 -15.06
CA VAL A 198 -33.57 -21.66 -15.10
C VAL A 198 -33.49 -20.72 -16.29
N ASN A 199 -32.98 -19.51 -16.07
CA ASN A 199 -33.13 -18.42 -17.03
C ASN A 199 -31.88 -18.12 -17.84
N GLY A 200 -30.72 -18.62 -17.45
CA GLY A 200 -29.52 -18.51 -18.28
C GLY A 200 -29.16 -17.12 -18.73
N ASP A 201 -29.28 -16.12 -17.85
CA ASP A 201 -29.03 -14.72 -18.17
C ASP A 201 -27.73 -14.22 -17.54
N TRP A 202 -26.69 -15.05 -17.54
CA TRP A 202 -25.42 -14.72 -16.91
C TRP A 202 -24.45 -14.25 -17.98
N ASP A 203 -24.09 -12.96 -17.93
CA ASP A 203 -23.17 -12.34 -18.89
C ASP A 203 -22.31 -11.33 -18.12
N SER A 204 -21.22 -11.82 -17.55
CA SER A 204 -20.50 -11.09 -16.51
C SER A 204 -19.09 -10.73 -16.98
N LEU A 205 -18.44 -9.83 -16.23
CA LEU A 205 -17.07 -9.45 -16.53
C LEU A 205 -16.14 -10.66 -16.45
N GLY A 206 -16.20 -11.37 -15.32
CA GLY A 206 -15.44 -12.58 -15.08
C GLY A 206 -16.40 -13.63 -14.55
N MET A 207 -15.89 -14.79 -14.12
CA MET A 207 -16.73 -15.90 -13.68
C MET A 207 -17.80 -16.21 -14.73
N ARG A 208 -17.37 -16.18 -16.00
CA ARG A 208 -18.31 -16.15 -17.11
C ARG A 208 -18.99 -17.49 -17.37
N GLN A 209 -18.53 -18.59 -16.75
CA GLN A 209 -19.15 -19.90 -16.97
C GLN A 209 -19.76 -20.47 -15.69
N THR A 210 -20.10 -19.62 -14.72
CA THR A 210 -20.68 -20.13 -13.47
C THR A 210 -22.21 -20.24 -13.52
N ASP A 211 -22.86 -19.72 -14.56
CA ASP A 211 -24.30 -19.83 -14.69
C ASP A 211 -25.02 -19.24 -13.48
N SER A 212 -24.50 -18.13 -12.97
CA SER A 212 -25.05 -17.50 -11.77
C SER A 212 -26.17 -16.52 -12.09
N GLY A 213 -27.04 -16.86 -13.04
CA GLY A 213 -28.20 -16.06 -13.38
C GLY A 213 -29.37 -16.35 -12.46
N SER A 214 -30.56 -15.94 -12.91
CA SER A 214 -31.76 -16.02 -12.10
C SER A 214 -32.54 -17.30 -12.35
N VAL A 215 -33.39 -17.65 -11.39
CA VAL A 215 -34.24 -18.86 -11.44
C VAL A 215 -35.62 -18.50 -10.90
N THR A 216 -36.66 -18.94 -11.60
CA THR A 216 -38.04 -18.60 -11.27
C THR A 216 -38.82 -19.84 -10.88
N PHE A 217 -39.62 -19.72 -9.80
CA PHE A 217 -40.42 -20.81 -9.26
C PHE A 217 -41.89 -20.49 -9.42
N SER A 218 -42.60 -21.29 -10.21
CA SER A 218 -44.05 -21.13 -10.42
C SER A 218 -44.76 -22.37 -9.90
N GLY A 219 -45.35 -22.25 -8.71
CA GLY A 219 -46.13 -23.36 -8.14
C GLY A 219 -45.33 -24.63 -7.91
N VAL A 220 -44.08 -24.49 -7.51
CA VAL A 220 -43.19 -25.65 -7.37
C VAL A 220 -43.49 -26.36 -6.07
N VAL A 221 -43.81 -27.65 -6.17
CA VAL A 221 -44.14 -28.46 -5.00
C VAL A 221 -42.86 -29.00 -4.39
N VAL A 222 -42.78 -28.91 -3.06
CA VAL A 222 -41.72 -29.52 -2.27
C VAL A 222 -42.37 -30.52 -1.33
N TYR A 223 -41.89 -31.76 -1.37
CA TYR A 223 -42.45 -32.81 -0.52
C TYR A 223 -41.73 -32.86 0.82
N PRO A 224 -42.39 -33.42 1.85
CA PRO A 224 -41.74 -33.49 3.18
C PRO A 224 -40.39 -34.18 3.16
N ASP A 225 -40.22 -35.23 2.35
CA ASP A 225 -38.94 -35.95 2.34
C ASP A 225 -37.85 -35.19 1.60
N GLU A 226 -38.17 -33.99 1.09
CA GLU A 226 -37.20 -33.09 0.47
C GLU A 226 -36.83 -31.93 1.37
N LEU A 227 -37.53 -31.75 2.49
CA LEU A 227 -37.27 -30.64 3.38
C LEU A 227 -36.03 -30.91 4.20
N LEU A 228 -35.19 -29.90 4.36
CA LEU A 228 -33.95 -30.03 5.13
C LEU A 228 -34.25 -29.47 6.51
N GLY A 229 -34.70 -30.34 7.41
CA GLY A 229 -35.17 -29.92 8.71
C GLY A 229 -36.54 -29.25 8.63
N THR A 230 -37.06 -28.88 9.79
CA THR A 230 -38.34 -28.19 9.83
C THR A 230 -38.17 -26.73 9.43
N PRO A 231 -39.23 -26.09 8.98
CA PRO A 231 -39.16 -24.65 8.70
C PRO A 231 -38.68 -23.89 9.93
N GLY A 232 -37.72 -22.99 9.73
CA GLY A 232 -37.15 -22.22 10.80
C GLY A 232 -35.97 -22.87 11.51
N GLN A 233 -35.74 -24.17 11.30
CA GLN A 233 -34.69 -24.86 12.03
C GLN A 233 -33.32 -24.24 11.76
N VAL A 234 -33.08 -23.76 10.53
CA VAL A 234 -31.78 -23.15 10.23
C VAL A 234 -31.55 -21.93 11.13
N THR A 235 -32.59 -21.11 11.31
CA THR A 235 -32.45 -19.94 12.16
C THR A 235 -32.14 -20.34 13.60
N ASP A 236 -32.82 -21.37 14.10
CA ASP A 236 -32.53 -21.86 15.44
C ASP A 236 -31.11 -22.42 15.54
N ALA A 237 -30.69 -23.20 14.54
CA ALA A 237 -29.34 -23.78 14.60
C ALA A 237 -28.27 -22.69 14.59
N PHE A 238 -28.45 -21.64 13.78
CA PHE A 238 -27.45 -20.59 13.70
C PHE A 238 -27.46 -19.74 14.97
N ALA A 239 -28.65 -19.33 15.42
CA ALA A 239 -28.73 -18.53 16.64
C ALA A 239 -28.18 -19.28 17.84
N SER A 240 -28.30 -20.61 17.86
CA SER A 240 -27.83 -21.41 18.99
C SER A 240 -26.38 -21.84 18.88
N GLY A 241 -25.76 -21.67 17.72
CA GLY A 241 -24.43 -22.24 17.55
C GLY A 241 -24.41 -23.75 17.47
N SER A 242 -25.51 -24.38 17.06
CA SER A 242 -25.47 -25.81 16.81
C SER A 242 -24.49 -26.10 15.67
N LYS A 243 -24.20 -27.40 15.48
CA LYS A 243 -23.25 -27.81 14.45
C LYS A 243 -23.50 -27.16 13.08
N PRO A 244 -24.74 -26.97 12.62
CA PRO A 244 -24.92 -26.35 11.30
C PRO A 244 -24.32 -24.95 11.18
N SER A 245 -24.06 -24.27 12.31
CA SER A 245 -23.44 -22.95 12.25
C SER A 245 -22.04 -23.01 11.64
N LEU A 246 -21.48 -24.20 11.46
CA LEU A 246 -20.23 -24.34 10.73
C LEU A 246 -20.38 -24.04 9.25
N TRP A 247 -21.60 -23.96 8.73
CA TRP A 247 -21.77 -23.80 7.30
C TRP A 247 -21.09 -22.53 6.79
N THR A 248 -21.26 -21.42 7.51
CA THR A 248 -20.69 -20.16 7.02
C THR A 248 -19.16 -20.18 6.99
N PRO A 249 -18.45 -20.59 8.04
CA PRO A 249 -16.99 -20.62 7.92
C PRO A 249 -16.50 -21.57 6.85
N ILE A 250 -17.19 -22.71 6.70
CA ILE A 250 -16.82 -23.66 5.66
C ILE A 250 -16.92 -23.01 4.28
N THR A 251 -18.04 -22.33 4.04
CA THR A 251 -18.29 -21.74 2.73
C THR A 251 -17.36 -20.56 2.46
N GLN A 252 -17.17 -19.70 3.45
CA GLN A 252 -16.25 -18.58 3.23
C GLN A 252 -14.82 -19.06 3.03
N LEU A 253 -14.44 -20.20 3.64
CA LEU A 253 -13.12 -20.75 3.33
C LEU A 253 -13.05 -21.36 1.93
N ILE A 254 -14.19 -21.84 1.40
CA ILE A 254 -14.26 -22.24 -0.01
C ILE A 254 -13.92 -21.05 -0.90
N PHE A 255 -14.57 -19.91 -0.67
CA PHE A 255 -14.28 -18.71 -1.44
C PHE A 255 -12.81 -18.32 -1.31
N THR A 256 -12.27 -18.39 -0.09
CA THR A 256 -10.85 -18.09 0.12
C THR A 256 -9.97 -18.94 -0.80
N HIS A 257 -10.31 -20.22 -0.94
CA HIS A 257 -9.45 -21.09 -1.73
C HIS A 257 -9.62 -20.82 -3.22
N LEU A 258 -10.78 -20.31 -3.65
CA LEU A 258 -10.91 -19.83 -5.03
C LEU A 258 -9.95 -18.67 -5.29
N TYR A 259 -9.91 -17.71 -4.36
CA TYR A 259 -9.02 -16.57 -4.55
C TYR A 259 -7.56 -17.00 -4.52
N LEU A 260 -7.19 -17.93 -3.62
CA LEU A 260 -5.80 -18.37 -3.60
C LEU A 260 -5.46 -19.19 -4.83
N GLY A 261 -6.40 -19.96 -5.36
CA GLY A 261 -6.12 -20.69 -6.59
C GLY A 261 -5.93 -19.77 -7.78
N ILE A 262 -6.81 -18.78 -7.91
CA ILE A 262 -6.67 -17.77 -8.96
C ILE A 262 -5.31 -17.08 -8.84
N ALA A 263 -4.95 -16.67 -7.62
CA ALA A 263 -3.68 -15.99 -7.39
C ALA A 263 -2.51 -16.84 -7.87
N ARG A 264 -2.44 -18.10 -7.42
CA ARG A 264 -1.35 -18.97 -7.84
C ARG A 264 -1.37 -19.20 -9.35
N GLY A 265 -2.57 -19.38 -9.94
CA GLY A 265 -2.64 -19.57 -11.38
C GLY A 265 -2.07 -18.38 -12.13
N ALA A 266 -2.44 -17.18 -11.69
CA ALA A 266 -1.94 -15.97 -12.33
C ALA A 266 -0.42 -15.82 -12.15
N LEU A 267 0.09 -16.06 -10.94
CA LEU A 267 1.52 -15.93 -10.71
C LEU A 267 2.30 -16.92 -11.56
N GLU A 268 1.82 -18.16 -11.67
CA GLU A 268 2.55 -19.16 -12.45
C GLU A 268 2.49 -18.84 -13.95
N GLU A 269 1.34 -18.39 -14.44
CA GLU A 269 1.21 -18.05 -15.86
C GLU A 269 2.08 -16.85 -16.22
N ALA A 270 2.11 -15.84 -15.34
CA ALA A 270 2.99 -14.70 -15.58
C ALA A 270 4.45 -15.13 -15.62
N ALA A 271 4.84 -16.03 -14.71
CA ALA A 271 6.23 -16.46 -14.62
C ALA A 271 6.63 -17.19 -15.88
N HIS A 272 5.74 -18.01 -16.42
CA HIS A 272 6.05 -18.68 -17.67
C HIS A 272 6.26 -17.67 -18.79
N TYR A 273 5.42 -16.64 -18.85
CA TYR A 273 5.61 -15.59 -19.85
C TYR A 273 6.95 -14.89 -19.65
N SER A 274 7.26 -14.51 -18.41
CA SER A 274 8.50 -13.79 -18.16
C SER A 274 9.71 -14.62 -18.57
N ARG A 275 9.68 -15.92 -18.31
CA ARG A 275 10.84 -16.76 -18.60
C ARG A 275 11.08 -16.90 -20.09
N SER A 276 10.02 -16.83 -20.90
CA SER A 276 10.15 -17.16 -22.31
C SER A 276 9.98 -15.98 -23.26
N HIS A 277 9.38 -14.88 -22.82
CA HIS A 277 8.98 -13.84 -23.77
C HIS A 277 9.37 -12.42 -23.39
N SER A 278 9.54 -12.14 -22.10
CA SER A 278 9.91 -10.80 -21.68
C SER A 278 11.30 -10.44 -22.20
N ARG A 279 11.48 -9.14 -22.64
CA ARG A 279 12.79 -8.72 -23.09
C ARG A 279 13.51 -7.94 -22.00
N PRO A 280 14.83 -8.01 -21.97
CA PRO A 280 15.58 -7.24 -20.97
C PRO A 280 15.51 -5.76 -21.29
N PHE A 281 15.46 -4.95 -20.24
CA PHE A 281 15.53 -3.49 -20.39
C PHE A 281 17.00 -3.10 -20.45
N THR A 282 17.61 -3.39 -21.61
CA THR A 282 19.04 -3.14 -21.78
C THR A 282 19.38 -1.66 -21.65
N LEU A 283 18.40 -0.77 -21.80
CA LEU A 283 18.63 0.65 -21.56
C LEU A 283 19.26 0.87 -20.20
N ALA A 284 18.89 0.04 -19.22
CA ALA A 284 19.41 0.12 -17.86
C ALA A 284 20.53 -0.89 -17.62
N GLY A 285 21.03 -1.53 -18.68
CA GLY A 285 22.10 -2.50 -18.56
C GLY A 285 21.68 -3.91 -18.20
N VAL A 286 20.38 -4.17 -18.10
CA VAL A 286 19.92 -5.52 -17.84
C VAL A 286 20.21 -6.39 -19.06
N GLU A 287 20.69 -7.61 -18.81
CA GLU A 287 20.98 -8.55 -19.89
C GLU A 287 19.89 -9.60 -20.08
N LYS A 288 19.14 -9.93 -19.03
CA LYS A 288 18.07 -10.92 -19.10
C LYS A 288 16.92 -10.45 -18.22
N ALA A 289 15.69 -10.50 -18.75
CA ALA A 289 14.54 -10.03 -17.97
C ALA A 289 14.42 -10.80 -16.66
N THR A 290 14.72 -12.11 -16.67
CA THR A 290 14.63 -12.90 -15.45
C THR A 290 15.68 -12.52 -14.41
N GLU A 291 16.64 -11.65 -14.74
CA GLU A 291 17.61 -11.16 -13.78
C GLU A 291 17.36 -9.70 -13.43
N ASP A 292 16.30 -9.12 -13.94
CA ASP A 292 16.00 -7.72 -13.65
C ASP A 292 15.63 -7.57 -12.17
N PRO A 293 16.22 -6.62 -11.45
CA PRO A 293 15.94 -6.54 -10.00
C PRO A 293 14.49 -6.20 -9.69
N TYR A 294 13.82 -5.44 -10.55
CA TYR A 294 12.46 -5.05 -10.24
C TYR A 294 11.45 -6.11 -10.65
N VAL A 295 11.71 -6.84 -11.75
CA VAL A 295 10.95 -8.04 -12.04
C VAL A 295 11.04 -9.04 -10.89
N LEU A 296 12.25 -9.31 -10.42
CA LEU A 296 12.40 -10.26 -9.32
C LEU A 296 11.69 -9.77 -8.08
N ALA A 297 11.66 -8.46 -7.84
CA ALA A 297 11.00 -7.94 -6.65
C ALA A 297 9.49 -8.10 -6.72
N ILE A 298 8.91 -7.95 -7.91
CA ILE A 298 7.47 -8.14 -8.07
C ILE A 298 7.10 -9.59 -7.80
N TYR A 299 7.81 -10.53 -8.41
CA TYR A 299 7.52 -11.93 -8.14
C TYR A 299 7.76 -12.27 -6.68
N GLY A 300 8.80 -11.70 -6.08
CA GLY A 300 9.11 -12.04 -4.70
C GLY A 300 8.06 -11.53 -3.73
N GLU A 301 7.61 -10.29 -3.95
CA GLU A 301 6.60 -9.72 -3.06
C GLU A 301 5.32 -10.56 -3.09
N PHE A 302 4.86 -10.90 -4.29
CA PHE A 302 3.59 -11.60 -4.40
C PHE A 302 3.73 -13.08 -4.10
N ALA A 303 4.84 -13.72 -4.50
CA ALA A 303 4.99 -15.12 -4.12
C ALA A 303 5.09 -15.26 -2.60
N ALA A 304 5.71 -14.29 -1.92
CA ALA A 304 5.85 -14.39 -0.46
C ALA A 304 4.50 -14.29 0.23
N GLN A 305 3.68 -13.32 -0.17
CA GLN A 305 2.33 -13.21 0.39
C GLN A 305 1.54 -14.48 0.10
N LEU A 306 1.69 -15.03 -1.10
CA LEU A 306 0.96 -16.24 -1.43
C LEU A 306 1.40 -17.42 -0.58
N GLN A 307 2.71 -17.57 -0.34
CA GLN A 307 3.17 -18.68 0.50
C GLN A 307 2.56 -18.59 1.88
N VAL A 308 2.61 -17.41 2.49
CA VAL A 308 2.09 -17.24 3.85
C VAL A 308 0.60 -17.49 3.88
N ALA A 309 -0.13 -16.93 2.91
CA ALA A 309 -1.57 -17.14 2.88
C ALA A 309 -1.92 -18.61 2.67
N GLU A 310 -1.19 -19.30 1.77
CA GLU A 310 -1.49 -20.71 1.53
C GLU A 310 -1.23 -21.55 2.76
N ALA A 311 -0.13 -21.28 3.47
CA ALA A 311 0.18 -22.02 4.69
C ALA A 311 -0.88 -21.76 5.76
N GLY A 312 -1.25 -20.51 5.92
CA GLY A 312 -2.32 -20.19 6.85
C GLY A 312 -3.63 -20.89 6.49
N ALA A 313 -3.94 -20.93 5.19
CA ALA A 313 -5.19 -21.55 4.74
C ALA A 313 -5.19 -23.04 5.03
N ARG A 314 -4.05 -23.73 4.87
CA ARG A 314 -4.00 -25.14 5.22
C ARG A 314 -4.29 -25.37 6.70
N GLU A 315 -3.76 -24.50 7.59
CA GLU A 315 -4.02 -24.70 9.02
C GLU A 315 -5.50 -24.53 9.34
N VAL A 316 -6.15 -23.51 8.77
CA VAL A 316 -7.57 -23.29 9.04
C VAL A 316 -8.39 -24.43 8.46
N ALA A 317 -7.97 -24.97 7.31
CA ALA A 317 -8.69 -26.11 6.76
C ALA A 317 -8.62 -27.32 7.70
N LEU A 318 -7.47 -27.52 8.34
CA LEU A 318 -7.36 -28.61 9.30
C LEU A 318 -8.29 -28.40 10.49
N ARG A 319 -8.47 -27.13 10.91
CA ARG A 319 -9.38 -26.84 12.01
C ARG A 319 -10.84 -27.04 11.60
N VAL A 320 -11.18 -26.72 10.36
CA VAL A 320 -12.51 -27.04 9.85
C VAL A 320 -12.77 -28.53 10.01
N GLN A 321 -11.81 -29.37 9.60
CA GLN A 321 -12.01 -30.80 9.70
C GLN A 321 -12.18 -31.23 11.15
N GLU A 322 -11.33 -30.70 12.04
CA GLU A 322 -11.40 -31.05 13.45
C GLU A 322 -12.79 -30.76 14.03
N LEU A 323 -13.31 -29.56 13.78
CA LEU A 323 -14.62 -29.23 14.34
C LEU A 323 -15.74 -29.98 13.62
N TRP A 324 -15.58 -30.23 12.32
CA TRP A 324 -16.54 -31.02 11.57
C TRP A 324 -16.79 -32.37 12.23
N GLU A 325 -15.76 -32.95 12.85
CA GLU A 325 -15.87 -34.27 13.44
C GLU A 325 -16.44 -34.24 14.86
N ARG A 326 -16.46 -33.09 15.52
CA ARG A 326 -17.01 -33.02 16.87
C ARG A 326 -18.53 -33.15 16.87
N ASN A 327 -19.09 -33.63 17.98
CA ASN A 327 -20.55 -33.66 18.12
C ASN A 327 -21.08 -32.26 18.34
N HIS A 328 -20.36 -31.45 19.12
CA HIS A 328 -20.77 -30.11 19.47
C HIS A 328 -19.59 -29.17 19.31
N VAL A 329 -19.87 -27.97 18.81
CA VAL A 329 -18.89 -26.89 18.69
C VAL A 329 -19.38 -25.74 19.55
N THR A 330 -18.54 -25.29 20.49
CA THR A 330 -18.93 -24.20 21.37
C THR A 330 -19.00 -22.89 20.60
N PRO A 331 -19.67 -21.88 21.14
CA PRO A 331 -19.68 -20.57 20.46
C PRO A 331 -18.28 -19.99 20.32
N GLU A 332 -17.40 -20.27 21.29
CA GLU A 332 -16.03 -19.78 21.20
C GLU A 332 -15.28 -20.47 20.07
N GLN A 333 -15.42 -21.79 19.97
CA GLN A 333 -14.74 -22.52 18.90
C GLN A 333 -15.24 -22.08 17.53
N ARG A 334 -16.56 -21.93 17.39
CA ARG A 334 -17.12 -21.49 16.12
C ARG A 334 -16.75 -20.05 15.81
N GLY A 335 -16.84 -19.18 16.82
CA GLY A 335 -16.44 -17.80 16.63
C GLY A 335 -14.97 -17.67 16.25
N GLN A 336 -14.09 -18.38 16.95
CA GLN A 336 -12.67 -18.32 16.62
C GLN A 336 -12.43 -18.79 15.19
N LEU A 337 -13.08 -19.88 14.79
CA LEU A 337 -12.95 -20.35 13.42
C LEU A 337 -13.43 -19.31 12.43
N MET A 338 -14.59 -18.69 12.69
CA MET A 338 -15.11 -17.71 11.76
C MET A 338 -14.16 -16.52 11.64
N VAL A 339 -13.52 -16.13 12.75
CA VAL A 339 -12.56 -15.03 12.69
C VAL A 339 -11.35 -15.42 11.86
N GLN A 340 -10.83 -16.64 12.05
CA GLN A 340 -9.71 -17.11 11.25
C GLN A 340 -10.07 -17.16 9.78
N VAL A 341 -11.28 -17.64 9.46
CA VAL A 341 -11.70 -17.76 8.06
C VAL A 341 -11.87 -16.37 7.45
N ALA A 342 -12.54 -15.47 8.16
CA ALA A 342 -12.70 -14.12 7.65
C ALA A 342 -11.35 -13.46 7.41
N SER A 343 -10.40 -13.67 8.33
CA SER A 343 -9.07 -13.11 8.16
C SER A 343 -8.41 -13.67 6.90
N ALA A 344 -8.47 -14.98 6.70
CA ALA A 344 -7.92 -15.57 5.49
C ALA A 344 -8.57 -14.99 4.24
N LYS A 345 -9.90 -14.82 4.26
CA LYS A 345 -10.57 -14.31 3.06
C LYS A 345 -10.17 -12.86 2.78
N ILE A 346 -10.06 -12.04 3.83
CA ILE A 346 -9.61 -10.66 3.64
C ILE A 346 -8.24 -10.63 2.96
N VAL A 347 -7.29 -11.37 3.53
CA VAL A 347 -5.93 -11.35 2.99
C VAL A 347 -5.91 -11.89 1.56
N ALA A 348 -6.64 -12.97 1.30
CA ALA A 348 -6.64 -13.55 -0.04
C ALA A 348 -7.30 -12.61 -1.04
N THR A 349 -8.32 -11.87 -0.59
CA THR A 349 -9.00 -10.92 -1.47
C THR A 349 -8.06 -9.81 -1.90
N ARG A 350 -7.39 -9.18 -0.94
CA ARG A 350 -6.45 -8.12 -1.28
C ARG A 350 -5.33 -8.66 -2.17
N LEU A 351 -4.81 -9.84 -1.83
CA LEU A 351 -3.69 -10.41 -2.58
C LEU A 351 -4.06 -10.63 -4.04
N VAL A 352 -5.19 -11.31 -4.29
CA VAL A 352 -5.52 -11.69 -5.66
C VAL A 352 -5.86 -10.46 -6.52
N ILE A 353 -6.52 -9.45 -5.93
CA ILE A 353 -6.88 -8.25 -6.69
C ILE A 353 -5.64 -7.48 -7.08
N GLU A 354 -4.67 -7.39 -6.16
CA GLU A 354 -3.45 -6.64 -6.45
C GLU A 354 -2.58 -7.38 -7.46
N LEU A 355 -2.36 -8.67 -7.21
CA LEU A 355 -1.45 -9.49 -8.01
C LEU A 355 -1.90 -9.58 -9.47
N THR A 356 -3.19 -9.83 -9.70
CA THR A 356 -3.65 -10.08 -11.06
C THR A 356 -3.53 -8.85 -11.93
N SER A 357 -3.54 -7.65 -11.33
CA SER A 357 -3.31 -6.40 -12.05
C SER A 357 -1.82 -6.07 -12.15
N ARG A 358 -1.09 -6.13 -11.04
CA ARG A 358 0.28 -5.64 -11.03
C ARG A 358 1.26 -6.54 -11.78
N LEU A 359 0.95 -7.83 -11.95
CA LEU A 359 1.91 -8.71 -12.60
C LEU A 359 2.21 -8.33 -14.05
N TYR A 360 1.31 -7.59 -14.71
CA TYR A 360 1.65 -7.09 -16.04
C TYR A 360 2.97 -6.34 -16.02
N GLU A 361 3.27 -5.65 -14.92
CA GLU A 361 4.50 -4.87 -14.85
C GLU A 361 5.74 -5.74 -14.86
N ALA A 362 5.62 -7.01 -14.51
CA ALA A 362 6.72 -7.96 -14.63
C ALA A 362 6.82 -8.59 -16.00
N MET A 363 5.75 -8.51 -16.80
CA MET A 363 5.74 -9.15 -18.10
C MET A 363 6.05 -8.18 -19.24
N GLY A 364 5.53 -6.97 -19.16
CA GLY A 364 5.77 -5.96 -20.18
C GLY A 364 4.56 -5.74 -21.08
N ALA A 365 4.70 -4.76 -21.97
CA ALA A 365 3.58 -4.24 -22.74
C ALA A 365 2.99 -5.29 -23.70
N ARG A 366 3.82 -6.15 -24.28
CA ARG A 366 3.26 -7.09 -25.24
C ARG A 366 2.30 -8.08 -24.58
N ALA A 367 2.36 -8.23 -23.26
CA ALA A 367 1.40 -9.11 -22.60
C ALA A 367 -0.01 -8.53 -22.64
N ALA A 368 -0.14 -7.21 -22.77
CA ALA A 368 -1.43 -6.57 -22.98
C ALA A 368 -1.70 -6.22 -24.43
N ALA A 369 -0.67 -6.06 -25.26
CA ALA A 369 -0.90 -5.63 -26.64
C ALA A 369 -1.57 -6.72 -27.47
N SER A 370 -1.38 -7.99 -27.10
CA SER A 370 -2.10 -9.10 -27.72
C SER A 370 -3.22 -9.54 -26.78
N ARG A 371 -4.43 -9.07 -27.06
CA ARG A 371 -5.59 -9.46 -26.26
C ARG A 371 -5.68 -10.97 -26.09
N GLN A 372 -5.35 -11.72 -27.15
CA GLN A 372 -5.51 -13.18 -27.14
C GLN A 372 -4.64 -13.87 -26.08
N PHE A 373 -3.57 -13.23 -25.61
CA PHE A 373 -2.83 -13.82 -24.50
C PHE A 373 -3.74 -14.10 -23.32
N GLY A 374 -4.72 -13.23 -23.07
CA GLY A 374 -5.83 -13.54 -22.18
C GLY A 374 -5.50 -13.50 -20.70
N PHE A 375 -4.37 -12.91 -20.32
CA PHE A 375 -3.99 -12.89 -18.92
C PHE A 375 -5.00 -12.13 -18.05
N ASP A 376 -5.75 -11.18 -18.62
CA ASP A 376 -6.72 -10.38 -17.89
C ASP A 376 -7.86 -11.23 -17.34
N ARG A 377 -8.01 -12.47 -17.82
CA ARG A 377 -9.02 -13.36 -17.27
C ARG A 377 -8.87 -13.52 -15.76
N PHE A 378 -7.63 -13.59 -15.26
CA PHE A 378 -7.44 -13.73 -13.82
C PHE A 378 -8.00 -12.53 -13.07
N TRP A 379 -7.64 -11.30 -13.47
CA TRP A 379 -8.20 -10.14 -12.79
C TRP A 379 -9.71 -10.09 -12.96
N ARG A 380 -10.21 -10.39 -14.17
CA ARG A 380 -11.65 -10.30 -14.38
C ARG A 380 -12.42 -11.26 -13.49
N ASP A 381 -11.90 -12.48 -13.34
CA ASP A 381 -12.53 -13.46 -12.47
C ASP A 381 -12.46 -13.02 -11.02
N ALA A 382 -11.26 -12.69 -10.54
CA ALA A 382 -11.11 -12.29 -9.14
C ALA A 382 -11.91 -11.04 -8.86
N ARG A 383 -11.83 -10.03 -9.74
CA ARG A 383 -12.54 -8.78 -9.51
C ARG A 383 -14.05 -8.99 -9.43
N THR A 384 -14.58 -9.95 -10.20
CA THR A 384 -16.02 -10.20 -10.17
C THR A 384 -16.41 -10.90 -8.87
N HIS A 385 -15.71 -11.98 -8.52
CA HIS A 385 -16.15 -12.81 -7.42
C HIS A 385 -15.98 -12.11 -6.07
N THR A 386 -14.87 -11.38 -5.91
CA THR A 386 -14.53 -10.82 -4.60
C THR A 386 -15.57 -9.83 -4.12
N LEU A 387 -16.43 -9.37 -5.00
CA LEU A 387 -17.56 -8.53 -4.62
C LEU A 387 -18.72 -9.35 -4.09
N HIS A 388 -18.53 -10.67 -3.94
CA HIS A 388 -19.58 -11.58 -3.47
C HIS A 388 -20.23 -11.04 -2.20
N ASP A 389 -19.42 -10.71 -1.21
CA ASP A 389 -19.86 -9.94 -0.06
C ASP A 389 -18.75 -8.94 0.22
N PRO A 390 -19.11 -7.74 0.62
CA PRO A 390 -18.11 -6.65 0.67
C PRO A 390 -17.02 -6.93 1.69
N VAL A 391 -15.77 -6.85 1.23
CA VAL A 391 -14.64 -7.13 2.12
C VAL A 391 -14.56 -6.09 3.23
N ALA A 392 -15.05 -4.87 2.99
CA ALA A 392 -15.01 -3.86 4.04
C ALA A 392 -15.73 -4.33 5.30
N TYR A 393 -16.78 -5.13 5.15
CA TYR A 393 -17.53 -5.55 6.33
C TYR A 393 -17.01 -6.85 6.94
N LYS A 394 -16.29 -7.67 6.17
CA LYS A 394 -15.47 -8.70 6.81
C LYS A 394 -14.39 -8.05 7.66
N ILE A 395 -13.78 -6.98 7.15
CA ILE A 395 -12.78 -6.24 7.92
C ILE A 395 -13.41 -5.67 9.18
N ARG A 396 -14.61 -5.09 9.07
CA ARG A 396 -15.27 -4.58 10.26
C ARG A 396 -15.54 -5.68 11.29
N GLU A 397 -15.95 -6.87 10.84
CA GLU A 397 -16.22 -7.96 11.77
C GLU A 397 -14.98 -8.40 12.53
N VAL A 398 -13.83 -8.48 11.84
CA VAL A 398 -12.60 -8.83 12.53
C VAL A 398 -12.20 -7.74 13.50
N GLY A 399 -12.38 -6.47 13.10
CA GLY A 399 -12.10 -5.37 14.00
C GLY A 399 -13.00 -5.38 15.23
N ASN A 400 -14.30 -5.64 15.03
CA ASN A 400 -15.23 -5.72 16.15
C ASN A 400 -14.87 -6.86 17.09
N TRP A 401 -14.42 -7.99 16.55
CA TRP A 401 -13.91 -9.07 17.40
C TRP A 401 -12.67 -8.62 18.19
N PHE A 402 -11.66 -8.07 17.51
CA PHE A 402 -10.42 -7.81 18.21
C PHE A 402 -10.59 -6.70 19.24
N LEU A 403 -11.26 -5.62 18.86
CA LEU A 403 -11.34 -4.45 19.72
C LEU A 403 -12.40 -4.62 20.79
N ASN A 404 -13.55 -5.18 20.42
CA ASN A 404 -14.70 -5.23 21.32
C ASN A 404 -14.98 -6.64 21.84
N HIS A 405 -14.16 -7.63 21.47
CA HIS A 405 -14.31 -9.00 21.98
C HIS A 405 -15.68 -9.58 21.63
N ARG A 406 -16.16 -9.27 20.43
CA ARG A 406 -17.46 -9.73 19.95
C ARG A 406 -17.25 -10.65 18.77
N PHE A 407 -17.64 -11.92 18.93
CA PHE A 407 -17.64 -12.83 17.80
C PHE A 407 -18.73 -12.42 16.81
N PRO A 408 -18.52 -12.67 15.52
CA PRO A 408 -19.57 -12.36 14.54
C PRO A 408 -20.84 -13.13 14.85
N THR A 409 -21.97 -12.55 14.47
CA THR A 409 -23.26 -13.19 14.69
C THR A 409 -23.48 -14.27 13.63
N PRO A 410 -23.67 -15.53 14.03
CA PRO A 410 -23.84 -16.58 13.01
C PRO A 410 -25.02 -16.25 12.12
N SER A 411 -24.80 -16.39 10.81
CA SER A 411 -25.81 -16.06 9.82
C SER A 411 -25.36 -16.66 8.50
N PHE A 412 -26.04 -16.31 7.42
CA PHE A 412 -25.60 -16.79 6.12
C PHE A 412 -24.37 -16.06 5.61
N TYR A 413 -23.99 -14.95 6.24
CA TYR A 413 -22.83 -14.20 5.80
C TYR A 413 -21.72 -14.11 6.83
N SER A 414 -21.99 -14.43 8.09
CA SER A 414 -20.95 -14.35 9.14
C SER A 414 -21.13 -15.44 10.19
N HIS B 15 -9.67 29.66 -23.49
CA HIS B 15 -10.84 28.91 -23.03
C HIS B 15 -11.63 28.29 -24.18
N ARG B 16 -11.55 28.89 -25.37
CA ARG B 16 -12.33 28.38 -26.48
C ARG B 16 -11.86 26.99 -26.89
N ALA B 17 -10.54 26.81 -27.01
CA ALA B 17 -10.01 25.50 -27.38
C ALA B 17 -10.46 24.42 -26.41
N LEU B 18 -10.38 24.70 -25.10
CA LEU B 18 -10.78 23.69 -24.14
C LEU B 18 -12.27 23.42 -24.20
N ASP B 19 -13.09 24.44 -24.49
CA ASP B 19 -14.51 24.20 -24.72
C ASP B 19 -14.71 23.25 -25.90
N VAL B 20 -13.93 23.44 -26.96
CA VAL B 20 -14.05 22.56 -28.12
C VAL B 20 -13.66 21.13 -27.74
N ALA B 21 -12.60 20.97 -26.95
CA ALA B 21 -12.20 19.63 -26.56
C ALA B 21 -13.26 18.98 -25.67
N THR B 22 -13.88 19.78 -24.78
CA THR B 22 -14.90 19.24 -23.91
C THR B 22 -16.10 18.75 -24.71
N GLU B 23 -16.46 19.49 -25.76
CA GLU B 23 -17.59 19.09 -26.60
C GLU B 23 -17.26 17.83 -27.39
N LEU B 24 -16.07 17.76 -27.97
CA LEU B 24 -15.62 16.53 -28.61
C LEU B 24 -15.74 15.35 -27.64
N ALA B 25 -15.19 15.51 -26.44
CA ALA B 25 -15.22 14.41 -25.46
C ALA B 25 -16.65 13.99 -25.14
N LYS B 26 -17.56 14.95 -25.04
CA LYS B 26 -18.97 14.62 -24.80
C LYS B 26 -19.50 13.68 -25.87
N THR B 27 -19.24 13.99 -27.14
CA THR B 27 -19.75 13.13 -28.21
C THR B 27 -19.08 11.77 -28.19
N PHE B 28 -17.77 11.71 -27.88
CA PHE B 28 -17.08 10.43 -27.88
C PHE B 28 -17.65 9.49 -26.82
N ARG B 29 -18.01 10.03 -25.65
CA ARG B 29 -18.54 9.21 -24.55
C ARG B 29 -19.79 8.45 -24.94
N VAL B 30 -20.59 9.01 -25.84
CA VAL B 30 -21.85 8.38 -26.22
C VAL B 30 -21.60 7.01 -26.86
N THR B 31 -20.54 6.89 -27.65
CA THR B 31 -20.33 5.73 -28.51
C THR B 31 -19.12 4.88 -28.14
N VAL B 32 -18.31 5.30 -27.16
CA VAL B 32 -17.01 4.64 -26.95
C VAL B 32 -17.18 3.17 -26.58
N ARG B 33 -18.21 2.85 -25.80
CA ARG B 33 -18.39 1.48 -25.35
C ARG B 33 -18.51 0.53 -26.54
N GLU B 34 -19.36 0.90 -27.51
CA GLU B 34 -19.54 0.08 -28.71
C GLU B 34 -18.32 0.12 -29.63
N ARG B 35 -17.72 1.30 -29.81
CA ARG B 35 -16.60 1.41 -30.74
C ARG B 35 -15.38 0.63 -30.25
N GLU B 36 -15.02 0.77 -28.98
CA GLU B 36 -13.78 0.14 -28.53
C GLU B 36 -13.89 -1.39 -28.54
N ARG B 37 -15.11 -1.93 -28.39
CA ARG B 37 -15.26 -3.37 -28.53
C ARG B 37 -14.83 -3.83 -29.90
N ALA B 38 -15.24 -3.11 -30.95
CA ALA B 38 -14.92 -3.51 -32.31
C ALA B 38 -13.45 -3.31 -32.66
N GLY B 39 -12.76 -2.41 -31.97
CA GLY B 39 -11.40 -2.08 -32.36
C GLY B 39 -11.39 -1.37 -33.70
N GLY B 40 -10.29 -1.53 -34.41
CA GLY B 40 -10.20 -0.88 -35.70
C GLY B 40 -10.00 0.62 -35.59
N THR B 41 -10.26 1.29 -36.72
CA THR B 41 -9.92 2.70 -36.89
C THR B 41 -11.15 3.56 -36.63
N PRO B 42 -11.11 4.51 -35.62
CA PRO B 42 -12.25 5.39 -35.35
C PRO B 42 -12.29 6.57 -36.31
N LYS B 43 -12.58 6.26 -37.57
CA LYS B 43 -12.44 7.24 -38.65
C LYS B 43 -13.36 8.44 -38.44
N ALA B 44 -14.63 8.21 -38.12
CA ALA B 44 -15.56 9.32 -37.93
C ALA B 44 -15.07 10.27 -36.85
N GLU B 45 -14.54 9.71 -35.74
CA GLU B 45 -14.08 10.54 -34.63
C GLU B 45 -12.78 11.25 -34.97
N ARG B 46 -11.87 10.59 -35.70
CA ARG B 46 -10.67 11.27 -36.18
C ARG B 46 -11.05 12.45 -37.08
N ASP B 47 -12.06 12.27 -37.93
CA ASP B 47 -12.53 13.37 -38.77
C ASP B 47 -13.18 14.47 -37.94
N ALA B 48 -13.89 14.11 -36.86
CA ALA B 48 -14.40 15.15 -35.97
C ALA B 48 -13.26 15.97 -35.39
N ILE B 49 -12.17 15.32 -35.01
CA ILE B 49 -11.01 16.04 -34.49
C ILE B 49 -10.39 16.93 -35.56
N ARG B 50 -10.26 16.42 -36.79
CA ARG B 50 -9.81 17.24 -37.90
C ARG B 50 -10.66 18.51 -38.04
N ARG B 51 -11.99 18.37 -38.04
CA ARG B 51 -12.87 19.53 -38.25
C ARG B 51 -12.79 20.51 -37.09
N SER B 52 -12.35 20.08 -35.92
CA SER B 52 -12.32 20.96 -34.75
C SER B 52 -11.20 21.99 -34.81
N GLY B 53 -10.15 21.74 -35.60
CA GLY B 53 -9.00 22.61 -35.64
C GLY B 53 -7.97 22.39 -34.55
N LEU B 54 -8.31 21.60 -33.52
CA LEU B 54 -7.40 21.42 -32.39
C LEU B 54 -6.09 20.74 -32.78
N LEU B 55 -6.03 20.04 -33.91
CA LEU B 55 -4.75 19.46 -34.31
C LEU B 55 -3.71 20.54 -34.59
N THR B 56 -4.13 21.79 -34.80
CA THR B 56 -3.23 22.91 -35.08
C THR B 56 -2.92 23.75 -33.84
N LEU B 57 -3.24 23.26 -32.63
CA LEU B 57 -3.08 24.05 -31.41
C LEU B 57 -1.71 24.71 -31.28
N LEU B 58 -0.65 23.99 -31.64
CA LEU B 58 0.71 24.46 -31.39
C LEU B 58 1.33 25.17 -32.59
N ILE B 59 0.67 25.12 -33.74
CA ILE B 59 1.13 25.88 -34.91
C ILE B 59 0.84 27.37 -34.68
N SER B 60 1.81 28.22 -35.01
CA SER B 60 1.64 29.64 -34.78
C SER B 60 0.47 30.18 -35.60
N LYS B 61 -0.13 31.26 -35.09
CA LYS B 61 -1.17 31.95 -35.86
C LYS B 61 -0.62 32.45 -37.19
N GLU B 62 0.63 32.89 -37.23
CA GLU B 62 1.23 33.33 -38.48
C GLU B 62 1.13 32.26 -39.55
N ARG B 63 1.28 31.00 -39.16
CA ARG B 63 1.26 29.89 -40.11
C ARG B 63 -0.12 29.26 -40.22
N GLY B 64 -1.15 29.89 -39.66
CA GLY B 64 -2.51 29.42 -39.78
C GLY B 64 -3.03 28.59 -38.62
N GLY B 65 -2.21 28.37 -37.59
CA GLY B 65 -2.62 27.58 -36.44
C GLY B 65 -3.29 28.42 -35.37
N LEU B 66 -3.51 27.79 -34.23
CA LEU B 66 -4.20 28.45 -33.12
C LEU B 66 -3.27 29.20 -32.18
N GLY B 67 -1.97 29.00 -32.30
CA GLY B 67 -1.01 29.71 -31.47
C GLY B 67 -1.23 29.52 -29.99
N GLU B 68 -1.64 28.32 -29.58
CA GLU B 68 -1.88 27.99 -28.19
C GLU B 68 -0.64 27.38 -27.54
N SER B 69 -0.79 26.98 -26.28
CA SER B 69 0.33 26.59 -25.43
C SER B 69 0.25 25.13 -25.05
N TRP B 70 1.37 24.59 -24.59
CA TRP B 70 1.35 23.20 -24.07
C TRP B 70 0.38 23.00 -22.92
N PRO B 71 0.28 23.89 -21.93
CA PRO B 71 -0.77 23.69 -20.91
C PRO B 71 -2.14 23.46 -21.52
N THR B 72 -2.49 24.16 -22.60
CA THR B 72 -3.79 23.93 -23.24
C THR B 72 -3.84 22.55 -23.91
N VAL B 73 -2.77 22.18 -24.61
CA VAL B 73 -2.70 20.85 -25.22
C VAL B 73 -2.89 19.76 -24.16
N TYR B 74 -2.11 19.84 -23.08
CA TYR B 74 -2.19 18.80 -22.05
C TYR B 74 -3.58 18.69 -21.44
N GLU B 75 -4.23 19.83 -21.16
CA GLU B 75 -5.57 19.77 -20.61
C GLU B 75 -6.56 19.17 -21.61
N ALA B 76 -6.40 19.49 -22.90
CA ALA B 76 -7.29 18.89 -23.90
C ALA B 76 -7.04 17.39 -24.03
N ILE B 77 -5.79 16.95 -23.95
CA ILE B 77 -5.48 15.51 -23.96
C ILE B 77 -6.17 14.80 -22.81
N ALA B 78 -6.04 15.34 -21.60
CA ALA B 78 -6.68 14.69 -20.45
C ALA B 78 -8.19 14.65 -20.60
N GLU B 79 -8.78 15.75 -21.08
CA GLU B 79 -10.23 15.80 -21.24
C GLU B 79 -10.71 14.73 -22.22
N ILE B 80 -10.05 14.64 -23.37
CA ILE B 80 -10.50 13.67 -24.36
C ILE B 80 -10.25 12.24 -23.87
N ALA B 81 -9.09 12.00 -23.25
CA ALA B 81 -8.79 10.68 -22.71
C ALA B 81 -9.81 10.25 -21.66
N SER B 82 -10.37 11.20 -20.91
CA SER B 82 -11.35 10.83 -19.90
C SER B 82 -12.62 10.28 -20.52
N ALA B 83 -12.91 10.63 -21.77
CA ALA B 83 -14.06 10.11 -22.50
C ALA B 83 -13.74 8.86 -23.30
N ASP B 84 -12.57 8.83 -23.94
CA ASP B 84 -12.20 7.75 -24.86
C ASP B 84 -10.68 7.71 -24.88
N ALA B 85 -10.11 6.72 -24.18
CA ALA B 85 -8.66 6.70 -24.02
C ALA B 85 -7.95 6.53 -25.35
N SER B 86 -8.54 5.76 -26.27
CA SER B 86 -7.90 5.59 -27.57
C SER B 86 -7.84 6.91 -28.33
N LEU B 87 -8.92 7.68 -28.32
CA LEU B 87 -8.89 8.96 -29.03
C LEU B 87 -8.00 9.97 -28.32
N GLY B 88 -7.96 9.93 -26.98
CA GLY B 88 -6.99 10.75 -26.27
C GLY B 88 -5.56 10.41 -26.62
N HIS B 89 -5.27 9.12 -26.72
CA HIS B 89 -3.95 8.64 -27.13
C HIS B 89 -3.63 9.11 -28.55
N LEU B 90 -4.55 8.91 -29.49
CA LEU B 90 -4.29 9.34 -30.88
C LEU B 90 -4.02 10.84 -30.94
N PHE B 91 -4.88 11.62 -30.28
CA PHE B 91 -4.71 13.07 -30.18
C PHE B 91 -3.38 13.43 -29.55
N GLY B 92 -3.07 12.82 -28.39
CA GLY B 92 -1.82 13.11 -27.71
C GLY B 92 -0.58 12.75 -28.52
N TYR B 93 -0.57 11.57 -29.16
CA TYR B 93 0.61 11.18 -29.93
C TYR B 93 0.79 12.09 -31.14
N HIS B 94 -0.31 12.58 -31.71
CA HIS B 94 -0.20 13.59 -32.76
C HIS B 94 0.70 14.73 -32.31
N PHE B 95 0.55 15.18 -31.06
CA PHE B 95 1.39 16.27 -30.58
C PHE B 95 2.81 15.82 -30.25
N SER B 96 3.00 14.55 -29.87
CA SER B 96 4.36 14.04 -29.76
C SER B 96 5.06 14.07 -31.11
N ASN B 97 4.35 13.60 -32.15
CA ASN B 97 4.90 13.63 -33.50
C ASN B 97 5.20 15.05 -33.92
N PHE B 98 4.26 15.96 -33.67
CA PHE B 98 4.46 17.37 -34.01
C PHE B 98 5.66 17.94 -33.28
N ALA B 99 5.80 17.63 -32.00
CA ALA B 99 6.92 18.15 -31.23
C ALA B 99 8.25 17.71 -31.83
N TYR B 100 8.36 16.44 -32.25
CA TYR B 100 9.59 15.99 -32.90
C TYR B 100 9.87 16.79 -34.15
N VAL B 101 8.85 16.99 -34.99
CA VAL B 101 9.02 17.77 -36.21
C VAL B 101 9.48 19.19 -35.88
N ASP B 102 8.82 19.83 -34.92
CA ASP B 102 9.17 21.22 -34.61
C ASP B 102 10.59 21.33 -34.08
N LEU B 103 11.05 20.33 -33.34
CA LEU B 103 12.35 20.40 -32.70
C LEU B 103 13.49 20.10 -33.65
N PHE B 104 13.25 19.42 -34.78
CA PHE B 104 14.30 19.04 -35.72
C PHE B 104 14.15 19.61 -37.12
N ALA B 105 12.95 20.03 -37.50
CA ALA B 105 12.73 20.52 -38.86
C ALA B 105 13.39 21.89 -39.04
N SER B 106 13.79 22.17 -40.29
CA SER B 106 14.38 23.46 -40.60
C SER B 106 13.28 24.52 -40.65
N PRO B 107 13.65 25.79 -40.51
CA PRO B 107 12.65 26.85 -40.68
C PRO B 107 11.97 26.80 -42.03
N GLU B 108 12.71 26.45 -43.09
CA GLU B 108 12.10 26.33 -44.41
C GLU B 108 11.09 25.19 -44.46
N GLN B 109 11.43 24.04 -43.85
CA GLN B 109 10.49 22.93 -43.79
C GLN B 109 9.21 23.34 -43.10
N LYS B 110 9.31 24.03 -41.96
CA LYS B 110 8.11 24.41 -41.23
C LYS B 110 7.29 25.41 -42.02
N ALA B 111 7.95 26.32 -42.75
CA ALA B 111 7.24 27.31 -43.54
C ALA B 111 6.33 26.65 -44.58
N ARG B 112 6.73 25.49 -45.09
CA ARG B 112 5.92 24.72 -46.03
C ARG B 112 4.95 23.78 -45.31
N TRP B 113 5.46 23.01 -44.36
CA TRP B 113 4.67 21.94 -43.76
C TRP B 113 3.51 22.48 -42.94
N TYR B 114 3.71 23.53 -42.14
CA TYR B 114 2.68 23.87 -41.17
C TYR B 114 1.46 24.49 -41.84
N PRO B 115 1.63 25.39 -42.81
CA PRO B 115 0.43 25.84 -43.53
C PRO B 115 -0.28 24.67 -44.22
N GLN B 116 0.47 23.71 -44.74
CA GLN B 116 -0.15 22.54 -45.36
C GLN B 116 -0.90 21.71 -44.32
N ALA B 117 -0.32 21.53 -43.15
CA ALA B 117 -1.00 20.77 -42.11
C ALA B 117 -2.31 21.44 -41.71
N VAL B 118 -2.37 22.77 -41.73
CA VAL B 118 -3.60 23.48 -41.43
C VAL B 118 -4.62 23.27 -42.54
N ARG B 119 -4.20 23.51 -43.78
CA ARG B 119 -5.14 23.46 -44.91
C ARG B 119 -5.68 22.05 -45.13
N GLU B 120 -4.83 21.05 -44.96
CA GLU B 120 -5.20 19.67 -45.24
C GLU B 120 -5.65 18.92 -43.99
N ARG B 121 -5.66 19.59 -42.83
CA ARG B 121 -6.16 19.01 -41.58
C ARG B 121 -5.39 17.73 -41.22
N TRP B 122 -4.06 17.84 -41.19
CA TRP B 122 -3.20 16.68 -40.92
C TRP B 122 -3.38 16.13 -39.51
N PHE B 123 -3.59 14.82 -39.43
CA PHE B 123 -3.55 14.04 -38.20
C PHE B 123 -2.31 13.15 -38.33
N LEU B 124 -1.30 13.35 -37.49
CA LEU B 124 -0.01 12.67 -37.64
C LEU B 124 -0.01 11.31 -36.95
N GLY B 125 0.71 10.37 -37.57
CA GLY B 125 1.00 9.07 -36.96
C GLY B 125 2.50 8.82 -36.96
N ASN B 126 2.90 7.68 -36.38
CA ASN B 126 4.32 7.36 -36.37
C ASN B 126 4.58 5.87 -36.56
N ALA B 127 5.78 5.59 -37.06
CA ALA B 127 6.31 4.23 -37.18
C ALA B 127 7.77 4.29 -36.72
N SER B 128 8.01 3.91 -35.46
CA SER B 128 9.30 4.15 -34.81
C SER B 128 9.88 2.92 -34.11
N SER B 129 9.11 2.29 -33.23
CA SER B 129 9.64 1.17 -32.46
C SER B 129 9.55 -0.14 -33.26
N GLU B 130 10.19 -1.19 -32.73
CA GLU B 130 10.27 -2.48 -33.42
C GLU B 130 10.21 -3.62 -32.41
N ASN B 131 10.07 -4.84 -32.94
CA ASN B 131 9.90 -6.04 -32.10
C ASN B 131 11.11 -6.96 -32.16
N ASN B 132 12.27 -6.47 -31.73
CA ASN B 132 13.48 -7.29 -31.71
C ASN B 132 13.85 -7.65 -30.27
N ALA B 133 15.06 -8.17 -30.09
CA ALA B 133 15.48 -8.71 -28.80
C ALA B 133 15.26 -7.73 -27.65
N HIS B 134 15.33 -6.43 -27.93
CA HIS B 134 15.10 -5.42 -26.90
C HIS B 134 14.77 -4.11 -27.58
N VAL B 135 14.27 -3.16 -26.79
CA VAL B 135 13.91 -1.85 -27.35
C VAL B 135 15.19 -1.14 -27.78
N LEU B 136 15.09 -0.37 -28.86
CA LEU B 136 16.21 0.35 -29.47
C LEU B 136 17.09 -0.59 -30.31
N ASP B 137 16.81 -1.89 -30.34
CA ASP B 137 17.45 -2.80 -31.30
C ASP B 137 16.68 -2.68 -32.60
N TRP B 138 17.16 -1.81 -33.48
CA TRP B 138 16.40 -1.39 -34.66
C TRP B 138 16.98 -2.04 -35.91
N ARG B 139 16.10 -2.61 -36.73
CA ARG B 139 16.48 -3.31 -37.96
C ARG B 139 15.91 -2.69 -39.24
N VAL B 140 14.93 -1.79 -39.14
CA VAL B 140 14.46 -1.06 -40.31
C VAL B 140 15.57 -0.14 -40.77
N THR B 141 16.03 -0.32 -42.01
CA THR B 141 17.23 0.32 -42.52
C THR B 141 16.89 1.45 -43.49
N ALA B 142 17.81 2.40 -43.58
CA ALA B 142 17.77 3.49 -44.54
C ALA B 142 19.03 3.40 -45.38
N THR B 143 18.87 3.04 -46.66
CA THR B 143 20.01 2.89 -47.55
C THR B 143 20.14 4.14 -48.39
N PRO B 144 21.28 4.82 -48.37
CA PRO B 144 21.39 6.10 -49.09
C PRO B 144 21.37 5.90 -50.59
N LEU B 145 20.66 6.78 -51.27
CA LEU B 145 20.62 6.84 -52.72
C LEU B 145 21.47 8.01 -53.22
N PRO B 146 21.85 7.99 -54.50
CA PRO B 146 22.83 8.99 -54.98
C PRO B 146 22.39 10.44 -54.81
N ASP B 147 21.09 10.73 -54.83
CA ASP B 147 20.59 12.10 -54.76
C ASP B 147 20.44 12.62 -53.33
N GLY B 148 20.70 11.79 -52.33
CA GLY B 148 20.44 12.18 -50.96
C GLY B 148 19.18 11.60 -50.37
N SER B 149 18.34 10.95 -51.18
CA SER B 149 17.20 10.21 -50.66
C SER B 149 17.67 8.97 -49.90
N TYR B 150 16.74 8.34 -49.19
CA TYR B 150 17.01 7.05 -48.55
C TYR B 150 15.93 6.06 -48.93
N GLU B 151 16.32 4.80 -49.11
CA GLU B 151 15.38 3.72 -49.31
C GLU B 151 15.17 3.01 -47.98
N ILE B 152 13.92 2.89 -47.55
CA ILE B 152 13.59 2.33 -46.25
C ILE B 152 13.06 0.91 -46.43
N ASN B 153 13.60 -0.02 -45.66
CA ASN B 153 13.13 -1.41 -45.71
C ASN B 153 13.01 -1.98 -44.31
N GLY B 154 11.89 -2.66 -44.05
CA GLY B 154 11.68 -3.33 -42.78
C GLY B 154 10.30 -3.12 -42.22
N THR B 155 9.99 -3.78 -41.12
CA THR B 155 8.68 -3.65 -40.46
C THR B 155 8.85 -3.01 -39.09
N LYS B 156 8.03 -1.99 -38.83
CA LYS B 156 7.96 -1.30 -37.55
C LYS B 156 6.81 -1.84 -36.71
N ALA B 157 6.96 -1.76 -35.39
CA ALA B 157 5.95 -2.22 -34.44
C ALA B 157 5.38 -1.06 -33.63
N PHE B 158 4.16 -1.25 -33.14
CA PHE B 158 3.48 -0.29 -32.29
C PHE B 158 3.37 1.08 -32.96
N CYS B 159 2.86 1.09 -34.18
CA CYS B 159 2.83 2.32 -34.98
C CYS B 159 1.50 3.07 -34.73
N SER B 160 1.42 3.66 -33.54
CA SER B 160 0.19 4.34 -33.13
C SER B 160 -0.27 5.34 -34.18
N GLY B 161 -1.57 5.38 -34.42
CA GLY B 161 -2.12 6.34 -35.35
C GLY B 161 -1.69 6.13 -36.78
N SER B 162 -1.17 4.94 -37.10
CA SER B 162 -0.64 4.71 -38.43
C SER B 162 -1.75 4.61 -39.48
N ALA B 163 -2.94 4.18 -39.07
CA ALA B 163 -4.08 4.13 -39.98
C ALA B 163 -4.72 5.51 -40.12
N ASP B 164 -5.11 5.87 -41.34
CA ASP B 164 -5.78 7.14 -41.61
C ASP B 164 -4.89 8.33 -41.25
N ALA B 165 -3.57 8.13 -41.30
CA ALA B 165 -2.61 9.20 -41.02
C ALA B 165 -2.31 10.00 -42.28
N ASP B 166 -2.28 11.32 -42.14
CA ASP B 166 -1.90 12.15 -43.27
C ASP B 166 -0.41 12.14 -43.52
N ARG B 167 0.39 12.06 -42.45
CA ARG B 167 1.83 11.89 -42.53
C ARG B 167 2.25 10.94 -41.43
N LEU B 168 3.31 10.19 -41.70
CA LEU B 168 3.95 9.32 -40.72
C LEU B 168 5.32 9.88 -40.36
N LEU B 169 5.60 10.01 -39.07
CA LEU B 169 6.94 10.26 -38.60
C LEU B 169 7.67 8.92 -38.51
N VAL B 170 8.74 8.74 -39.29
CA VAL B 170 9.39 7.44 -39.41
C VAL B 170 10.85 7.54 -39.00
N PHE B 171 11.35 6.45 -38.38
CA PHE B 171 12.74 6.35 -37.96
C PHE B 171 13.39 5.11 -38.55
N ALA B 172 14.63 5.24 -39.00
CA ALA B 172 15.38 4.12 -39.56
C ALA B 172 16.85 4.30 -39.22
N VAL B 173 17.65 3.25 -39.45
CA VAL B 173 19.08 3.29 -39.19
C VAL B 173 19.82 3.12 -40.51
N THR B 174 20.85 3.94 -40.72
CA THR B 174 21.54 3.91 -42.00
C THR B 174 22.24 2.58 -42.22
N SER B 175 22.31 2.16 -43.48
CA SER B 175 22.88 0.89 -43.87
C SER B 175 23.51 1.05 -45.24
N ARG B 176 24.61 0.34 -45.48
CA ARG B 176 25.38 0.50 -46.71
C ARG B 176 25.69 1.97 -46.94
N ASP B 177 26.11 2.64 -45.87
CA ASP B 177 26.25 4.09 -45.87
C ASP B 177 27.72 4.45 -45.73
N PRO B 178 28.32 5.06 -46.74
CA PRO B 178 29.75 5.42 -46.63
C PRO B 178 30.04 6.37 -45.49
N ASN B 179 29.07 7.20 -45.11
CA ASN B 179 29.26 8.17 -44.05
C ASN B 179 28.93 7.63 -42.67
N GLY B 180 28.75 6.32 -42.55
CA GLY B 180 28.60 5.64 -41.26
C GLY B 180 27.28 4.91 -41.20
N ASP B 181 27.36 3.62 -40.89
CA ASP B 181 26.17 2.82 -40.68
C ASP B 181 25.67 2.99 -39.25
N GLY B 182 24.40 2.66 -39.05
CA GLY B 182 23.82 2.67 -37.72
C GLY B 182 23.40 4.01 -37.19
N ARG B 183 23.38 5.05 -38.02
CA ARG B 183 22.95 6.37 -37.59
C ARG B 183 21.45 6.51 -37.80
N ILE B 184 20.76 7.12 -36.84
CA ILE B 184 19.31 7.20 -36.90
C ILE B 184 18.89 8.36 -37.80
N VAL B 185 18.08 8.06 -38.80
CA VAL B 185 17.44 9.07 -39.62
C VAL B 185 15.96 9.11 -39.28
N ALA B 186 15.37 10.31 -39.40
CA ALA B 186 13.96 10.51 -39.20
C ALA B 186 13.40 11.29 -40.38
N ALA B 187 12.13 11.05 -40.70
CA ALA B 187 11.48 11.75 -41.81
C ALA B 187 9.98 11.81 -41.58
N LEU B 188 9.33 12.72 -42.32
CA LEU B 188 7.88 12.89 -42.28
C LEU B 188 7.37 12.66 -43.70
N ILE B 189 6.63 11.58 -43.90
CA ILE B 189 6.30 11.14 -45.25
C ILE B 189 4.81 10.83 -45.33
N PRO B 190 4.23 10.91 -46.53
CA PRO B 190 2.84 10.48 -46.72
C PRO B 190 2.69 8.99 -46.40
N SER B 191 1.57 8.65 -45.77
CA SER B 191 1.33 7.25 -45.45
C SER B 191 0.98 6.42 -46.68
N ASP B 192 0.72 7.04 -47.83
CA ASP B 192 0.49 6.31 -49.07
C ASP B 192 1.66 6.41 -50.03
N ARG B 193 2.84 6.80 -49.54
CA ARG B 193 4.07 6.67 -50.31
C ARG B 193 4.22 5.22 -50.77
N ALA B 194 4.62 5.04 -52.03
CA ALA B 194 4.77 3.70 -52.57
C ALA B 194 5.67 2.84 -51.70
N GLY B 195 5.19 1.63 -51.39
CA GLY B 195 5.91 0.68 -50.58
C GLY B 195 5.54 0.68 -49.11
N VAL B 196 4.72 1.63 -48.67
CA VAL B 196 4.28 1.67 -47.26
C VAL B 196 3.02 0.84 -47.16
N GLN B 197 3.02 -0.16 -46.28
CA GLN B 197 1.84 -0.97 -46.00
C GLN B 197 1.51 -0.89 -44.51
N VAL B 198 0.39 -0.27 -44.20
CA VAL B 198 -0.12 -0.22 -42.84
C VAL B 198 -0.93 -1.50 -42.62
N ASN B 199 -0.52 -2.31 -41.63
CA ASN B 199 -0.99 -3.69 -41.59
C ASN B 199 -2.29 -3.89 -40.81
N GLY B 200 -2.68 -2.98 -39.93
CA GLY B 200 -3.96 -3.16 -39.23
C GLY B 200 -4.03 -4.37 -38.32
N ASP B 201 -2.89 -4.78 -37.77
CA ASP B 201 -2.78 -5.96 -36.92
C ASP B 201 -2.72 -5.55 -35.44
N TRP B 202 -3.78 -4.91 -34.98
CA TRP B 202 -3.85 -4.42 -33.61
C TRP B 202 -5.11 -4.97 -32.97
N ASP B 203 -4.96 -5.85 -31.98
CA ASP B 203 -6.07 -6.49 -31.29
C ASP B 203 -5.61 -6.65 -29.84
N SER B 204 -5.85 -5.61 -29.05
CA SER B 204 -5.22 -5.41 -27.76
C SER B 204 -6.23 -5.48 -26.61
N LEU B 205 -5.69 -5.62 -25.39
CA LEU B 205 -6.52 -5.61 -24.20
C LEU B 205 -7.28 -4.30 -24.06
N GLY B 206 -6.53 -3.19 -24.08
CA GLY B 206 -7.11 -1.86 -23.99
C GLY B 206 -6.45 -1.00 -25.04
N MET B 207 -6.75 0.30 -25.06
CA MET B 207 -6.31 1.21 -26.13
C MET B 207 -6.64 0.62 -27.50
N ARG B 208 -7.87 0.09 -27.60
CA ARG B 208 -8.19 -0.82 -28.71
C ARG B 208 -8.37 -0.10 -30.04
N GLN B 209 -8.51 1.22 -30.05
CA GLN B 209 -8.69 1.95 -31.29
C GLN B 209 -7.52 2.87 -31.62
N THR B 210 -6.33 2.58 -31.09
CA THR B 210 -5.16 3.40 -31.38
C THR B 210 -4.41 2.97 -32.64
N ASP B 211 -4.81 1.86 -33.26
CA ASP B 211 -4.16 1.39 -34.49
C ASP B 211 -2.65 1.26 -34.30
N SER B 212 -2.23 0.66 -33.20
CA SER B 212 -0.80 0.53 -32.88
C SER B 212 -0.21 -0.77 -33.41
N GLY B 213 -0.68 -1.20 -34.57
CA GLY B 213 -0.13 -2.36 -35.24
C GLY B 213 1.18 -2.05 -35.94
N SER B 214 1.50 -2.88 -36.92
CA SER B 214 2.79 -2.78 -37.59
C SER B 214 2.64 -2.06 -38.93
N VAL B 215 3.76 -1.51 -39.42
CA VAL B 215 3.84 -0.89 -40.74
C VAL B 215 5.03 -1.49 -41.47
N THR B 216 4.82 -1.99 -42.68
CA THR B 216 5.91 -2.60 -43.44
C THR B 216 6.35 -1.65 -44.55
N PHE B 217 7.66 -1.42 -44.62
CA PHE B 217 8.27 -0.59 -45.66
C PHE B 217 8.97 -1.50 -46.66
N SER B 218 8.53 -1.46 -47.92
CA SER B 218 9.11 -2.23 -49.02
C SER B 218 9.70 -1.25 -50.02
N GLY B 219 11.00 -1.00 -49.93
CA GLY B 219 11.65 -0.10 -50.88
C GLY B 219 11.08 1.30 -50.88
N VAL B 220 10.74 1.82 -49.70
CA VAL B 220 10.10 3.13 -49.59
C VAL B 220 11.15 4.21 -49.74
N VAL B 221 10.96 5.10 -50.71
CA VAL B 221 11.91 6.18 -50.95
C VAL B 221 11.49 7.40 -50.13
N VAL B 222 12.44 7.97 -49.42
CA VAL B 222 12.26 9.18 -48.60
C VAL B 222 13.14 10.27 -49.20
N TYR B 223 12.53 11.37 -49.57
CA TYR B 223 13.22 12.39 -50.34
C TYR B 223 13.93 13.39 -49.43
N PRO B 224 14.94 14.10 -49.94
CA PRO B 224 15.78 14.90 -49.03
C PRO B 224 14.99 15.99 -48.33
N ASP B 225 13.94 16.52 -48.93
CA ASP B 225 13.21 17.59 -48.23
C ASP B 225 12.25 17.03 -47.18
N GLU B 226 12.22 15.72 -47.00
CA GLU B 226 11.37 15.12 -45.99
C GLU B 226 12.17 14.71 -44.76
N LEU B 227 13.49 14.76 -44.82
CA LEU B 227 14.35 14.33 -43.73
C LEU B 227 14.39 15.38 -42.63
N LEU B 228 14.40 14.91 -41.40
CA LEU B 228 14.40 15.76 -40.21
C LEU B 228 15.82 15.75 -39.65
N GLY B 229 16.58 16.82 -39.91
CA GLY B 229 17.96 16.86 -39.50
C GLY B 229 18.84 15.92 -40.32
N THR B 230 20.04 15.71 -39.80
CA THR B 230 21.03 14.86 -40.42
C THR B 230 21.10 13.51 -39.69
N PRO B 231 21.71 12.50 -40.29
CA PRO B 231 21.74 11.17 -39.65
C PRO B 231 22.50 11.20 -38.34
N GLY B 232 21.90 10.63 -37.30
CA GLY B 232 22.48 10.64 -35.97
C GLY B 232 22.33 11.93 -35.21
N GLN B 233 21.65 12.94 -35.78
CA GLN B 233 21.49 14.20 -35.07
C GLN B 233 20.64 14.02 -33.81
N VAL B 234 19.63 13.16 -33.87
CA VAL B 234 18.82 12.92 -32.67
C VAL B 234 19.69 12.34 -31.57
N THR B 235 20.56 11.39 -31.91
CA THR B 235 21.51 10.84 -30.93
C THR B 235 22.38 11.93 -30.33
N ASP B 236 22.93 12.81 -31.17
CA ASP B 236 23.79 13.87 -30.65
C ASP B 236 23.00 14.85 -29.77
N ALA B 237 21.76 15.14 -30.14
CA ALA B 237 20.95 16.02 -29.29
C ALA B 237 20.69 15.38 -27.94
N PHE B 238 20.33 14.10 -27.91
CA PHE B 238 20.16 13.41 -26.63
C PHE B 238 21.42 13.53 -25.81
N ALA B 239 22.57 13.15 -26.39
CA ALA B 239 23.83 13.18 -25.66
C ALA B 239 24.16 14.58 -25.17
N SER B 240 23.80 15.61 -25.92
CA SER B 240 24.05 16.98 -25.47
C SER B 240 23.05 17.43 -24.41
N GLY B 241 21.91 16.76 -24.29
CA GLY B 241 20.84 17.29 -23.47
C GLY B 241 20.36 18.64 -23.94
N SER B 242 20.41 18.89 -25.25
CA SER B 242 20.05 20.18 -25.80
C SER B 242 18.55 20.24 -26.07
N LYS B 243 18.11 21.35 -26.66
CA LYS B 243 16.67 21.59 -26.77
C LYS B 243 15.92 20.46 -27.47
N PRO B 244 16.39 19.87 -28.56
CA PRO B 244 15.61 18.78 -29.18
C PRO B 244 15.39 17.60 -28.24
N SER B 245 16.24 17.42 -27.23
CA SER B 245 15.97 16.32 -26.29
C SER B 245 14.78 16.60 -25.38
N LEU B 246 14.17 17.80 -25.43
CA LEU B 246 12.91 18.00 -24.74
C LEU B 246 11.82 17.06 -25.23
N TRP B 247 12.02 16.44 -26.39
CA TRP B 247 10.98 15.57 -26.93
C TRP B 247 10.53 14.53 -25.91
N THR B 248 11.48 13.96 -25.16
CA THR B 248 11.12 12.88 -24.24
C THR B 248 10.28 13.38 -23.08
N PRO B 249 10.70 14.40 -22.30
CA PRO B 249 9.81 14.87 -21.23
C PRO B 249 8.47 15.37 -21.76
N ILE B 250 8.45 16.02 -22.93
CA ILE B 250 7.17 16.42 -23.51
C ILE B 250 6.26 15.21 -23.69
N THR B 251 6.81 14.13 -24.26
CA THR B 251 6.01 12.97 -24.62
C THR B 251 5.63 12.16 -23.39
N GLN B 252 6.54 12.03 -22.43
CA GLN B 252 6.19 11.34 -21.20
C GLN B 252 5.14 12.10 -20.41
N LEU B 253 5.10 13.45 -20.53
CA LEU B 253 4.03 14.17 -19.87
C LEU B 253 2.71 14.05 -20.63
N ILE B 254 2.76 13.80 -21.95
CA ILE B 254 1.56 13.41 -22.67
C ILE B 254 0.97 12.12 -22.08
N PHE B 255 1.81 11.10 -21.92
CA PHE B 255 1.35 9.85 -21.31
C PHE B 255 0.75 10.11 -19.93
N THR B 256 1.43 10.93 -19.11
CA THR B 256 0.93 11.26 -17.78
C THR B 256 -0.50 11.79 -17.86
N HIS B 257 -0.77 12.65 -18.85
CA HIS B 257 -2.11 13.21 -18.95
C HIS B 257 -3.13 12.20 -19.46
N LEU B 258 -2.72 11.21 -20.25
CA LEU B 258 -3.61 10.09 -20.53
C LEU B 258 -4.05 9.40 -19.24
N TYR B 259 -3.10 9.12 -18.35
CA TYR B 259 -3.41 8.42 -17.10
C TYR B 259 -4.27 9.27 -16.18
N LEU B 260 -3.99 10.59 -16.10
CA LEU B 260 -4.83 11.44 -15.27
C LEU B 260 -6.25 11.53 -15.84
N GLY B 261 -6.37 11.55 -17.18
CA GLY B 261 -7.69 11.60 -17.79
C GLY B 261 -8.48 10.32 -17.58
N ILE B 262 -7.85 9.16 -17.82
CA ILE B 262 -8.50 7.89 -17.53
C ILE B 262 -8.94 7.82 -16.07
N ALA B 263 -8.07 8.24 -15.14
CA ALA B 263 -8.40 8.23 -13.72
C ALA B 263 -9.63 9.09 -13.44
N ARG B 264 -9.66 10.31 -13.96
CA ARG B 264 -10.80 11.20 -13.71
C ARG B 264 -12.08 10.64 -14.34
N GLY B 265 -11.97 10.11 -15.57
CA GLY B 265 -13.13 9.50 -16.19
C GLY B 265 -13.66 8.30 -15.42
N ALA B 266 -12.75 7.48 -14.90
CA ALA B 266 -13.19 6.30 -14.16
C ALA B 266 -13.86 6.70 -12.85
N LEU B 267 -13.30 7.70 -12.17
CA LEU B 267 -13.90 8.15 -10.91
C LEU B 267 -15.29 8.71 -11.14
N GLU B 268 -15.47 9.53 -12.18
CA GLU B 268 -16.80 10.12 -12.40
C GLU B 268 -17.80 9.06 -12.86
N GLU B 269 -17.38 8.12 -13.72
CA GLU B 269 -18.30 7.07 -14.14
C GLU B 269 -18.72 6.19 -12.97
N ALA B 270 -17.77 5.86 -12.08
CA ALA B 270 -18.11 5.07 -10.90
C ALA B 270 -19.08 5.82 -10.01
N ALA B 271 -18.82 7.10 -9.76
CA ALA B 271 -19.68 7.89 -8.91
C ALA B 271 -21.11 7.90 -9.44
N HIS B 272 -21.26 8.06 -10.75
CA HIS B 272 -22.59 8.00 -11.35
C HIS B 272 -23.27 6.67 -11.03
N TYR B 273 -22.55 5.55 -11.17
CA TYR B 273 -23.14 4.26 -10.86
C TYR B 273 -23.53 4.18 -9.39
N SER B 274 -22.63 4.63 -8.51
CA SER B 274 -22.91 4.55 -7.08
C SER B 274 -24.14 5.35 -6.70
N ARG B 275 -24.32 6.53 -7.31
CA ARG B 275 -25.50 7.33 -6.99
C ARG B 275 -26.78 6.68 -7.51
N SER B 276 -26.71 5.98 -8.64
CA SER B 276 -27.89 5.44 -9.33
C SER B 276 -28.22 4.00 -8.96
N HIS B 277 -27.22 3.12 -8.78
CA HIS B 277 -27.49 1.68 -8.75
C HIS B 277 -27.00 0.94 -7.52
N SER B 278 -26.04 1.46 -6.77
CA SER B 278 -25.48 0.71 -5.67
C SER B 278 -26.54 0.50 -4.57
N ARG B 279 -26.62 -0.75 -4.05
CA ARG B 279 -27.55 -1.11 -2.98
C ARG B 279 -26.86 -1.04 -1.63
N PRO B 280 -27.53 -0.50 -0.62
CA PRO B 280 -26.93 -0.42 0.72
C PRO B 280 -26.79 -1.80 1.35
N PHE B 281 -25.78 -1.92 2.21
CA PHE B 281 -25.49 -3.17 2.90
C PHE B 281 -26.22 -3.14 4.24
N THR B 282 -27.52 -3.45 4.18
CA THR B 282 -28.37 -3.37 5.37
C THR B 282 -27.89 -4.30 6.48
N LEU B 283 -27.19 -5.37 6.13
CA LEU B 283 -26.63 -6.26 7.15
C LEU B 283 -25.88 -5.48 8.23
N ALA B 284 -25.27 -4.36 7.85
CA ALA B 284 -24.53 -3.52 8.78
C ALA B 284 -25.32 -2.30 9.25
N GLY B 285 -26.54 -2.13 8.77
CA GLY B 285 -27.38 -1.02 9.17
C GLY B 285 -27.35 0.19 8.26
N VAL B 286 -26.53 0.19 7.22
CA VAL B 286 -26.50 1.33 6.30
C VAL B 286 -27.78 1.36 5.49
N GLU B 287 -28.24 2.57 5.16
CA GLU B 287 -29.50 2.77 4.44
C GLU B 287 -29.32 3.33 3.03
N LYS B 288 -28.28 4.11 2.79
CA LYS B 288 -27.95 4.59 1.45
C LYS B 288 -26.51 4.23 1.16
N ALA B 289 -26.26 3.72 -0.05
CA ALA B 289 -24.89 3.40 -0.44
C ALA B 289 -24.03 4.65 -0.49
N THR B 290 -24.59 5.79 -0.88
CA THR B 290 -23.83 7.03 -0.93
C THR B 290 -23.52 7.59 0.45
N GLU B 291 -24.01 6.98 1.52
CA GLU B 291 -23.66 7.35 2.89
C GLU B 291 -22.83 6.28 3.58
N ASP B 292 -22.49 5.19 2.89
CA ASP B 292 -21.70 4.13 3.48
C ASP B 292 -20.31 4.66 3.81
N PRO B 293 -19.81 4.45 5.03
CA PRO B 293 -18.51 5.06 5.37
C PRO B 293 -17.37 4.53 4.51
N TYR B 294 -17.44 3.28 4.07
CA TYR B 294 -16.32 2.71 3.33
C TYR B 294 -16.39 3.05 1.85
N VAL B 295 -17.60 3.18 1.29
CA VAL B 295 -17.76 3.76 -0.03
C VAL B 295 -17.21 5.16 -0.08
N LEU B 296 -17.55 5.98 0.93
CA LEU B 296 -17.06 7.36 0.95
C LEU B 296 -15.56 7.41 1.09
N ALA B 297 -14.97 6.46 1.84
CA ALA B 297 -13.52 6.47 2.00
C ALA B 297 -12.81 6.16 0.69
N ILE B 298 -13.37 5.24 -0.11
CA ILE B 298 -12.74 4.93 -1.40
C ILE B 298 -12.76 6.16 -2.31
N TYR B 299 -13.92 6.81 -2.43
CA TYR B 299 -13.99 8.00 -3.29
C TYR B 299 -13.09 9.11 -2.79
N GLY B 300 -13.03 9.31 -1.47
CA GLY B 300 -12.22 10.39 -0.94
C GLY B 300 -10.73 10.14 -1.13
N GLU B 301 -10.28 8.90 -0.90
CA GLU B 301 -8.87 8.58 -1.06
C GLU B 301 -8.42 8.83 -2.49
N PHE B 302 -9.18 8.35 -3.46
CA PHE B 302 -8.75 8.47 -4.85
C PHE B 302 -8.97 9.89 -5.39
N ALA B 303 -10.09 10.53 -5.06
CA ALA B 303 -10.29 11.92 -5.48
C ALA B 303 -9.22 12.83 -4.90
N ALA B 304 -8.81 12.60 -3.65
CA ALA B 304 -7.77 13.43 -3.05
C ALA B 304 -6.46 13.28 -3.82
N GLN B 305 -6.02 12.03 -4.05
CA GLN B 305 -4.80 11.81 -4.81
C GLN B 305 -4.91 12.43 -6.20
N LEU B 306 -6.07 12.31 -6.83
CA LEU B 306 -6.25 12.88 -8.16
C LEU B 306 -6.11 14.40 -8.14
N GLN B 307 -6.71 15.08 -7.16
CA GLN B 307 -6.59 16.54 -7.09
C GLN B 307 -5.13 16.95 -7.03
N VAL B 308 -4.35 16.28 -6.18
CA VAL B 308 -2.96 16.68 -6.01
C VAL B 308 -2.16 16.41 -7.27
N ALA B 309 -2.36 15.24 -7.87
CA ALA B 309 -1.67 14.90 -9.12
C ALA B 309 -1.99 15.90 -10.21
N GLU B 310 -3.27 16.25 -10.36
CA GLU B 310 -3.64 17.19 -11.41
C GLU B 310 -3.03 18.56 -11.16
N ALA B 311 -3.08 19.03 -9.90
CA ALA B 311 -2.48 20.32 -9.57
C ALA B 311 -1.00 20.32 -9.91
N GLY B 312 -0.29 19.25 -9.53
CA GLY B 312 1.13 19.20 -9.84
C GLY B 312 1.43 19.13 -11.32
N ALA B 313 0.60 18.41 -12.07
CA ALA B 313 0.82 18.27 -13.51
C ALA B 313 0.70 19.63 -14.21
N ARG B 314 -0.23 20.47 -13.74
CA ARG B 314 -0.36 21.80 -14.33
C ARG B 314 0.94 22.58 -14.23
N GLU B 315 1.65 22.47 -13.09
CA GLU B 315 2.88 23.23 -12.94
C GLU B 315 3.97 22.72 -13.88
N VAL B 316 4.08 21.39 -14.04
CA VAL B 316 5.08 20.86 -14.95
C VAL B 316 4.76 21.26 -16.38
N ALA B 317 3.47 21.31 -16.73
CA ALA B 317 3.09 21.72 -18.08
C ALA B 317 3.50 23.16 -18.35
N LEU B 318 3.33 24.04 -17.36
CA LEU B 318 3.81 25.42 -17.53
C LEU B 318 5.30 25.46 -17.79
N ARG B 319 6.07 24.58 -17.14
CA ARG B 319 7.51 24.57 -17.38
C ARG B 319 7.84 24.03 -18.77
N VAL B 320 7.07 23.04 -19.27
CA VAL B 320 7.29 22.60 -20.65
C VAL B 320 7.17 23.77 -21.59
N GLN B 321 6.14 24.59 -21.40
CA GLN B 321 5.96 25.76 -22.27
C GLN B 321 7.14 26.72 -22.15
N GLU B 322 7.61 27.01 -20.93
CA GLU B 322 8.76 27.88 -20.75
C GLU B 322 9.94 27.45 -21.60
N LEU B 323 10.36 26.19 -21.44
CA LEU B 323 11.54 25.72 -22.16
C LEU B 323 11.27 25.57 -23.65
N TRP B 324 10.01 25.36 -24.03
CA TRP B 324 9.65 25.25 -25.44
C TRP B 324 9.86 26.56 -26.18
N GLU B 325 9.72 27.69 -25.48
CA GLU B 325 9.89 29.01 -26.08
C GLU B 325 11.34 29.48 -26.10
N ARG B 326 12.27 28.76 -25.44
CA ARG B 326 13.68 29.14 -25.39
C ARG B 326 14.39 28.78 -26.69
N ASN B 327 15.39 29.60 -27.04
CA ASN B 327 16.22 29.26 -28.19
C ASN B 327 17.22 28.17 -27.85
N HIS B 328 17.72 28.15 -26.63
CA HIS B 328 18.63 27.13 -26.19
C HIS B 328 18.20 26.62 -24.82
N VAL B 329 18.43 25.33 -24.59
CA VAL B 329 18.06 24.67 -23.35
C VAL B 329 19.30 23.93 -22.87
N THR B 330 19.63 24.12 -21.58
CA THR B 330 20.79 23.46 -21.03
C THR B 330 20.45 22.06 -20.55
N PRO B 331 21.45 21.19 -20.46
CA PRO B 331 21.23 19.86 -19.88
C PRO B 331 20.61 19.91 -18.49
N GLU B 332 20.96 20.92 -17.69
CA GLU B 332 20.39 21.03 -16.35
C GLU B 332 18.91 21.37 -16.40
N GLN B 333 18.52 22.27 -17.30
CA GLN B 333 17.10 22.62 -17.43
C GLN B 333 16.31 21.41 -17.94
N ARG B 334 16.88 20.70 -18.91
CA ARG B 334 16.20 19.52 -19.46
C ARG B 334 16.12 18.42 -18.40
N GLY B 335 17.22 18.14 -17.71
CA GLY B 335 17.21 17.11 -16.70
C GLY B 335 16.23 17.40 -15.57
N GLN B 336 16.22 18.64 -15.07
CA GLN B 336 15.25 19.00 -14.03
C GLN B 336 13.82 18.77 -14.51
N LEU B 337 13.53 19.15 -15.75
CA LEU B 337 12.18 18.96 -16.27
C LEU B 337 11.84 17.47 -16.38
N MET B 338 12.79 16.68 -16.89
CA MET B 338 12.55 15.24 -17.04
C MET B 338 12.28 14.59 -15.69
N VAL B 339 12.98 15.03 -14.64
CA VAL B 339 12.73 14.49 -13.31
C VAL B 339 11.31 14.84 -12.83
N GLN B 340 10.88 16.09 -13.05
CA GLN B 340 9.54 16.50 -12.68
C GLN B 340 8.50 15.71 -13.46
N VAL B 341 8.74 15.48 -14.76
CA VAL B 341 7.81 14.71 -15.57
C VAL B 341 7.78 13.26 -15.10
N ALA B 342 8.95 12.65 -14.88
CA ALA B 342 8.97 11.27 -14.39
C ALA B 342 8.18 11.13 -13.09
N SER B 343 8.33 12.11 -12.20
CA SER B 343 7.62 12.06 -10.92
C SER B 343 6.12 12.10 -11.13
N ALA B 344 5.64 13.02 -11.97
CA ALA B 344 4.22 13.06 -12.27
C ALA B 344 3.76 11.74 -12.88
N LYS B 345 4.56 11.17 -13.79
CA LYS B 345 4.16 9.92 -14.42
C LYS B 345 4.05 8.79 -13.40
N ILE B 346 4.99 8.74 -12.46
CA ILE B 346 4.99 7.68 -11.46
C ILE B 346 3.70 7.75 -10.63
N VAL B 347 3.40 8.94 -10.11
CA VAL B 347 2.23 9.12 -9.27
C VAL B 347 0.96 8.82 -10.05
N ALA B 348 0.88 9.31 -11.30
CA ALA B 348 -0.33 9.08 -12.09
C ALA B 348 -0.51 7.62 -12.45
N THR B 349 0.60 6.93 -12.74
CA THR B 349 0.55 5.50 -13.05
C THR B 349 0.00 4.71 -11.88
N ARG B 350 0.58 4.89 -10.70
CA ARG B 350 0.10 4.16 -9.52
C ARG B 350 -1.36 4.48 -9.24
N LEU B 351 -1.75 5.76 -9.36
CA LEU B 351 -3.13 6.15 -9.08
C LEU B 351 -4.11 5.47 -10.03
N VAL B 352 -3.85 5.55 -11.34
CA VAL B 352 -4.84 5.06 -12.29
C VAL B 352 -4.96 3.54 -12.21
N ILE B 353 -3.84 2.85 -11.98
CA ILE B 353 -3.89 1.38 -11.92
C ILE B 353 -4.66 0.92 -10.67
N GLU B 354 -4.46 1.58 -9.53
CA GLU B 354 -5.21 1.21 -8.32
C GLU B 354 -6.68 1.57 -8.44
N LEU B 355 -6.98 2.79 -8.87
CA LEU B 355 -8.35 3.30 -8.87
C LEU B 355 -9.26 2.51 -9.82
N THR B 356 -8.76 2.16 -11.01
CA THR B 356 -9.64 1.53 -11.99
C THR B 356 -10.01 0.11 -11.58
N SER B 357 -9.23 -0.49 -10.69
CA SER B 357 -9.57 -1.80 -10.13
C SER B 357 -10.35 -1.67 -8.83
N ARG B 358 -9.90 -0.84 -7.91
CA ARG B 358 -10.53 -0.81 -6.58
C ARG B 358 -11.90 -0.14 -6.57
N LEU B 359 -12.22 0.72 -7.53
CA LEU B 359 -13.51 1.40 -7.51
C LEU B 359 -14.68 0.41 -7.58
N TYR B 360 -14.45 -0.80 -8.09
CA TYR B 360 -15.52 -1.80 -8.05
C TYR B 360 -16.04 -2.02 -6.63
N GLU B 361 -15.15 -1.94 -5.63
CA GLU B 361 -15.53 -2.14 -4.24
C GLU B 361 -16.47 -1.07 -3.73
N ALA B 362 -16.45 0.11 -4.35
CA ALA B 362 -17.40 1.15 -3.99
C ALA B 362 -18.70 1.04 -4.76
N MET B 363 -18.76 0.18 -5.78
CA MET B 363 -19.97 0.06 -6.60
C MET B 363 -20.78 -1.18 -6.29
N GLY B 364 -20.13 -2.30 -6.01
CA GLY B 364 -20.81 -3.53 -5.66
C GLY B 364 -20.81 -4.54 -6.80
N ALA B 365 -21.27 -5.75 -6.46
CA ALA B 365 -21.10 -6.90 -7.33
C ALA B 365 -21.81 -6.74 -8.67
N ARG B 366 -22.96 -6.07 -8.69
CA ARG B 366 -23.68 -5.98 -9.96
C ARG B 366 -22.98 -5.07 -10.97
N ALA B 367 -21.99 -4.30 -10.53
CA ALA B 367 -21.20 -3.54 -11.49
C ALA B 367 -20.31 -4.45 -12.32
N ALA B 368 -19.89 -5.58 -11.78
CA ALA B 368 -19.13 -6.57 -12.53
C ALA B 368 -19.99 -7.71 -13.06
N ALA B 369 -21.12 -7.99 -12.40
CA ALA B 369 -22.00 -9.05 -12.88
C ALA B 369 -22.59 -8.72 -14.24
N SER B 370 -22.73 -7.44 -14.55
CA SER B 370 -23.25 -6.98 -15.82
C SER B 370 -22.07 -6.55 -16.69
N ARG B 371 -21.60 -7.47 -17.55
CA ARG B 371 -20.46 -7.16 -18.40
C ARG B 371 -20.72 -5.89 -19.20
N GLN B 372 -21.96 -5.70 -19.67
CA GLN B 372 -22.27 -4.59 -20.55
C GLN B 372 -22.15 -3.23 -19.87
N PHE B 373 -22.10 -3.16 -18.54
CA PHE B 373 -21.76 -1.90 -17.90
C PHE B 373 -20.44 -1.36 -18.48
N GLY B 374 -19.46 -2.23 -18.68
CA GLY B 374 -18.26 -1.88 -19.40
C GLY B 374 -17.26 -1.03 -18.64
N PHE B 375 -17.37 -0.97 -17.31
CA PHE B 375 -16.46 -0.12 -16.54
C PHE B 375 -15.03 -0.62 -16.63
N ASP B 376 -14.83 -1.91 -16.89
CA ASP B 376 -13.49 -2.48 -17.01
C ASP B 376 -12.68 -1.85 -18.14
N ARG B 377 -13.31 -1.08 -19.02
CA ARG B 377 -12.56 -0.38 -20.07
C ARG B 377 -11.48 0.51 -19.47
N PHE B 378 -11.79 1.18 -18.35
CA PHE B 378 -10.80 2.10 -17.77
C PHE B 378 -9.56 1.34 -17.31
N TRP B 379 -9.74 0.23 -16.58
CA TRP B 379 -8.60 -0.59 -16.20
C TRP B 379 -7.88 -1.15 -17.43
N ARG B 380 -8.63 -1.68 -18.41
CA ARG B 380 -7.95 -2.25 -19.57
C ARG B 380 -7.11 -1.21 -20.30
N ASP B 381 -7.64 0.00 -20.46
CA ASP B 381 -6.91 1.04 -21.17
C ASP B 381 -5.67 1.46 -20.36
N ALA B 382 -5.85 1.70 -19.07
CA ALA B 382 -4.73 2.13 -18.24
C ALA B 382 -3.69 1.02 -18.10
N ARG B 383 -4.13 -0.22 -17.87
CA ARG B 383 -3.20 -1.32 -17.70
C ARG B 383 -2.37 -1.54 -18.96
N THR B 384 -2.97 -1.33 -20.13
CA THR B 384 -2.23 -1.49 -21.37
C THR B 384 -1.19 -0.37 -21.52
N HIS B 385 -1.62 0.88 -21.39
CA HIS B 385 -0.74 1.98 -21.77
C HIS B 385 0.38 2.18 -20.76
N THR B 386 0.09 2.02 -19.46
CA THR B 386 1.13 2.24 -18.45
C THR B 386 2.34 1.34 -18.64
N LEU B 387 2.25 0.29 -19.46
CA LEU B 387 3.37 -0.59 -19.74
C LEU B 387 4.28 -0.09 -20.84
N HIS B 388 3.96 1.07 -21.44
CA HIS B 388 4.72 1.61 -22.56
C HIS B 388 6.22 1.55 -22.30
N ASP B 389 6.65 2.09 -21.17
CA ASP B 389 7.99 1.86 -20.65
C ASP B 389 7.85 1.60 -19.17
N PRO B 390 8.81 0.88 -18.56
CA PRO B 390 8.58 0.36 -17.21
C PRO B 390 8.70 1.46 -16.16
N VAL B 391 7.62 1.62 -15.38
CA VAL B 391 7.59 2.65 -14.34
C VAL B 391 8.70 2.39 -13.32
N ALA B 392 9.15 1.13 -13.19
CA ALA B 392 10.25 0.85 -12.27
C ALA B 392 11.51 1.65 -12.61
N TYR B 393 11.76 1.91 -13.91
CA TYR B 393 12.95 2.67 -14.26
C TYR B 393 12.73 4.18 -14.23
N LYS B 394 11.49 4.65 -14.37
CA LYS B 394 11.21 6.03 -13.99
C LYS B 394 11.49 6.25 -12.51
N ILE B 395 11.11 5.29 -11.67
CA ILE B 395 11.39 5.40 -10.23
C ILE B 395 12.89 5.43 -9.98
N ARG B 396 13.64 4.51 -10.61
CA ARG B 396 15.09 4.52 -10.45
C ARG B 396 15.68 5.84 -10.93
N GLU B 397 15.17 6.38 -12.04
CA GLU B 397 15.70 7.64 -12.54
C GLU B 397 15.50 8.76 -11.53
N VAL B 398 14.33 8.85 -10.91
CA VAL B 398 14.10 9.90 -9.92
C VAL B 398 14.97 9.66 -8.70
N GLY B 399 15.12 8.40 -8.30
CA GLY B 399 15.99 8.10 -7.18
C GLY B 399 17.44 8.42 -7.45
N ASN B 400 17.92 8.13 -8.67
CA ASN B 400 19.31 8.41 -9.01
C ASN B 400 19.57 9.91 -9.01
N TRP B 401 18.58 10.69 -9.44
CA TRP B 401 18.71 12.14 -9.33
C TRP B 401 18.72 12.59 -7.87
N PHE B 402 17.76 12.13 -7.07
CA PHE B 402 17.68 12.67 -5.72
C PHE B 402 18.89 12.26 -4.89
N LEU B 403 19.30 10.99 -4.98
CA LEU B 403 20.37 10.49 -4.13
C LEU B 403 21.73 10.88 -4.67
N ASN B 404 21.94 10.75 -5.98
CA ASN B 404 23.28 10.89 -6.56
C ASN B 404 23.43 12.14 -7.41
N HIS B 405 22.40 12.98 -7.49
CA HIS B 405 22.43 14.21 -8.28
C HIS B 405 22.73 13.91 -9.75
N ARG B 406 22.29 12.76 -10.25
CA ARG B 406 22.47 12.39 -11.65
C ARG B 406 21.17 12.56 -12.40
N PHE B 407 21.16 13.40 -13.42
CA PHE B 407 19.99 13.52 -14.27
C PHE B 407 19.87 12.29 -15.16
N PRO B 408 18.64 11.98 -15.61
CA PRO B 408 18.45 10.81 -16.47
C PRO B 408 19.25 10.95 -17.75
N THR B 409 19.81 9.85 -18.22
CA THR B 409 20.49 9.84 -19.53
C THR B 409 19.45 10.04 -20.63
N PRO B 410 19.53 11.12 -21.40
CA PRO B 410 18.48 11.36 -22.40
C PRO B 410 18.41 10.24 -23.43
N SER B 411 17.18 9.85 -23.76
CA SER B 411 16.96 8.77 -24.72
C SER B 411 15.53 8.89 -25.21
N PHE B 412 15.09 7.91 -26.01
CA PHE B 412 13.69 7.92 -26.40
C PHE B 412 12.76 7.62 -25.23
N TYR B 413 13.30 7.16 -24.09
CA TYR B 413 12.49 6.79 -22.95
C TYR B 413 12.78 7.59 -21.69
N SER B 414 13.88 8.34 -21.64
CA SER B 414 14.23 9.11 -20.45
C SER B 414 14.95 10.41 -20.82
N HIS C 15 12.50 37.72 -3.09
CA HIS C 15 13.07 36.51 -2.51
C HIS C 15 13.65 36.79 -1.12
N ARG C 16 13.60 38.07 -0.72
CA ARG C 16 14.23 38.49 0.53
C ARG C 16 13.69 37.71 1.73
N ALA C 17 12.37 37.74 1.92
CA ALA C 17 11.76 37.04 3.04
C ALA C 17 12.17 35.57 3.05
N LEU C 18 12.09 34.91 1.89
CA LEU C 18 12.43 33.49 1.83
C LEU C 18 13.90 33.26 2.14
N ASP C 19 14.78 34.16 1.70
CA ASP C 19 16.19 34.04 2.07
C ASP C 19 16.36 34.13 3.58
N VAL C 20 15.63 35.03 4.22
CA VAL C 20 15.70 35.16 5.68
C VAL C 20 15.26 33.86 6.33
N ALA C 21 14.13 33.30 5.88
CA ALA C 21 13.65 32.06 6.47
C ALA C 21 14.64 30.92 6.23
N THR C 22 15.22 30.88 5.03
CA THR C 22 16.23 29.86 4.74
C THR C 22 17.41 29.98 5.69
N GLU C 23 17.87 31.20 5.97
CA GLU C 23 18.99 31.36 6.88
C GLU C 23 18.61 30.98 8.30
N LEU C 24 17.42 31.37 8.74
CA LEU C 24 16.94 30.91 10.04
C LEU C 24 16.95 29.40 10.14
N ALA C 25 16.43 28.74 9.10
CA ALA C 25 16.34 27.28 9.14
C ALA C 25 17.73 26.65 9.22
N LYS C 26 18.69 27.18 8.46
CA LYS C 26 20.08 26.75 8.55
C LYS C 26 20.57 26.76 9.99
N THR C 27 20.35 27.87 10.71
CA THR C 27 20.84 27.93 12.09
C THR C 27 20.10 26.93 12.98
N PHE C 28 18.79 26.78 12.77
CA PHE C 28 18.02 25.85 13.58
C PHE C 28 18.51 24.41 13.41
N ARG C 29 18.93 24.05 12.20
CA ARG C 29 19.39 22.68 11.95
C ARG C 29 20.57 22.32 12.84
N VAL C 30 21.46 23.27 13.08
CA VAL C 30 22.68 22.97 13.85
C VAL C 30 22.34 22.40 15.22
N THR C 31 21.27 22.90 15.85
CA THR C 31 21.03 22.64 17.25
C THR C 31 19.75 21.84 17.54
N VAL C 32 18.95 21.51 16.52
CA VAL C 32 17.64 20.91 16.78
C VAL C 32 17.78 19.57 17.48
N ARG C 33 18.79 18.77 17.11
CA ARG C 33 18.88 17.44 17.70
C ARG C 33 19.05 17.52 19.20
N GLU C 34 19.89 18.45 19.69
CA GLU C 34 20.09 18.61 21.12
C GLU C 34 18.90 19.28 21.80
N ARG C 35 18.32 20.31 21.17
CA ARG C 35 17.27 21.09 21.82
C ARG C 35 16.00 20.27 22.02
N GLU C 36 15.57 19.52 21.00
CA GLU C 36 14.25 18.89 21.12
C GLU C 36 14.26 17.75 22.12
N ARG C 37 15.43 17.15 22.38
CA ARG C 37 15.53 16.17 23.46
C ARG C 37 15.00 16.73 24.77
N ALA C 38 15.41 17.96 25.11
CA ALA C 38 15.06 18.55 26.39
C ALA C 38 13.62 19.06 26.43
N GLY C 39 12.99 19.28 25.28
CA GLY C 39 11.65 19.82 25.33
C GLY C 39 11.69 21.25 25.83
N GLY C 40 10.57 21.69 26.38
CA GLY C 40 10.58 23.06 26.91
C GLY C 40 10.59 24.12 25.80
N THR C 41 10.84 25.35 26.23
CA THR C 41 10.59 26.52 25.39
C THR C 41 11.85 26.93 24.63
N PRO C 42 11.83 26.96 23.28
CA PRO C 42 13.01 27.41 22.51
C PRO C 42 13.11 28.92 22.45
N LYS C 43 13.36 29.53 23.62
CA LYS C 43 13.33 30.98 23.74
C LYS C 43 14.31 31.65 22.78
N ALA C 44 15.56 31.17 22.73
CA ALA C 44 16.56 31.79 21.87
C ALA C 44 16.11 31.77 20.42
N GLU C 45 15.50 30.67 19.98
CA GLU C 45 15.10 30.55 18.58
C GLU C 45 13.86 31.38 18.30
N ARG C 46 12.95 31.46 19.26
CA ARG C 46 11.80 32.35 19.15
C ARG C 46 12.26 33.80 18.99
N ASP C 47 13.26 34.21 19.79
CA ASP C 47 13.79 35.56 19.69
C ASP C 47 14.46 35.81 18.34
N ALA C 48 15.14 34.79 17.78
CA ALA C 48 15.72 34.95 16.46
C ALA C 48 14.65 35.20 15.43
N ILE C 49 13.50 34.54 15.58
CA ILE C 49 12.39 34.78 14.66
C ILE C 49 11.84 36.19 14.84
N ARG C 50 11.75 36.65 16.09
CA ARG C 50 11.33 38.03 16.34
C ARG C 50 12.24 39.03 15.65
N ARG C 51 13.57 38.83 15.78
CA ARG C 51 14.52 39.75 15.18
C ARG C 51 14.43 39.71 13.67
N SER C 52 13.98 38.59 13.09
CA SER C 52 13.96 38.44 11.64
C SER C 52 12.90 39.31 10.98
N GLY C 53 11.87 39.73 11.72
CA GLY C 53 10.77 40.47 11.15
C GLY C 53 9.72 39.63 10.46
N LEU C 54 10.00 38.34 10.21
CA LEU C 54 9.08 37.52 9.44
C LEU C 54 7.73 37.34 10.13
N LEU C 55 7.62 37.57 11.44
CA LEU C 55 6.31 37.49 12.07
C LEU C 55 5.35 38.55 11.53
N THR C 56 5.86 39.57 10.84
CA THR C 56 5.05 40.64 10.28
C THR C 56 4.74 40.44 8.80
N LEU C 57 4.93 39.23 8.28
CA LEU C 57 4.82 38.99 6.84
C LEU C 57 3.50 39.49 6.26
N LEU C 58 2.40 39.34 6.99
CA LEU C 58 1.08 39.61 6.45
C LEU C 58 0.53 40.97 6.87
N ILE C 59 1.31 41.75 7.59
CA ILE C 59 0.91 43.11 7.96
C ILE C 59 1.38 44.06 6.87
N SER C 60 0.51 45.01 6.49
CA SER C 60 0.84 45.90 5.39
C SER C 60 2.04 46.76 5.73
N LYS C 61 2.79 47.11 4.69
CA LYS C 61 3.93 48.02 4.90
C LYS C 61 3.45 49.32 5.52
N GLU C 62 2.26 49.79 5.13
CA GLU C 62 1.69 51.00 5.71
C GLU C 62 1.65 50.91 7.22
N ARG C 63 1.36 49.74 7.76
CA ARG C 63 1.30 49.56 9.21
C ARG C 63 2.62 49.07 9.80
N GLY C 64 3.69 49.03 9.01
CA GLY C 64 5.00 48.66 9.48
C GLY C 64 5.43 47.25 9.16
N GLY C 65 4.54 46.43 8.59
CA GLY C 65 4.85 45.06 8.25
C GLY C 65 5.52 44.94 6.89
N LEU C 66 5.68 43.69 6.45
CA LEU C 66 6.35 43.38 5.20
C LEU C 66 5.42 43.36 3.99
N GLY C 67 4.11 43.38 4.17
CA GLY C 67 3.22 43.36 3.03
C GLY C 67 3.43 42.20 2.09
N GLU C 68 3.73 41.01 2.63
CA GLU C 68 3.93 39.84 1.81
C GLU C 68 2.62 39.06 1.68
N SER C 69 2.69 37.87 1.08
CA SER C 69 1.54 37.11 0.64
C SER C 69 1.54 35.72 1.27
N TRP C 70 0.40 35.05 1.24
CA TRP C 70 0.33 33.71 1.80
C TRP C 70 1.28 32.71 1.15
N PRO C 71 1.48 32.70 -0.17
CA PRO C 71 2.50 31.79 -0.73
C PRO C 71 3.86 31.93 -0.07
N THR C 72 4.27 33.16 0.26
CA THR C 72 5.53 33.37 0.95
C THR C 72 5.51 32.78 2.35
N VAL C 73 4.42 33.02 3.08
CA VAL C 73 4.25 32.44 4.42
C VAL C 73 4.36 30.92 4.35
N TYR C 74 3.63 30.30 3.42
CA TYR C 74 3.60 28.84 3.34
C TYR C 74 4.97 28.28 2.98
N GLU C 75 5.67 28.92 2.04
CA GLU C 75 7.03 28.50 1.71
C GLU C 75 7.94 28.60 2.91
N ALA C 76 7.84 29.70 3.67
CA ALA C 76 8.68 29.88 4.85
C ALA C 76 8.34 28.84 5.92
N ILE C 77 7.06 28.49 6.07
CA ILE C 77 6.68 27.49 7.06
C ILE C 77 7.34 26.15 6.73
N ALA C 78 7.26 25.75 5.46
CA ALA C 78 7.80 24.45 5.05
C ALA C 78 9.32 24.42 5.20
N GLU C 79 10.00 25.53 4.84
CA GLU C 79 11.45 25.56 4.95
C GLU C 79 11.90 25.50 6.40
N ILE C 80 11.24 26.25 7.29
CA ILE C 80 11.60 26.20 8.70
C ILE C 80 11.28 24.82 9.27
N ALA C 81 10.14 24.24 8.88
CA ALA C 81 9.76 22.93 9.41
C ALA C 81 10.75 21.84 8.99
N SER C 82 11.34 21.98 7.80
CA SER C 82 12.29 20.98 7.33
C SER C 82 13.54 20.94 8.20
N ALA C 83 13.85 22.04 8.90
CA ALA C 83 14.98 22.12 9.81
C ALA C 83 14.60 21.78 11.24
N ASP C 84 13.43 22.25 11.70
CA ASP C 84 13.00 22.07 13.08
C ASP C 84 11.48 22.12 13.08
N ALA C 85 10.83 20.96 13.24
CA ALA C 85 9.38 20.94 13.08
C ALA C 85 8.68 21.76 14.16
N SER C 86 9.26 21.83 15.37
CA SER C 86 8.62 22.60 16.44
C SER C 86 8.65 24.09 16.12
N LEU C 87 9.79 24.60 15.66
CA LEU C 87 9.85 26.00 15.27
C LEU C 87 8.97 26.27 14.06
N GLY C 88 8.89 25.33 13.12
CA GLY C 88 7.98 25.50 11.99
C GLY C 88 6.52 25.56 12.44
N HIS C 89 6.17 24.71 13.41
CA HIS C 89 4.83 24.68 13.99
C HIS C 89 4.52 25.99 14.72
N LEU C 90 5.44 26.44 15.58
CA LEU C 90 5.21 27.70 16.28
C LEU C 90 5.02 28.84 15.30
N PHE C 91 5.89 28.89 14.28
CA PHE C 91 5.85 29.95 13.28
C PHE C 91 4.54 29.90 12.50
N GLY C 92 4.18 28.71 12.02
CA GLY C 92 2.93 28.55 11.29
C GLY C 92 1.71 28.89 12.13
N TYR C 93 1.68 28.45 13.39
CA TYR C 93 0.51 28.73 14.21
C TYR C 93 0.39 30.22 14.51
N HIS C 94 1.52 30.92 14.63
CA HIS C 94 1.46 32.37 14.74
C HIS C 94 0.62 32.95 13.61
N PHE C 95 0.76 32.41 12.39
CA PHE C 95 -0.01 32.93 11.27
C PHE C 95 -1.46 32.45 11.27
N SER C 96 -1.76 31.27 11.78
CA SER C 96 -3.16 30.89 12.00
C SER C 96 -3.81 31.84 13.00
N ASN C 97 -3.11 32.16 14.09
CA ASN C 97 -3.63 33.12 15.07
C ASN C 97 -3.83 34.49 14.43
N PHE C 98 -2.85 34.96 13.67
CA PHE C 98 -2.97 36.25 13.02
C PHE C 98 -4.14 36.25 12.04
N ALA C 99 -4.30 35.16 11.28
CA ALA C 99 -5.40 35.10 10.32
C ALA C 99 -6.74 35.19 11.04
N TYR C 100 -6.92 34.48 12.16
CA TYR C 100 -8.16 34.62 12.93
C TYR C 100 -8.36 36.07 13.36
N VAL C 101 -7.33 36.69 13.94
CA VAL C 101 -7.44 38.08 14.37
C VAL C 101 -7.83 38.98 13.21
N ASP C 102 -7.16 38.81 12.07
CA ASP C 102 -7.42 39.68 10.93
C ASP C 102 -8.81 39.49 10.35
N LEU C 103 -9.38 38.28 10.49
CA LEU C 103 -10.70 38.02 9.93
C LEU C 103 -11.83 38.54 10.79
N PHE C 104 -11.58 38.80 12.08
CA PHE C 104 -12.62 39.23 13.00
C PHE C 104 -12.38 40.59 13.63
N ALA C 105 -11.16 41.11 13.60
CA ALA C 105 -10.88 42.34 14.31
C ALA C 105 -11.57 43.53 13.64
N SER C 106 -11.90 44.52 14.47
CA SER C 106 -12.47 45.77 14.00
C SER C 106 -11.41 46.67 13.38
N PRO C 107 -11.82 47.66 12.59
CA PRO C 107 -10.83 48.60 12.04
C PRO C 107 -10.00 49.31 13.11
N GLU C 108 -10.59 49.67 14.25
CA GLU C 108 -9.78 50.33 15.27
C GLU C 108 -8.85 49.34 15.98
N GLN C 109 -9.26 48.08 16.16
CA GLN C 109 -8.34 47.07 16.69
C GLN C 109 -7.14 46.87 15.77
N LYS C 110 -7.37 46.78 14.46
CA LYS C 110 -6.23 46.64 13.54
C LYS C 110 -5.33 47.87 13.57
N ALA C 111 -5.92 49.06 13.66
CA ALA C 111 -5.11 50.27 13.65
C ALA C 111 -4.22 50.36 14.89
N ARG C 112 -4.67 49.81 16.02
CA ARG C 112 -3.86 49.80 17.24
C ARG C 112 -2.92 48.60 17.31
N TRP C 113 -3.43 47.40 17.02
CA TRP C 113 -2.69 46.17 17.29
C TRP C 113 -1.54 45.97 16.31
N TYR C 114 -1.73 46.27 15.03
CA TYR C 114 -0.75 45.85 14.04
C TYR C 114 0.54 46.65 14.15
N PRO C 115 0.52 47.98 14.27
CA PRO C 115 1.77 48.69 14.55
C PRO C 115 2.41 48.24 15.86
N GLN C 116 1.59 47.93 16.86
CA GLN C 116 2.09 47.46 18.13
C GLN C 116 2.73 46.08 17.98
N ALA C 117 2.14 45.20 17.17
CA ALA C 117 2.75 43.90 16.92
C ALA C 117 4.09 44.03 16.21
N VAL C 118 4.25 45.05 15.37
CA VAL C 118 5.53 45.28 14.71
C VAL C 118 6.54 45.83 15.72
N ARG C 119 6.16 46.85 16.47
CA ARG C 119 7.08 47.51 17.39
C ARG C 119 7.57 46.57 18.47
N GLU C 120 6.66 45.79 19.05
CA GLU C 120 6.96 44.90 20.17
C GLU C 120 7.32 43.50 19.72
N ARG C 121 7.36 43.25 18.41
CA ARG C 121 7.79 41.97 17.84
C ARG C 121 6.95 40.81 18.40
N TRP C 122 5.65 40.91 18.18
CA TRP C 122 4.72 39.95 18.76
C TRP C 122 4.83 38.58 18.11
N PHE C 123 4.85 37.55 18.95
CA PHE C 123 4.82 36.15 18.56
C PHE C 123 3.57 35.58 19.23
N LEU C 124 2.56 35.20 18.46
CA LEU C 124 1.26 34.85 19.00
C LEU C 124 1.17 33.38 19.39
N GLY C 125 0.43 33.10 20.47
CA GLY C 125 0.02 31.75 20.82
C GLY C 125 -1.49 31.69 20.98
N ASN C 126 -2.00 30.49 21.29
CA ASN C 126 -3.44 30.35 21.45
C ASN C 126 -3.75 29.37 22.57
N ALA C 127 -4.99 29.47 23.07
CA ALA C 127 -5.53 28.61 24.13
C ALA C 127 -6.99 28.37 23.78
N SER C 128 -7.27 27.25 23.10
CA SER C 128 -8.55 27.10 22.40
C SER C 128 -9.22 25.76 22.67
N SER C 129 -8.50 24.65 22.46
CA SER C 129 -9.08 23.34 22.61
C SER C 129 -9.08 22.90 24.09
N GLU C 130 -9.77 21.80 24.38
CA GLU C 130 -9.95 21.35 25.75
C GLU C 130 -9.92 19.83 25.80
N ASN C 131 -9.82 19.30 27.02
CA ASN C 131 -9.74 17.85 27.20
C ASN C 131 -10.99 17.28 27.87
N ASN C 132 -12.15 17.54 27.28
CA ASN C 132 -13.40 17.00 27.81
C ASN C 132 -13.82 15.75 27.03
N ALA C 133 -15.12 15.45 27.00
CA ALA C 133 -15.57 14.16 26.48
C ALA C 133 -15.28 14.01 24.99
N HIS C 134 -15.31 15.11 24.25
CA HIS C 134 -15.03 15.10 22.82
C HIS C 134 -14.62 16.51 22.43
N VAL C 135 -14.15 16.68 21.18
CA VAL C 135 -13.54 17.97 20.83
C VAL C 135 -14.56 19.10 20.76
N LEU C 136 -15.84 18.80 20.50
CA LEU C 136 -16.82 19.87 20.53
C LEU C 136 -16.99 20.49 21.92
N ASP C 137 -16.57 19.78 22.96
CA ASP C 137 -17.07 19.97 24.32
C ASP C 137 -16.22 21.01 25.04
N TRP C 138 -16.68 22.27 25.03
CA TRP C 138 -15.93 23.38 25.61
C TRP C 138 -16.60 23.83 26.92
N ARG C 139 -15.79 23.95 27.98
CA ARG C 139 -16.31 24.29 29.29
C ARG C 139 -15.59 25.46 29.95
N VAL C 140 -14.58 26.04 29.31
CA VAL C 140 -14.02 27.29 29.78
C VAL C 140 -15.06 28.38 29.55
N THR C 141 -15.45 29.07 30.62
CA THR C 141 -16.57 30.00 30.56
C THR C 141 -16.10 31.45 30.49
N ALA C 142 -16.94 32.29 29.88
CA ALA C 142 -16.81 33.74 29.89
C ALA C 142 -18.05 34.30 30.54
N THR C 143 -17.90 34.84 31.76
CA THR C 143 -19.05 35.38 32.48
C THR C 143 -19.03 36.90 32.46
N PRO C 144 -20.18 37.53 32.29
CA PRO C 144 -20.19 38.99 32.14
C PRO C 144 -19.66 39.70 33.37
N LEU C 145 -18.93 40.78 33.12
CA LEU C 145 -18.50 41.74 34.14
C LEU C 145 -19.09 43.08 33.75
N PRO C 146 -18.95 44.11 34.58
CA PRO C 146 -19.51 45.42 34.22
C PRO C 146 -18.80 46.01 33.01
N ASP C 147 -19.54 46.88 32.31
CA ASP C 147 -19.03 47.66 31.18
C ASP C 147 -18.60 46.79 30.01
N GLY C 148 -19.17 45.60 29.87
CA GLY C 148 -18.94 44.77 28.71
C GLY C 148 -17.75 43.84 28.80
N SER C 149 -17.03 43.84 29.92
CA SER C 149 -15.93 42.91 30.11
C SER C 149 -16.46 41.51 30.41
N TYR C 150 -15.57 40.52 30.32
CA TYR C 150 -15.89 39.14 30.65
C TYR C 150 -14.82 38.60 31.60
N GLU C 151 -15.20 37.61 32.40
CA GLU C 151 -14.26 36.89 33.23
C GLU C 151 -14.14 35.46 32.73
N ILE C 152 -12.90 35.00 32.52
CA ILE C 152 -12.62 33.69 31.96
C ILE C 152 -12.19 32.74 33.07
N ASN C 153 -12.78 31.54 33.11
CA ASN C 153 -12.42 30.52 34.08
C ASN C 153 -12.40 29.15 33.43
N GLY C 154 -11.36 28.38 33.70
CA GLY C 154 -11.22 27.02 33.23
C GLY C 154 -9.86 26.76 32.63
N THR C 155 -9.67 25.52 32.20
CA THR C 155 -8.37 25.06 31.69
C THR C 155 -8.49 24.62 30.24
N LYS C 156 -7.57 25.14 29.41
CA LYS C 156 -7.42 24.76 28.01
C LYS C 156 -6.29 23.76 27.84
N ALA C 157 -6.40 22.94 26.79
CA ALA C 157 -5.37 21.95 26.47
C ALA C 157 -4.77 22.27 25.11
N PHE C 158 -3.57 21.76 24.87
CA PHE C 158 -2.93 21.91 23.56
C PHE C 158 -2.77 23.38 23.18
N CYS C 159 -2.19 24.16 24.08
CA CYS C 159 -2.09 25.61 23.86
C CYS C 159 -0.74 25.92 23.21
N SER C 160 -0.65 25.61 21.91
CA SER C 160 0.61 25.77 21.20
C SER C 160 1.11 27.21 21.30
N GLY C 161 2.41 27.34 21.50
CA GLY C 161 3.02 28.66 21.56
C GLY C 161 2.58 29.49 22.73
N SER C 162 2.04 28.86 23.78
CA SER C 162 1.53 29.63 24.91
C SER C 162 2.64 30.07 25.85
N ALA C 163 3.81 29.43 25.81
CA ALA C 163 4.97 29.93 26.54
C ALA C 163 5.65 31.05 25.75
N ASP C 164 6.09 32.09 26.46
CA ASP C 164 6.79 33.20 25.81
C ASP C 164 5.91 33.91 24.78
N ALA C 165 4.59 33.82 24.91
CA ALA C 165 3.71 34.45 23.94
C ALA C 165 3.49 35.91 24.31
N ASP C 166 3.59 36.80 23.32
CA ASP C 166 3.27 38.20 23.59
C ASP C 166 1.77 38.41 23.76
N ARG C 167 0.95 37.62 23.07
CA ARG C 167 -0.50 37.66 23.21
C ARG C 167 -1.03 36.24 23.01
N LEU C 168 -2.13 35.94 23.69
CA LEU C 168 -2.82 34.67 23.52
C LEU C 168 -4.17 34.92 22.87
N LEU C 169 -4.44 34.15 21.81
CA LEU C 169 -5.79 34.05 21.27
C LEU C 169 -6.56 33.01 22.08
N VAL C 170 -7.62 33.42 22.74
CA VAL C 170 -8.32 32.58 23.70
C VAL C 170 -9.78 32.47 23.30
N PHE C 171 -10.36 31.28 23.48
CA PHE C 171 -11.76 31.01 23.18
C PHE C 171 -12.49 30.55 24.44
N ALA C 172 -13.70 31.06 24.63
CA ALA C 172 -14.50 30.68 25.78
C ALA C 172 -15.98 30.71 25.38
N VAL C 173 -16.83 30.17 26.25
CA VAL C 173 -18.26 30.05 26.02
C VAL C 173 -18.98 30.86 27.10
N THR C 174 -19.92 31.71 26.67
CA THR C 174 -20.56 32.59 27.63
C THR C 174 -21.41 31.81 28.62
N SER C 175 -21.48 32.33 29.85
CA SER C 175 -22.22 31.72 30.94
C SER C 175 -22.81 32.84 31.80
N ARG C 176 -23.95 32.56 32.42
CA ARG C 176 -24.67 33.54 33.22
C ARG C 176 -24.74 34.89 32.50
N ASP C 177 -25.09 34.84 31.22
CA ASP C 177 -25.03 35.99 30.33
C ASP C 177 -26.43 36.42 29.94
N PRO C 178 -26.90 37.62 30.34
CA PRO C 178 -28.23 38.06 29.91
C PRO C 178 -28.40 38.12 28.41
N ASN C 179 -27.33 38.40 27.67
CA ASN C 179 -27.39 38.48 26.21
C ASN C 179 -27.24 37.12 25.53
N GLY C 180 -27.26 36.02 26.27
CA GLY C 180 -27.25 34.66 25.69
C GLY C 180 -26.10 33.80 26.14
N ASP C 181 -26.42 32.59 26.61
CA ASP C 181 -25.44 31.63 27.09
C ASP C 181 -24.96 30.73 25.94
N GLY C 182 -23.79 30.12 26.16
CA GLY C 182 -23.22 29.20 25.19
C GLY C 182 -22.72 29.81 23.90
N ARG C 183 -22.56 31.13 23.84
CA ARG C 183 -22.01 31.78 22.67
C ARG C 183 -20.48 31.75 22.74
N ILE C 184 -19.83 31.44 21.62
CA ILE C 184 -18.38 31.38 21.60
C ILE C 184 -17.81 32.79 21.49
N VAL C 185 -17.00 33.17 22.46
CA VAL C 185 -16.28 34.43 22.40
C VAL C 185 -14.80 34.15 22.21
N ALA C 186 -14.13 35.05 21.49
CA ALA C 186 -12.69 34.99 21.29
C ALA C 186 -12.07 36.34 21.64
N ALA C 187 -10.85 36.30 22.17
CA ALA C 187 -10.16 37.50 22.61
C ALA C 187 -8.66 37.32 22.45
N LEU C 188 -7.96 38.44 22.29
CA LEU C 188 -6.51 38.49 22.18
C LEU C 188 -5.99 39.23 23.41
N ILE C 189 -5.29 38.53 24.29
CA ILE C 189 -4.95 39.13 25.59
C ILE C 189 -3.48 38.91 25.91
N PRO C 190 -2.93 39.74 26.78
CA PRO C 190 -1.57 39.50 27.27
C PRO C 190 -1.49 38.17 28.00
N SER C 191 -0.37 37.47 27.80
CA SER C 191 -0.20 36.15 28.41
C SER C 191 0.13 36.24 29.89
N ASP C 192 0.52 37.42 30.39
CA ASP C 192 0.83 37.60 31.80
C ASP C 192 -0.27 38.34 32.55
N ARG C 193 -1.45 38.49 31.94
CA ARG C 193 -2.57 39.04 32.69
C ARG C 193 -2.85 38.22 33.93
N ALA C 194 -3.25 38.88 35.01
CA ALA C 194 -3.54 38.21 36.27
C ALA C 194 -4.54 37.09 36.06
N GLY C 195 -4.23 35.92 36.62
CA GLY C 195 -5.10 34.77 36.55
C GLY C 195 -4.79 33.79 35.42
N VAL C 196 -3.90 34.16 34.51
CA VAL C 196 -3.44 33.26 33.44
C VAL C 196 -2.27 32.46 33.96
N GLN C 197 -2.41 31.13 33.99
CA GLN C 197 -1.33 30.25 34.43
C GLN C 197 -0.98 29.27 33.30
N VAL C 198 0.13 29.52 32.63
CA VAL C 198 0.72 28.58 31.69
C VAL C 198 1.36 27.44 32.48
N ASN C 199 0.86 26.23 32.30
CA ASN C 199 1.21 25.14 33.22
C ASN C 199 2.50 24.41 32.87
N GLY C 200 3.05 24.59 31.67
CA GLY C 200 4.36 24.02 31.37
C GLY C 200 4.42 22.51 31.45
N ASP C 201 3.37 21.82 31.01
CA ASP C 201 3.24 20.38 31.13
C ASP C 201 3.28 19.65 29.78
N TRP C 202 3.84 20.28 28.75
CA TRP C 202 3.99 19.64 27.45
C TRP C 202 5.18 18.68 27.47
N ASP C 203 4.92 17.40 27.27
CA ASP C 203 5.98 16.38 27.24
C ASP C 203 5.52 15.31 26.24
N SER C 204 5.91 15.50 24.99
CA SER C 204 5.28 14.83 23.86
C SER C 204 6.25 13.88 23.15
N LEU C 205 5.68 12.97 22.36
CA LEU C 205 6.51 12.08 21.54
C LEU C 205 7.35 12.88 20.55
N GLY C 206 6.69 13.75 19.77
CA GLY C 206 7.35 14.64 18.85
C GLY C 206 6.76 16.04 19.03
N MET C 207 7.14 16.97 18.15
CA MET C 207 6.78 18.38 18.31
C MET C 207 7.14 18.87 19.70
N ARG C 208 8.33 18.48 20.18
CA ARG C 208 8.57 18.59 21.62
C ARG C 208 8.82 20.02 22.10
N GLN C 209 9.01 20.99 21.20
CA GLN C 209 9.28 22.35 21.64
C GLN C 209 8.17 23.33 21.21
N THR C 210 6.96 22.84 20.99
CA THR C 210 5.84 23.72 20.66
C THR C 210 5.12 24.28 21.87
N ASP C 211 5.45 23.82 23.08
CA ASP C 211 4.81 24.32 24.30
C ASP C 211 3.29 24.16 24.25
N SER C 212 2.82 23.02 23.73
CA SER C 212 1.38 22.81 23.55
C SER C 212 0.73 22.19 24.78
N GLY C 213 1.11 22.63 25.97
CA GLY C 213 0.53 22.13 27.20
C GLY C 213 -0.76 22.86 27.56
N SER C 214 -1.15 22.72 28.82
CA SER C 214 -2.39 23.32 29.29
C SER C 214 -2.15 24.72 29.88
N VAL C 215 -3.22 25.51 29.87
CA VAL C 215 -3.25 26.86 30.42
C VAL C 215 -4.51 26.98 31.28
N THR C 216 -4.36 27.49 32.50
CA THR C 216 -5.46 27.58 33.44
C THR C 216 -5.83 29.04 33.64
N PHE C 217 -7.11 29.34 33.55
CA PHE C 217 -7.63 30.69 33.67
C PHE C 217 -8.42 30.79 34.96
N SER C 218 -7.98 31.68 35.86
CA SER C 218 -8.64 31.93 37.15
C SER C 218 -9.01 33.41 37.19
N GLY C 219 -10.29 33.70 36.98
CA GLY C 219 -10.78 35.07 37.10
C GLY C 219 -10.14 36.05 36.13
N VAL C 220 -9.87 35.61 34.91
CA VAL C 220 -9.11 36.43 33.98
C VAL C 220 -10.06 37.42 33.32
N VAL C 221 -9.75 38.70 33.43
CA VAL C 221 -10.58 39.75 32.86
C VAL C 221 -10.21 39.95 31.40
N VAL C 222 -11.24 40.01 30.54
CA VAL C 222 -11.10 40.38 29.14
C VAL C 222 -11.99 41.60 28.92
N TYR C 223 -11.43 42.63 28.34
CA TYR C 223 -12.05 43.92 28.06
C TYR C 223 -12.66 43.95 26.66
N PRO C 224 -13.70 44.76 26.47
CA PRO C 224 -14.33 44.87 25.14
C PRO C 224 -13.36 45.14 24.01
N ASP C 225 -12.31 45.93 24.21
CA ASP C 225 -11.41 46.23 23.10
C ASP C 225 -10.45 45.07 22.81
N GLU C 226 -10.59 43.95 23.51
CA GLU C 226 -9.83 42.75 23.24
C GLU C 226 -10.67 41.63 22.65
N LEU C 227 -11.98 41.81 22.55
CA LEU C 227 -12.87 40.81 22.00
C LEU C 227 -12.84 40.85 20.48
N LEU C 228 -12.84 39.66 19.87
CA LEU C 228 -12.75 39.54 18.41
C LEU C 228 -14.16 39.28 17.90
N GLY C 229 -14.89 40.35 17.63
CA GLY C 229 -16.27 40.21 17.26
C GLY C 229 -17.14 39.95 18.47
N THR C 230 -18.44 39.88 18.22
CA THR C 230 -19.38 39.67 19.29
C THR C 230 -19.49 38.18 19.61
N PRO C 231 -19.98 37.85 20.80
CA PRO C 231 -20.12 36.44 21.17
C PRO C 231 -21.04 35.73 20.20
N GLY C 232 -20.60 34.57 19.70
CA GLY C 232 -21.35 33.81 18.72
C GLY C 232 -21.10 34.22 17.27
N GLN C 233 -20.36 35.30 17.04
CA GLN C 233 -20.13 35.73 15.66
C GLN C 233 -19.38 34.67 14.85
N VAL C 234 -18.45 33.95 15.49
CA VAL C 234 -17.67 32.99 14.71
C VAL C 234 -18.57 31.85 14.23
N THR C 235 -19.51 31.42 15.07
CA THR C 235 -20.48 30.40 14.65
C THR C 235 -21.27 30.86 13.43
N ASP C 236 -21.74 32.11 13.44
CA ASP C 236 -22.48 32.64 12.30
C ASP C 236 -21.60 32.75 11.06
N ALA C 237 -20.36 33.22 11.24
CA ALA C 237 -19.48 33.41 10.09
C ALA C 237 -19.15 32.08 9.44
N PHE C 238 -18.92 31.03 10.24
CA PHE C 238 -18.62 29.74 9.66
C PHE C 238 -19.85 29.14 8.98
N ALA C 239 -21.00 29.19 9.66
CA ALA C 239 -22.19 28.56 9.09
C ALA C 239 -22.64 29.25 7.82
N SER C 240 -22.44 30.56 7.70
CA SER C 240 -22.90 31.29 6.53
C SER C 240 -21.88 31.35 5.41
N GLY C 241 -20.64 30.91 5.66
CA GLY C 241 -19.60 31.04 4.67
C GLY C 241 -19.18 32.48 4.38
N SER C 242 -19.31 33.38 5.36
CA SER C 242 -18.71 34.68 5.18
C SER C 242 -17.18 34.54 5.24
N LYS C 243 -16.50 35.66 5.00
CA LYS C 243 -15.07 35.64 4.78
C LYS C 243 -14.28 34.92 5.87
N PRO C 244 -14.63 35.02 7.16
CA PRO C 244 -13.88 34.28 8.18
C PRO C 244 -13.89 32.77 8.00
N SER C 245 -14.80 32.23 7.20
CA SER C 245 -14.78 30.79 6.93
C SER C 245 -13.51 30.35 6.22
N LEU C 246 -12.69 31.30 5.74
CA LEU C 246 -11.40 30.93 5.17
C LEU C 246 -10.41 30.47 6.22
N TRP C 247 -10.66 30.74 7.50
CA TRP C 247 -9.66 30.42 8.53
C TRP C 247 -9.30 28.94 8.49
N THR C 248 -10.29 28.07 8.30
CA THR C 248 -9.99 26.64 8.39
C THR C 248 -9.14 26.15 7.24
N PRO C 249 -9.47 26.40 5.97
CA PRO C 249 -8.55 25.95 4.91
C PRO C 249 -7.17 26.58 5.02
N ILE C 250 -7.09 27.85 5.43
CA ILE C 250 -5.80 28.48 5.66
C ILE C 250 -4.99 27.66 6.66
N THR C 251 -5.61 27.30 7.77
CA THR C 251 -4.91 26.65 8.87
C THR C 251 -4.58 25.21 8.54
N GLN C 252 -5.52 24.50 7.90
CA GLN C 252 -5.23 23.14 7.48
C GLN C 252 -4.12 23.11 6.43
N LEU C 253 -3.98 24.17 5.63
CA LEU C 253 -2.87 24.18 4.68
C LEU C 253 -1.56 24.51 5.38
N ILE C 254 -1.62 25.23 6.49
CA ILE C 254 -0.42 25.41 7.32
C ILE C 254 0.08 24.05 7.80
N PHE C 255 -0.83 23.22 8.33
CA PHE C 255 -0.46 21.87 8.73
C PHE C 255 0.14 21.10 7.57
N THR C 256 -0.47 21.21 6.38
CA THR C 256 0.02 20.49 5.21
C THR C 256 1.47 20.85 4.93
N HIS C 257 1.83 22.12 5.09
CA HIS C 257 3.20 22.53 4.81
C HIS C 257 4.16 22.09 5.89
N LEU C 258 3.69 21.89 7.12
CA LEU C 258 4.51 21.22 8.13
C LEU C 258 4.88 19.82 7.67
N TYR C 259 3.91 19.06 7.16
CA TYR C 259 4.19 17.68 6.75
C TYR C 259 5.11 17.64 5.54
N LEU C 260 4.92 18.54 4.58
CA LEU C 260 5.82 18.57 3.43
C LEU C 260 7.23 18.99 3.83
N GLY C 261 7.32 19.94 4.78
CA GLY C 261 8.62 20.33 5.29
C GLY C 261 9.34 19.19 5.97
N ILE C 262 8.65 18.49 6.86
CA ILE C 262 9.26 17.34 7.52
C ILE C 262 9.66 16.29 6.49
N ALA C 263 8.79 16.03 5.51
CA ALA C 263 9.10 15.01 4.51
C ALA C 263 10.38 15.34 3.77
N ARG C 264 10.51 16.60 3.33
CA ARG C 264 11.72 17.00 2.61
C ARG C 264 12.96 16.94 3.51
N GLY C 265 12.84 17.42 4.75
CA GLY C 265 13.98 17.34 5.65
C GLY C 265 14.44 15.93 5.88
N ALA C 266 13.48 15.01 6.07
CA ALA C 266 13.81 13.62 6.32
C ALA C 266 14.46 12.97 5.09
N LEU C 267 13.88 13.20 3.91
CA LEU C 267 14.46 12.64 2.69
C LEU C 267 15.90 13.12 2.48
N GLU C 268 16.17 14.41 2.71
CA GLU C 268 17.51 14.96 2.50
C GLU C 268 18.48 14.44 3.56
N GLU C 269 18.04 14.31 4.82
CA GLU C 269 18.91 13.79 5.86
C GLU C 269 19.25 12.32 5.60
N ALA C 270 18.26 11.53 5.19
CA ALA C 270 18.52 10.13 4.85
C ALA C 270 19.52 10.02 3.71
N ALA C 271 19.36 10.84 2.67
CA ALA C 271 20.25 10.73 1.52
C ALA C 271 21.70 11.03 1.93
N HIS C 272 21.90 11.98 2.83
CA HIS C 272 23.25 12.24 3.30
C HIS C 272 23.85 11.02 3.97
N TYR C 273 23.06 10.35 4.83
CA TYR C 273 23.55 9.12 5.46
C TYR C 273 23.82 8.03 4.43
N SER C 274 22.93 7.86 3.45
CA SER C 274 23.14 6.82 2.44
C SER C 274 24.41 7.06 1.65
N ARG C 275 24.71 8.33 1.32
CA ARG C 275 25.92 8.63 0.58
C ARG C 275 27.16 8.44 1.43
N SER C 276 27.07 8.70 2.73
CA SER C 276 28.23 8.76 3.60
C SER C 276 28.51 7.46 4.33
N HIS C 277 27.48 6.76 4.80
CA HIS C 277 27.67 5.74 5.82
C HIS C 277 27.15 4.36 5.44
N SER C 278 26.13 4.31 4.60
CA SER C 278 25.56 3.02 4.23
C SER C 278 26.59 2.12 3.57
N ARG C 279 26.53 0.79 3.92
CA ARG C 279 27.44 -0.19 3.34
C ARG C 279 26.75 -0.95 2.20
N PRO C 280 27.51 -1.34 1.19
CA PRO C 280 26.94 -2.13 0.09
C PRO C 280 26.64 -3.55 0.54
N PHE C 281 25.54 -4.10 0.02
CA PHE C 281 25.17 -5.49 0.35
C PHE C 281 25.91 -6.41 -0.61
N THR C 282 27.19 -6.65 -0.30
CA THR C 282 28.06 -7.41 -1.18
C THR C 282 27.64 -8.86 -1.31
N LEU C 283 26.87 -9.38 -0.34
CA LEU C 283 26.32 -10.72 -0.49
C LEU C 283 25.56 -10.89 -1.79
N ALA C 284 24.99 -9.80 -2.31
CA ALA C 284 24.26 -9.85 -3.57
C ALA C 284 25.02 -9.16 -4.70
N GLY C 285 26.32 -8.91 -4.52
CA GLY C 285 27.13 -8.36 -5.58
C GLY C 285 27.08 -6.86 -5.72
N VAL C 286 26.48 -6.15 -4.78
CA VAL C 286 26.45 -4.69 -4.83
C VAL C 286 27.80 -4.15 -4.43
N GLU C 287 28.30 -3.18 -5.19
CA GLU C 287 29.60 -2.57 -4.89
C GLU C 287 29.48 -1.25 -4.16
N LYS C 288 28.40 -0.50 -4.37
CA LYS C 288 28.18 0.79 -3.72
C LYS C 288 26.71 0.89 -3.31
N ALA C 289 26.46 1.28 -2.06
CA ALA C 289 25.07 1.39 -1.60
C ALA C 289 24.28 2.38 -2.45
N THR C 290 24.92 3.44 -2.95
CA THR C 290 24.21 4.41 -3.78
C THR C 290 23.86 3.89 -5.17
N GLU C 291 24.32 2.70 -5.54
CA GLU C 291 23.93 2.03 -6.79
C GLU C 291 23.04 0.82 -6.54
N ASP C 292 22.63 0.59 -5.30
CA ASP C 292 21.75 -0.53 -5.00
C ASP C 292 20.39 -0.28 -5.62
N PRO C 293 19.83 -1.21 -6.39
CA PRO C 293 18.56 -0.94 -7.07
C PRO C 293 17.40 -0.68 -6.11
N TYR C 294 17.41 -1.29 -4.94
CA TYR C 294 16.30 -1.13 -4.02
C TYR C 294 16.45 0.14 -3.18
N VAL C 295 17.69 0.52 -2.86
CA VAL C 295 17.91 1.84 -2.25
C VAL C 295 17.43 2.94 -3.20
N LEU C 296 17.80 2.82 -4.48
CA LEU C 296 17.40 3.82 -5.45
C LEU C 296 15.88 3.86 -5.60
N ALA C 297 15.22 2.70 -5.51
CA ALA C 297 13.78 2.67 -5.67
C ALA C 297 13.07 3.36 -4.51
N ILE C 298 13.61 3.20 -3.29
CA ILE C 298 13.00 3.89 -2.14
C ILE C 298 13.09 5.39 -2.32
N TYR C 299 14.29 5.92 -2.61
CA TYR C 299 14.42 7.37 -2.82
C TYR C 299 13.56 7.83 -3.98
N GLY C 300 13.52 7.06 -5.06
CA GLY C 300 12.73 7.47 -6.22
C GLY C 300 11.24 7.55 -5.93
N GLU C 301 10.70 6.54 -5.23
CA GLU C 301 9.28 6.55 -4.89
C GLU C 301 8.91 7.77 -4.08
N PHE C 302 9.67 8.03 -3.03
CA PHE C 302 9.29 9.08 -2.10
C PHE C 302 9.60 10.46 -2.67
N ALA C 303 10.72 10.61 -3.38
CA ALA C 303 11.02 11.90 -3.99
C ALA C 303 10.00 12.23 -5.07
N ALA C 304 9.54 11.21 -5.80
CA ALA C 304 8.53 11.46 -6.83
C ALA C 304 7.24 11.97 -6.21
N GLN C 305 6.75 11.28 -5.17
CA GLN C 305 5.52 11.72 -4.51
C GLN C 305 5.70 13.10 -3.88
N LEU C 306 6.89 13.39 -3.35
CA LEU C 306 7.15 14.70 -2.76
C LEU C 306 7.10 15.80 -3.83
N GLN C 307 7.73 15.57 -4.99
CA GLN C 307 7.69 16.59 -6.05
C GLN C 307 6.25 16.92 -6.41
N VAL C 308 5.42 15.90 -6.60
CA VAL C 308 4.04 16.13 -7.02
C VAL C 308 3.28 16.85 -5.92
N ALA C 309 3.44 16.39 -4.66
CA ALA C 309 2.75 17.02 -3.54
C ALA C 309 3.15 18.48 -3.39
N GLU C 310 4.45 18.78 -3.54
CA GLU C 310 4.90 20.16 -3.42
C GLU C 310 4.37 21.03 -4.54
N ALA C 311 4.44 20.55 -5.78
CA ALA C 311 3.90 21.32 -6.91
C ALA C 311 2.41 21.58 -6.70
N GLY C 312 1.67 20.56 -6.28
CA GLY C 312 0.25 20.76 -6.02
C GLY C 312 0.01 21.78 -4.92
N ALA C 313 0.84 21.76 -3.88
CA ALA C 313 0.63 22.65 -2.75
C ALA C 313 0.87 24.10 -3.13
N ARG C 314 1.80 24.36 -4.06
CA ARG C 314 2.01 25.73 -4.51
C ARG C 314 0.75 26.29 -5.14
N GLU C 315 0.04 25.49 -5.94
CA GLU C 315 -1.16 25.99 -6.59
C GLU C 315 -2.23 26.34 -5.56
N VAL C 316 -2.40 25.50 -4.55
CA VAL C 316 -3.44 25.74 -3.56
C VAL C 316 -3.10 26.96 -2.70
N ALA C 317 -1.81 27.15 -2.41
CA ALA C 317 -1.42 28.34 -1.65
C ALA C 317 -1.71 29.61 -2.44
N LEU C 318 -1.54 29.57 -3.76
CA LEU C 318 -1.90 30.74 -4.57
C LEU C 318 -3.38 31.03 -4.49
N ARG C 319 -4.21 29.98 -4.46
CA ARG C 319 -5.65 30.18 -4.39
C ARG C 319 -6.06 30.75 -3.03
N VAL C 320 -5.35 30.36 -1.96
CA VAL C 320 -5.59 30.99 -0.67
C VAL C 320 -5.41 32.50 -0.78
N GLN C 321 -4.30 32.93 -1.39
CA GLN C 321 -4.06 34.36 -1.51
C GLN C 321 -5.13 35.04 -2.36
N GLU C 322 -5.55 34.38 -3.44
CA GLU C 322 -6.53 34.99 -4.34
C GLU C 322 -7.86 35.23 -3.62
N LEU C 323 -8.30 34.26 -2.82
CA LEU C 323 -9.55 34.40 -2.08
C LEU C 323 -9.39 35.29 -0.85
N TRP C 324 -8.19 35.32 -0.28
CA TRP C 324 -7.92 36.20 0.86
C TRP C 324 -8.12 37.66 0.48
N GLU C 325 -7.83 38.01 -0.78
CA GLU C 325 -7.99 39.37 -1.29
C GLU C 325 -9.42 39.68 -1.72
N ARG C 326 -10.29 38.69 -1.80
CA ARG C 326 -11.66 38.93 -2.23
C ARG C 326 -12.47 39.55 -1.11
N ASN C 327 -13.41 40.41 -1.48
CA ASN C 327 -14.30 40.97 -0.48
C ASN C 327 -15.32 39.93 0.00
N HIS C 328 -15.81 39.09 -0.91
CA HIS C 328 -16.77 38.04 -0.59
C HIS C 328 -16.33 36.76 -1.27
N VAL C 329 -16.45 35.63 -0.56
CA VAL C 329 -16.12 34.32 -1.11
C VAL C 329 -17.39 33.45 -1.10
N THR C 330 -17.76 32.91 -2.26
CA THR C 330 -18.96 32.12 -2.35
C THR C 330 -18.76 30.77 -1.65
N PRO C 331 -19.86 30.06 -1.36
CA PRO C 331 -19.70 28.70 -0.81
C PRO C 331 -19.02 27.75 -1.77
N GLU C 332 -19.22 27.93 -3.08
CA GLU C 332 -18.50 27.10 -4.04
C GLU C 332 -17.00 27.34 -3.94
N GLN C 333 -16.59 28.61 -3.87
CA GLN C 333 -15.17 28.93 -3.83
C GLN C 333 -14.53 28.47 -2.53
N ARG C 334 -15.23 28.66 -1.40
CA ARG C 334 -14.66 28.23 -0.12
C ARG C 334 -14.61 26.72 -0.04
N GLY C 335 -15.68 26.06 -0.48
CA GLY C 335 -15.74 24.61 -0.39
C GLY C 335 -14.74 23.95 -1.31
N GLN C 336 -14.58 24.48 -2.52
CA GLN C 336 -13.58 23.94 -3.43
C GLN C 336 -12.18 24.13 -2.86
N LEU C 337 -11.93 25.27 -2.21
CA LEU C 337 -10.64 25.49 -1.58
C LEU C 337 -10.42 24.49 -0.45
N MET C 338 -11.42 24.33 0.40
CA MET C 338 -11.29 23.38 1.51
C MET C 338 -11.05 21.96 0.99
N VAL C 339 -11.71 21.59 -0.11
CA VAL C 339 -11.50 20.27 -0.70
C VAL C 339 -10.08 20.15 -1.24
N GLN C 340 -9.56 21.19 -1.91
CA GLN C 340 -8.18 21.14 -2.39
C GLN C 340 -7.19 21.09 -1.22
N VAL C 341 -7.46 21.85 -0.15
CA VAL C 341 -6.58 21.80 1.01
C VAL C 341 -6.63 20.43 1.67
N ALA C 342 -7.84 19.91 1.89
CA ALA C 342 -7.96 18.59 2.50
C ALA C 342 -7.25 17.53 1.68
N SER C 343 -7.35 17.62 0.34
CA SER C 343 -6.67 16.65 -0.52
C SER C 343 -5.16 16.75 -0.33
N ALA C 344 -4.64 17.98 -0.35
CA ALA C 344 -3.22 18.17 -0.13
C ALA C 344 -2.79 17.61 1.22
N LYS C 345 -3.61 17.84 2.26
CA LYS C 345 -3.24 17.35 3.58
C LYS C 345 -3.27 15.82 3.64
N ILE C 346 -4.27 15.18 3.01
CA ILE C 346 -4.32 13.71 2.98
C ILE C 346 -3.06 13.15 2.34
N VAL C 347 -2.73 13.64 1.14
CA VAL C 347 -1.57 13.11 0.43
C VAL C 347 -0.31 13.34 1.24
N ALA C 348 -0.16 14.57 1.77
CA ALA C 348 1.03 14.90 2.56
C ALA C 348 1.12 14.02 3.81
N THR C 349 -0.02 13.74 4.45
CA THR C 349 -0.02 12.91 5.66
C THR C 349 0.47 11.50 5.36
N ARG C 350 -0.14 10.84 4.36
CA ARG C 350 0.30 9.51 3.96
C ARG C 350 1.78 9.50 3.61
N LEU C 351 2.23 10.49 2.85
CA LEU C 351 3.62 10.55 2.42
C LEU C 351 4.57 10.65 3.61
N VAL C 352 4.34 11.59 4.52
CA VAL C 352 5.35 11.83 5.55
C VAL C 352 5.38 10.68 6.54
N ILE C 353 4.22 10.09 6.84
CA ILE C 353 4.20 8.94 7.77
C ILE C 353 4.92 7.73 7.16
N GLU C 354 4.72 7.48 5.87
CA GLU C 354 5.41 6.34 5.24
C GLU C 354 6.90 6.59 5.12
N LEU C 355 7.26 7.76 4.63
CA LEU C 355 8.66 8.04 4.30
C LEU C 355 9.54 8.09 5.55
N THR C 356 9.05 8.72 6.63
CA THR C 356 9.89 8.87 7.82
C THR C 356 10.18 7.54 8.49
N SER C 357 9.37 6.52 8.23
CA SER C 357 9.62 5.17 8.73
C SER C 357 10.38 4.32 7.71
N ARG C 358 9.95 4.33 6.45
CA ARG C 358 10.54 3.42 5.48
C ARG C 358 11.95 3.82 5.06
N LEU C 359 12.34 5.09 5.22
CA LEU C 359 13.68 5.49 4.78
C LEU C 359 14.78 4.76 5.53
N TYR C 360 14.51 4.21 6.72
CA TYR C 360 15.55 3.41 7.37
C TYR C 360 16.01 2.27 6.47
N GLU C 361 15.10 1.71 5.67
CA GLU C 361 15.46 0.60 4.80
C GLU C 361 16.42 1.02 3.69
N ALA C 362 16.52 2.30 3.40
CA ALA C 362 17.54 2.77 2.47
C ALA C 362 18.85 3.11 3.15
N MET C 363 18.86 3.16 4.48
CA MET C 363 20.05 3.55 5.24
C MET C 363 20.74 2.39 5.91
N GLY C 364 20.00 1.48 6.53
CA GLY C 364 20.57 0.30 7.15
C GLY C 364 20.44 0.33 8.67
N ALA C 365 20.83 -0.80 9.27
CA ALA C 365 20.56 -1.03 10.69
C ALA C 365 21.25 -0.01 11.58
N ARG C 366 22.49 0.35 11.27
CA ARG C 366 23.23 1.25 12.14
C ARG C 366 22.58 2.62 12.25
N ALA C 367 21.74 3.01 11.29
CA ALA C 367 21.02 4.28 11.42
C ALA C 367 20.03 4.24 12.58
N ALA C 368 19.50 3.06 12.91
CA ALA C 368 18.65 2.90 14.08
C ALA C 368 19.43 2.45 15.32
N ALA C 369 20.47 1.64 15.13
CA ALA C 369 21.19 1.09 16.27
C ALA C 369 21.99 2.15 17.02
N SER C 370 22.36 3.25 16.37
CA SER C 370 22.99 4.38 17.05
C SER C 370 21.91 5.42 17.30
N ARG C 371 21.34 5.40 18.51
CA ARG C 371 20.25 6.33 18.84
C ARG C 371 20.65 7.78 18.57
N GLN C 372 21.91 8.13 18.81
CA GLN C 372 22.35 9.52 18.71
C GLN C 372 22.13 10.09 17.31
N PHE C 373 22.12 9.26 16.27
CA PHE C 373 21.87 9.77 14.93
C PHE C 373 20.57 10.57 14.89
N GLY C 374 19.57 10.15 15.67
CA GLY C 374 18.36 10.93 15.87
C GLY C 374 17.43 11.07 14.67
N PHE C 375 17.52 10.17 13.70
CA PHE C 375 16.67 10.30 12.52
C PHE C 375 15.20 10.10 12.87
N ASP C 376 14.91 9.37 13.95
CA ASP C 376 13.54 9.12 14.35
C ASP C 376 12.79 10.40 14.72
N ARG C 377 13.48 11.52 14.91
CA ARG C 377 12.81 12.78 15.18
C ARG C 377 11.78 13.11 14.09
N PHE C 378 12.10 12.80 12.84
CA PHE C 378 11.17 13.11 11.76
C PHE C 378 9.87 12.32 11.91
N TRP C 379 9.96 11.01 12.14
CA TRP C 379 8.74 10.21 12.35
C TRP C 379 8.01 10.66 13.62
N ARG C 380 8.74 10.88 14.71
CA ARG C 380 8.09 11.32 15.94
C ARG C 380 7.32 12.62 15.73
N ASP C 381 7.94 13.60 15.06
CA ASP C 381 7.26 14.87 14.81
C ASP C 381 6.06 14.68 13.91
N ALA C 382 6.25 13.99 12.79
CA ALA C 382 5.15 13.74 11.86
C ALA C 382 4.06 12.90 12.50
N ARG C 383 4.43 11.83 13.21
CA ARG C 383 3.41 10.95 13.76
C ARG C 383 2.57 11.68 14.80
N THR C 384 3.19 12.58 15.55
CA THR C 384 2.47 13.38 16.54
C THR C 384 1.52 14.36 15.85
N HIS C 385 2.04 15.19 14.93
CA HIS C 385 1.22 16.29 14.42
C HIS C 385 0.08 15.81 13.53
N THR C 386 0.32 14.76 12.72
CA THR C 386 -0.71 14.31 11.78
C THR C 386 -1.99 13.84 12.47
N LEU C 387 -1.95 13.63 13.79
CA LEU C 387 -3.14 13.24 14.54
C LEU C 387 -3.97 14.43 15.00
N HIS C 388 -3.55 15.66 14.66
CA HIS C 388 -4.24 16.88 15.08
C HIS C 388 -5.75 16.72 14.95
N ASP C 389 -6.22 16.35 13.76
CA ASP C 389 -7.59 15.91 13.53
C ASP C 389 -7.51 14.68 12.64
N PRO C 390 -8.50 13.79 12.71
CA PRO C 390 -8.33 12.47 12.08
C PRO C 390 -8.38 12.54 10.55
N VAL C 391 -7.34 12.00 9.92
CA VAL C 391 -7.28 12.04 8.48
C VAL C 391 -8.39 11.20 7.85
N ALA C 392 -8.92 10.21 8.57
CA ALA C 392 -10.03 9.44 8.02
C ALA C 392 -11.22 10.32 7.71
N TYR C 393 -11.44 11.38 8.51
CA TYR C 393 -12.57 12.25 8.25
C TYR C 393 -12.27 13.35 7.25
N LYS C 394 -11.00 13.71 7.04
CA LYS C 394 -10.68 14.48 5.85
C LYS C 394 -10.95 13.67 4.59
N ILE C 395 -10.60 12.38 4.60
CA ILE C 395 -10.90 11.51 3.46
C ILE C 395 -12.41 11.44 3.21
N ARG C 396 -13.19 11.26 4.29
CA ARG C 396 -14.64 11.23 4.15
C ARG C 396 -15.17 12.54 3.57
N GLU C 397 -14.61 13.67 4.02
CA GLU C 397 -15.03 14.97 3.51
C GLU C 397 -14.78 15.10 2.01
N VAL C 398 -13.61 14.65 1.54
CA VAL C 398 -13.33 14.72 0.10
C VAL C 398 -14.26 13.77 -0.65
N GLY C 399 -14.53 12.59 -0.07
CA GLY C 399 -15.40 11.63 -0.74
C GLY C 399 -16.84 12.09 -0.77
N ASN C 400 -17.33 12.65 0.33
CA ASN C 400 -18.68 13.24 0.35
C ASN C 400 -18.82 14.32 -0.71
N TRP C 401 -17.77 15.11 -0.94
CA TRP C 401 -17.82 16.11 -2.01
C TRP C 401 -17.86 15.46 -3.39
N PHE C 402 -16.93 14.54 -3.67
CA PHE C 402 -16.87 13.99 -5.01
C PHE C 402 -18.11 13.16 -5.34
N LEU C 403 -18.55 12.33 -4.39
CA LEU C 403 -19.68 11.44 -4.68
C LEU C 403 -21.02 12.15 -4.58
N ASN C 404 -21.20 12.97 -3.54
CA ASN C 404 -22.50 13.55 -3.25
C ASN C 404 -22.58 15.04 -3.56
N HIS C 405 -21.51 15.65 -4.08
CA HIS C 405 -21.45 17.08 -4.36
C HIS C 405 -21.75 17.91 -3.11
N ARG C 406 -21.40 17.39 -1.94
CA ARG C 406 -21.59 18.11 -0.69
C ARG C 406 -20.25 18.67 -0.22
N PHE C 407 -20.14 19.99 -0.17
CA PHE C 407 -18.95 20.61 0.39
C PHE C 407 -18.92 20.41 1.90
N PRO C 408 -17.74 20.43 2.52
CA PRO C 408 -17.65 20.23 3.96
C PRO C 408 -18.38 21.34 4.70
N THR C 409 -19.00 20.98 5.81
CA THR C 409 -19.64 21.96 6.66
C THR C 409 -18.55 22.77 7.37
N PRO C 410 -18.51 24.09 7.18
CA PRO C 410 -17.43 24.86 7.79
C PRO C 410 -17.47 24.75 9.31
N SER C 411 -16.30 24.62 9.91
CA SER C 411 -16.15 24.48 11.35
C SER C 411 -14.70 24.75 11.69
N PHE C 412 -14.34 24.56 12.97
CA PHE C 412 -12.94 24.68 13.34
C PHE C 412 -12.11 23.57 12.71
N TYR C 413 -12.76 22.53 12.19
CA TYR C 413 -12.11 21.34 11.69
C TYR C 413 -12.21 21.17 10.18
N SER C 414 -13.20 21.78 9.55
CA SER C 414 -13.45 21.52 8.14
C SER C 414 -14.10 22.73 7.48
N HIS D 15 1.84 -27.92 27.31
CA HIS D 15 1.27 -26.60 27.59
C HIS D 15 1.95 -25.96 28.81
N ARG D 16 2.61 -26.78 29.62
CA ARG D 16 3.31 -26.25 30.79
C ARG D 16 4.32 -25.19 30.38
N ALA D 17 5.15 -25.50 29.37
CA ALA D 17 6.20 -24.56 28.97
C ALA D 17 5.61 -23.24 28.52
N LEU D 18 4.56 -23.28 27.70
CA LEU D 18 3.97 -22.04 27.23
C LEU D 18 3.30 -21.28 28.39
N ASP D 19 2.75 -21.99 29.38
CA ASP D 19 2.21 -21.31 30.54
C ASP D 19 3.29 -20.53 31.28
N VAL D 20 4.47 -21.15 31.45
CA VAL D 20 5.58 -20.48 32.12
C VAL D 20 6.01 -19.24 31.34
N ALA D 21 6.12 -19.36 30.01
CA ALA D 21 6.48 -18.20 29.21
C ALA D 21 5.43 -17.10 29.31
N THR D 22 4.15 -17.46 29.30
CA THR D 22 3.08 -16.48 29.44
C THR D 22 3.20 -15.73 30.75
N GLU D 23 3.51 -16.44 31.83
CA GLU D 23 3.63 -15.77 33.13
C GLU D 23 4.85 -14.87 33.19
N LEU D 24 5.97 -15.31 32.62
CA LEU D 24 7.13 -14.43 32.51
C LEU D 24 6.76 -13.15 31.78
N ALA D 25 6.10 -13.29 30.63
CA ALA D 25 5.74 -12.13 29.83
C ALA D 25 4.87 -11.17 30.63
N LYS D 26 3.94 -11.70 31.42
CA LYS D 26 3.07 -10.85 32.23
C LYS D 26 3.87 -10.01 33.20
N THR D 27 4.88 -10.60 33.85
CA THR D 27 5.70 -9.82 34.77
C THR D 27 6.52 -8.78 34.01
N PHE D 28 7.04 -9.13 32.82
CA PHE D 28 7.85 -8.17 32.09
C PHE D 28 7.04 -6.96 31.63
N ARG D 29 5.76 -7.16 31.30
CA ARG D 29 4.93 -6.04 30.88
C ARG D 29 4.85 -4.96 31.94
N VAL D 30 4.87 -5.36 33.21
CA VAL D 30 4.67 -4.40 34.29
C VAL D 30 5.78 -3.35 34.29
N THR D 31 7.00 -3.74 33.93
CA THR D 31 8.17 -2.88 34.11
C THR D 31 8.85 -2.46 32.82
N VAL D 32 8.38 -2.89 31.65
CA VAL D 32 9.16 -2.68 30.43
C VAL D 32 9.27 -1.20 30.09
N ARG D 33 8.19 -0.44 30.28
CA ARG D 33 8.24 0.97 29.88
C ARG D 33 9.36 1.70 30.60
N GLU D 34 9.51 1.45 31.91
CA GLU D 34 10.56 2.11 32.68
C GLU D 34 11.93 1.54 32.35
N ARG D 35 12.04 0.22 32.24
CA ARG D 35 13.35 -0.41 32.05
C ARG D 35 13.98 -0.02 30.73
N GLU D 36 13.20 -0.02 29.64
CA GLU D 36 13.85 0.13 28.36
C GLU D 36 14.38 1.55 28.15
N ARG D 37 13.80 2.56 28.81
CA ARG D 37 14.35 3.90 28.73
C ARG D 37 15.81 3.92 29.18
N ALA D 38 16.11 3.22 30.28
CA ALA D 38 17.46 3.19 30.81
C ALA D 38 18.42 2.46 29.90
N GLY D 39 17.94 1.52 29.10
CA GLY D 39 18.87 0.70 28.35
C GLY D 39 19.64 -0.19 29.34
N GLY D 40 20.82 -0.60 28.92
CA GLY D 40 21.60 -1.41 29.83
C GLY D 40 21.03 -2.82 29.98
N THR D 41 21.57 -3.53 30.97
CA THR D 41 21.39 -4.98 31.05
C THR D 41 20.21 -5.34 31.94
N PRO D 42 19.23 -6.08 31.44
CA PRO D 42 18.06 -6.43 32.29
C PRO D 42 18.34 -7.68 33.13
N LYS D 43 19.22 -7.51 34.13
CA LYS D 43 19.75 -8.65 34.87
C LYS D 43 18.65 -9.40 35.63
N ALA D 44 17.82 -8.67 36.37
CA ALA D 44 16.74 -9.34 37.11
C ALA D 44 15.87 -10.19 36.20
N GLU D 45 15.53 -9.67 35.02
CA GLU D 45 14.65 -10.39 34.11
C GLU D 45 15.36 -11.58 33.48
N ARG D 46 16.64 -11.43 33.15
CA ARG D 46 17.42 -12.56 32.66
C ARG D 46 17.48 -13.67 33.71
N ASP D 47 17.62 -13.29 34.99
CA ASP D 47 17.64 -14.29 36.05
C ASP D 47 16.28 -14.97 36.20
N ALA D 48 15.20 -14.22 36.05
CA ALA D 48 13.88 -14.83 36.02
C ALA D 48 13.79 -15.89 34.92
N ILE D 49 14.31 -15.57 33.73
CA ILE D 49 14.31 -16.54 32.65
C ILE D 49 15.15 -17.77 33.02
N ARG D 50 16.30 -17.56 33.66
CA ARG D 50 17.12 -18.67 34.14
C ARG D 50 16.35 -19.55 35.12
N ARG D 51 15.66 -18.95 36.08
CA ARG D 51 14.93 -19.75 37.06
C ARG D 51 13.75 -20.50 36.43
N SER D 52 13.25 -20.02 35.29
CA SER D 52 12.10 -20.63 34.64
C SER D 52 12.40 -21.98 34.01
N GLY D 53 13.68 -22.26 33.72
CA GLY D 53 14.04 -23.47 33.00
C GLY D 53 13.87 -23.40 31.50
N LEU D 54 13.21 -22.36 30.98
CA LEU D 54 12.88 -22.35 29.55
C LEU D 54 14.13 -22.27 28.66
N LEU D 55 15.28 -21.83 29.18
CA LEU D 55 16.50 -21.84 28.36
C LEU D 55 16.91 -23.24 27.95
N THR D 56 16.39 -24.28 28.63
CA THR D 56 16.71 -25.67 28.35
C THR D 56 15.66 -26.35 27.48
N LEU D 57 14.76 -25.57 26.87
CA LEU D 57 13.64 -26.12 26.09
C LEU D 57 14.07 -27.22 25.12
N LEU D 58 15.17 -27.01 24.39
CA LEU D 58 15.56 -27.90 23.31
C LEU D 58 16.58 -28.94 23.73
N ILE D 59 17.01 -28.92 24.98
CA ILE D 59 17.89 -29.97 25.49
C ILE D 59 17.05 -31.19 25.87
N SER D 60 17.49 -32.37 25.45
CA SER D 60 16.70 -33.57 25.71
C SER D 60 16.54 -33.76 27.21
N LYS D 61 15.45 -34.42 27.59
CA LYS D 61 15.26 -34.78 28.99
C LYS D 61 16.41 -35.64 29.49
N GLU D 62 16.98 -36.47 28.61
CA GLU D 62 18.10 -37.31 28.98
C GLU D 62 19.29 -36.49 29.46
N ARG D 63 19.42 -35.25 28.98
CA ARG D 63 20.52 -34.39 29.38
C ARG D 63 20.10 -33.33 30.38
N GLY D 64 18.92 -33.49 30.97
CA GLY D 64 18.42 -32.59 32.00
C GLY D 64 17.49 -31.50 31.51
N GLY D 65 17.22 -31.45 30.20
CA GLY D 65 16.39 -30.40 29.64
C GLY D 65 14.92 -30.79 29.60
N LEU D 66 14.13 -29.92 28.94
CA LEU D 66 12.71 -30.09 28.87
C LEU D 66 12.26 -30.97 27.71
N GLY D 67 13.14 -31.28 26.77
CA GLY D 67 12.80 -32.10 25.63
C GLY D 67 11.63 -31.58 24.82
N GLU D 68 11.54 -30.26 24.65
CA GLU D 68 10.47 -29.67 23.88
C GLU D 68 10.89 -29.46 22.43
N SER D 69 9.98 -28.88 21.65
CA SER D 69 10.15 -28.77 20.21
C SER D 69 10.26 -27.30 19.79
N TRP D 70 10.69 -27.12 18.54
CA TRP D 70 10.78 -25.78 17.98
C TRP D 70 9.44 -25.03 17.94
N PRO D 71 8.31 -25.64 17.55
CA PRO D 71 7.04 -24.90 17.67
C PRO D 71 6.84 -24.27 19.05
N THR D 72 7.22 -24.97 20.12
CA THR D 72 7.06 -24.42 21.46
C THR D 72 8.03 -23.26 21.69
N VAL D 73 9.28 -23.42 21.24
CA VAL D 73 10.26 -22.34 21.36
C VAL D 73 9.78 -21.09 20.62
N TYR D 74 9.31 -21.26 19.38
CA TYR D 74 8.89 -20.10 18.59
C TYR D 74 7.69 -19.40 19.23
N GLU D 75 6.71 -20.19 19.70
CA GLU D 75 5.58 -19.58 20.40
C GLU D 75 6.04 -18.85 21.66
N ALA D 76 6.97 -19.44 22.42
CA ALA D 76 7.47 -18.77 23.63
C ALA D 76 8.17 -17.47 23.26
N ILE D 77 8.94 -17.47 22.17
CA ILE D 77 9.63 -16.24 21.72
C ILE D 77 8.62 -15.15 21.41
N ALA D 78 7.58 -15.46 20.65
CA ALA D 78 6.60 -14.45 20.28
C ALA D 78 5.87 -13.91 21.51
N GLU D 79 5.50 -14.82 22.42
CA GLU D 79 4.81 -14.41 23.65
C GLU D 79 5.66 -13.44 24.46
N ILE D 80 6.92 -13.78 24.73
CA ILE D 80 7.78 -12.90 25.50
C ILE D 80 7.99 -11.59 24.75
N ALA D 81 8.21 -11.67 23.44
CA ALA D 81 8.48 -10.47 22.66
C ALA D 81 7.29 -9.52 22.65
N SER D 82 6.07 -10.05 22.69
CA SER D 82 4.89 -9.20 22.75
C SER D 82 4.88 -8.35 24.01
N ALA D 83 5.58 -8.79 25.07
CA ALA D 83 5.64 -8.08 26.34
C ALA D 83 6.87 -7.18 26.44
N ASP D 84 8.02 -7.65 25.98
CA ASP D 84 9.28 -6.91 26.08
C ASP D 84 10.13 -7.41 24.92
N ALA D 85 10.24 -6.58 23.87
CA ALA D 85 10.92 -7.04 22.66
C ALA D 85 12.40 -7.36 22.91
N SER D 86 13.06 -6.63 23.83
CA SER D 86 14.46 -6.92 24.14
C SER D 86 14.61 -8.27 24.82
N LEU D 87 13.72 -8.58 25.76
CA LEU D 87 13.77 -9.90 26.39
C LEU D 87 13.42 -11.01 25.41
N GLY D 88 12.44 -10.77 24.53
CA GLY D 88 12.15 -11.74 23.49
C GLY D 88 13.34 -11.97 22.58
N HIS D 89 14.03 -10.88 22.23
CA HIS D 89 15.24 -10.97 21.41
C HIS D 89 16.35 -11.75 22.13
N LEU D 90 16.64 -11.39 23.38
CA LEU D 90 17.68 -12.11 24.12
C LEU D 90 17.36 -13.61 24.18
N PHE D 91 16.12 -13.92 24.53
CA PHE D 91 15.64 -15.30 24.61
C PHE D 91 15.76 -15.99 23.25
N GLY D 92 15.29 -15.34 22.19
CA GLY D 92 15.36 -15.96 20.87
C GLY D 92 16.78 -16.20 20.40
N TYR D 93 17.65 -15.21 20.57
CA TYR D 93 19.04 -15.39 20.15
C TYR D 93 19.74 -16.48 20.96
N HIS D 94 19.36 -16.65 22.22
CA HIS D 94 19.89 -17.78 22.97
C HIS D 94 19.66 -19.08 22.21
N PHE D 95 18.47 -19.24 21.62
CA PHE D 95 18.19 -20.45 20.85
C PHE D 95 18.88 -20.46 19.48
N SER D 96 19.16 -19.27 18.89
CA SER D 96 19.99 -19.27 17.69
C SER D 96 21.39 -19.78 18.01
N ASN D 97 21.97 -19.28 19.10
CA ASN D 97 23.28 -19.73 19.55
C ASN D 97 23.25 -21.23 19.84
N PHE D 98 22.22 -21.69 20.57
CA PHE D 98 22.08 -23.10 20.89
C PHE D 98 21.99 -23.94 19.61
N ALA D 99 21.21 -23.47 18.64
CA ALA D 99 21.06 -24.20 17.38
C ALA D 99 22.41 -24.36 16.70
N TYR D 100 23.24 -23.31 16.73
CA TYR D 100 24.54 -23.45 16.08
C TYR D 100 25.36 -24.51 16.78
N VAL D 101 25.43 -24.44 18.12
CA VAL D 101 26.15 -25.45 18.89
C VAL D 101 25.63 -26.85 18.57
N ASP D 102 24.31 -27.00 18.54
CA ASP D 102 23.77 -28.35 18.35
C ASP D 102 24.13 -28.90 16.98
N LEU D 103 24.17 -28.03 15.96
CA LEU D 103 24.39 -28.48 14.59
C LEU D 103 25.85 -28.75 14.30
N PHE D 104 26.78 -28.23 15.10
CA PHE D 104 28.20 -28.37 14.82
C PHE D 104 29.01 -29.06 15.91
N ALA D 105 28.55 -29.06 17.16
CA ALA D 105 29.30 -29.71 18.23
C ALA D 105 29.23 -31.23 18.08
N SER D 106 30.24 -31.89 18.60
CA SER D 106 30.26 -33.34 18.58
C SER D 106 29.33 -33.91 19.65
N PRO D 107 28.92 -35.17 19.53
CA PRO D 107 28.16 -35.80 20.62
C PRO D 107 28.90 -35.73 21.95
N GLU D 108 30.21 -35.92 21.93
CA GLU D 108 30.98 -35.87 23.17
C GLU D 108 30.92 -34.49 23.81
N GLN D 109 31.01 -33.43 23.00
CA GLN D 109 30.89 -32.08 23.53
C GLN D 109 29.49 -31.81 24.08
N LYS D 110 28.45 -32.24 23.35
CA LYS D 110 27.10 -31.97 23.81
C LYS D 110 26.78 -32.74 25.09
N ALA D 111 27.35 -33.94 25.26
CA ALA D 111 27.10 -34.70 26.48
C ALA D 111 27.68 -34.01 27.71
N ARG D 112 28.72 -33.20 27.55
CA ARG D 112 29.28 -32.42 28.63
C ARG D 112 28.58 -31.07 28.77
N TRP D 113 28.44 -30.34 27.66
CA TRP D 113 27.93 -28.97 27.73
C TRP D 113 26.47 -28.92 28.18
N TYR D 114 25.62 -29.83 27.69
CA TYR D 114 24.20 -29.62 27.89
C TYR D 114 23.80 -29.84 29.35
N PRO D 115 24.28 -30.90 30.01
CA PRO D 115 24.01 -31.00 31.45
C PRO D 115 24.56 -29.83 32.23
N GLN D 116 25.73 -29.31 31.83
CA GLN D 116 26.29 -28.13 32.48
C GLN D 116 25.41 -26.91 32.24
N ALA D 117 24.90 -26.73 31.03
CA ALA D 117 24.01 -25.60 30.74
C ALA D 117 22.76 -25.64 31.61
N VAL D 118 22.25 -26.86 31.87
CA VAL D 118 21.08 -27.02 32.74
C VAL D 118 21.43 -26.68 34.19
N ARG D 119 22.52 -27.27 34.68
CA ARG D 119 22.92 -27.12 36.08
C ARG D 119 23.32 -25.69 36.40
N GLU D 120 23.97 -25.01 35.47
CA GLU D 120 24.46 -23.67 35.70
C GLU D 120 23.53 -22.60 35.14
N ARG D 121 22.39 -22.99 34.57
CA ARG D 121 21.37 -22.07 34.05
C ARG D 121 21.99 -21.10 33.05
N TRP D 122 22.59 -21.69 32.01
CA TRP D 122 23.32 -20.91 31.01
C TRP D 122 22.37 -20.08 30.13
N PHE D 123 22.74 -18.82 29.93
CA PHE D 123 22.08 -17.89 29.02
C PHE D 123 23.16 -17.47 28.03
N LEU D 124 23.00 -17.86 26.76
CA LEU D 124 24.06 -17.73 25.77
C LEU D 124 24.03 -16.36 25.09
N GLY D 125 25.21 -15.86 24.73
CA GLY D 125 25.34 -14.69 23.88
C GLY D 125 26.27 -15.00 22.72
N ASN D 126 26.45 -14.02 21.84
CA ASN D 126 27.32 -14.24 20.70
C ASN D 126 28.11 -12.98 20.37
N ALA D 127 29.25 -13.20 19.73
CA ALA D 127 30.10 -12.15 19.18
C ALA D 127 30.53 -12.62 17.80
N SER D 128 29.87 -12.09 16.77
CA SER D 128 29.93 -12.68 15.42
C SER D 128 30.16 -11.64 14.35
N SER D 129 29.27 -10.64 14.28
CA SER D 129 29.37 -9.66 13.19
C SER D 129 30.38 -8.56 13.52
N GLU D 130 30.68 -7.75 12.51
CA GLU D 130 31.72 -6.73 12.65
C GLU D 130 31.28 -5.45 11.93
N ASN D 131 32.06 -4.39 12.14
CA ASN D 131 31.71 -3.10 11.55
C ASN D 131 32.74 -2.66 10.51
N ASN D 132 33.02 -3.52 9.54
CA ASN D 132 33.97 -3.19 8.49
C ASN D 132 33.21 -2.69 7.26
N ALA D 133 33.87 -2.69 6.09
CA ALA D 133 33.31 -2.01 4.92
C ALA D 133 31.99 -2.63 4.47
N HIS D 134 31.77 -3.91 4.76
CA HIS D 134 30.52 -4.58 4.40
C HIS D 134 30.42 -5.82 5.26
N VAL D 135 29.22 -6.43 5.28
CA VAL D 135 28.96 -7.49 6.23
C VAL D 135 29.84 -8.72 6.00
N LEU D 136 30.41 -8.90 4.81
CA LEU D 136 31.27 -10.07 4.61
C LEU D 136 32.67 -9.89 5.20
N ASP D 137 33.11 -8.63 5.33
CA ASP D 137 34.49 -8.29 5.69
C ASP D 137 34.72 -8.59 7.17
N TRP D 138 35.25 -9.78 7.47
CA TRP D 138 35.59 -10.14 8.86
C TRP D 138 37.09 -10.03 9.09
N ARG D 139 37.46 -9.45 10.23
CA ARG D 139 38.85 -9.18 10.56
C ARG D 139 39.25 -9.60 11.97
N VAL D 140 38.33 -10.12 12.77
CA VAL D 140 38.70 -10.74 14.04
C VAL D 140 39.38 -12.07 13.73
N THR D 141 40.62 -12.24 14.19
CA THR D 141 41.47 -13.35 13.76
C THR D 141 41.59 -14.42 14.83
N ALA D 142 41.84 -15.66 14.36
CA ALA D 142 42.14 -16.81 15.20
C ALA D 142 43.48 -17.34 14.77
N THR D 143 44.49 -17.14 15.62
CA THR D 143 45.86 -17.57 15.31
C THR D 143 46.10 -18.94 15.90
N PRO D 144 46.45 -19.94 15.10
CA PRO D 144 46.65 -21.28 15.65
C PRO D 144 47.91 -21.34 16.51
N LEU D 145 47.79 -22.02 17.65
CA LEU D 145 48.90 -22.28 18.56
C LEU D 145 49.30 -23.74 18.48
N PRO D 146 50.54 -24.07 18.85
CA PRO D 146 51.05 -25.43 18.58
C PRO D 146 50.24 -26.54 19.25
N ASP D 147 49.59 -26.28 20.38
CA ASP D 147 48.86 -27.31 21.10
C ASP D 147 47.44 -27.52 20.58
N GLY D 148 47.08 -26.89 19.46
CA GLY D 148 45.72 -26.98 18.97
C GLY D 148 44.79 -25.88 19.44
N SER D 149 45.24 -25.05 20.37
CA SER D 149 44.48 -23.88 20.78
C SER D 149 44.56 -22.80 19.70
N TYR D 150 43.73 -21.77 19.88
CA TYR D 150 43.79 -20.57 19.05
C TYR D 150 43.83 -19.35 19.96
N GLU D 151 44.38 -18.26 19.42
CA GLU D 151 44.33 -16.96 20.07
C GLU D 151 43.46 -16.03 19.23
N ILE D 152 42.45 -15.41 19.88
CA ILE D 152 41.49 -14.54 19.19
C ILE D 152 41.86 -13.08 19.45
N ASN D 153 41.84 -12.26 18.39
CA ASN D 153 42.16 -10.84 18.49
C ASN D 153 41.25 -10.03 17.58
N GLY D 154 40.65 -8.98 18.13
CA GLY D 154 39.84 -8.07 17.35
C GLY D 154 38.55 -7.65 18.02
N THR D 155 37.76 -6.80 17.36
CA THR D 155 36.53 -6.28 17.93
C THR D 155 35.33 -6.69 17.10
N LYS D 156 34.32 -7.24 17.78
CA LYS D 156 33.05 -7.63 17.19
C LYS D 156 31.99 -6.56 17.51
N ALA D 157 31.01 -6.45 16.62
CA ALA D 157 29.90 -5.52 16.77
C ALA D 157 28.58 -6.29 16.85
N PHE D 158 27.55 -5.63 17.40
CA PHE D 158 26.21 -6.22 17.49
C PHE D 158 26.24 -7.56 18.25
N CYS D 159 26.89 -7.56 19.40
CA CYS D 159 27.06 -8.79 20.17
C CYS D 159 25.89 -8.99 21.13
N SER D 160 24.74 -9.40 20.57
CA SER D 160 23.54 -9.53 21.36
C SER D 160 23.75 -10.47 22.55
N GLY D 161 23.24 -10.05 23.70
CA GLY D 161 23.33 -10.87 24.89
C GLY D 161 24.74 -11.06 25.40
N SER D 162 25.69 -10.23 24.98
CA SER D 162 27.06 -10.41 25.43
C SER D 162 27.24 -10.06 26.91
N ALA D 163 26.37 -9.22 27.47
CA ALA D 163 26.44 -8.91 28.89
C ALA D 163 25.74 -10.00 29.71
N ASP D 164 26.34 -10.37 30.83
CA ASP D 164 25.74 -11.36 31.72
C ASP D 164 25.63 -12.72 31.06
N ALA D 165 26.42 -12.97 30.02
CA ALA D 165 26.33 -14.24 29.30
C ALA D 165 27.18 -15.30 29.99
N ASP D 166 26.65 -16.50 30.10
CA ASP D 166 27.44 -17.59 30.68
C ASP D 166 28.44 -18.15 29.69
N ARG D 167 28.10 -18.17 28.41
CA ARG D 167 29.02 -18.54 27.34
C ARG D 167 28.76 -17.63 26.15
N LEU D 168 29.82 -17.34 25.41
CA LEU D 168 29.72 -16.61 24.14
C LEU D 168 30.01 -17.55 22.98
N LEU D 169 29.12 -17.56 21.99
CA LEU D 169 29.43 -18.16 20.70
C LEU D 169 30.21 -17.13 19.88
N VAL D 170 31.45 -17.48 19.51
CA VAL D 170 32.40 -16.55 18.91
C VAL D 170 32.83 -17.11 17.56
N PHE D 171 32.95 -16.21 16.58
CA PHE D 171 33.38 -16.52 15.22
C PHE D 171 34.61 -15.69 14.89
N ALA D 172 35.60 -16.33 14.24
CA ALA D 172 36.84 -15.67 13.84
C ALA D 172 37.34 -16.31 12.56
N VAL D 173 38.30 -15.64 11.90
CA VAL D 173 38.92 -16.18 10.69
C VAL D 173 40.39 -16.49 11.00
N THR D 174 40.87 -17.63 10.48
CA THR D 174 42.22 -18.04 10.79
C THR D 174 43.22 -17.05 10.19
N SER D 175 44.34 -16.90 10.89
CA SER D 175 45.39 -15.97 10.53
C SER D 175 46.72 -16.60 10.93
N ARG D 176 47.78 -16.26 10.21
CA ARG D 176 49.10 -16.85 10.46
C ARG D 176 49.00 -18.38 10.45
N ASP D 177 48.20 -18.90 9.53
CA ASP D 177 47.81 -20.30 9.54
C ASP D 177 48.46 -21.04 8.38
N PRO D 178 49.41 -21.95 8.62
CA PRO D 178 50.04 -22.66 7.50
C PRO D 178 49.07 -23.54 6.74
N ASN D 179 47.91 -23.84 7.31
CA ASN D 179 46.92 -24.71 6.66
C ASN D 179 45.81 -23.91 5.99
N GLY D 180 45.95 -22.59 5.95
CA GLY D 180 45.07 -21.75 5.17
C GLY D 180 44.48 -20.60 5.96
N ASP D 181 44.68 -19.37 5.51
CA ASP D 181 44.12 -18.22 6.20
C ASP D 181 42.69 -17.95 5.71
N GLY D 182 41.95 -17.21 6.54
CA GLY D 182 40.60 -16.79 6.19
C GLY D 182 39.53 -17.81 6.46
N ARG D 183 39.86 -18.94 7.08
CA ARG D 183 38.89 -19.99 7.34
C ARG D 183 38.15 -19.69 8.63
N ILE D 184 36.82 -19.85 8.61
CA ILE D 184 35.99 -19.49 9.76
C ILE D 184 36.07 -20.57 10.83
N VAL D 185 36.39 -20.15 12.05
CA VAL D 185 36.35 -21.02 13.22
C VAL D 185 35.29 -20.48 14.17
N ALA D 186 34.60 -21.39 14.84
CA ALA D 186 33.59 -21.04 15.83
C ALA D 186 33.94 -21.71 17.14
N ALA D 187 33.65 -21.03 18.25
CA ALA D 187 33.92 -21.61 19.56
C ALA D 187 32.89 -21.10 20.55
N LEU D 188 32.75 -21.85 21.65
CA LEU D 188 31.86 -21.52 22.76
C LEU D 188 32.73 -21.36 23.99
N ILE D 189 32.85 -20.13 24.50
CA ILE D 189 33.86 -19.83 25.52
C ILE D 189 33.21 -19.03 26.65
N PRO D 190 33.80 -19.05 27.85
CA PRO D 190 33.28 -18.22 28.94
C PRO D 190 33.46 -16.76 28.62
N SER D 191 32.46 -15.96 29.03
CA SER D 191 32.50 -14.53 28.72
C SER D 191 33.50 -13.78 29.58
N ASP D 192 33.99 -14.39 30.66
CA ASP D 192 34.98 -13.75 31.51
C ASP D 192 36.38 -14.34 31.34
N ARG D 193 36.61 -15.10 30.26
CA ARG D 193 37.97 -15.53 29.96
C ARG D 193 38.87 -14.33 29.79
N ALA D 194 40.13 -14.49 30.19
CA ALA D 194 41.08 -13.38 30.12
C ALA D 194 41.18 -12.84 28.70
N GLY D 195 41.13 -11.52 28.57
CA GLY D 195 41.23 -10.87 27.29
C GLY D 195 39.91 -10.52 26.65
N VAL D 196 38.79 -11.03 27.15
CA VAL D 196 37.46 -10.69 26.65
C VAL D 196 36.99 -9.43 27.37
N GLN D 197 36.64 -8.40 26.59
CA GLN D 197 36.15 -7.15 27.14
C GLN D 197 34.81 -6.81 26.52
N VAL D 198 33.74 -6.95 27.29
CA VAL D 198 32.42 -6.51 26.85
C VAL D 198 32.32 -5.01 27.07
N ASN D 199 32.06 -4.25 26.00
CA ASN D 199 32.27 -2.81 26.06
C ASN D 199 31.07 -2.01 26.53
N GLY D 200 29.86 -2.56 26.49
CA GLY D 200 28.72 -1.84 27.02
C GLY D 200 28.43 -0.52 26.33
N ASP D 201 28.50 -0.50 25.00
CA ASP D 201 28.29 0.71 24.20
C ASP D 201 27.02 0.63 23.36
N TRP D 202 26.04 -0.16 23.79
CA TRP D 202 24.77 -0.29 23.09
C TRP D 202 23.84 0.83 23.52
N ASP D 203 23.46 1.69 22.56
CA ASP D 203 22.58 2.83 22.85
C ASP D 203 21.76 3.08 21.57
N SER D 204 20.60 2.43 21.50
CA SER D 204 19.90 2.24 20.24
C SER D 204 18.50 2.84 20.29
N LEU D 205 17.90 3.03 19.11
CA LEU D 205 16.54 3.54 19.04
C LEU D 205 15.57 2.62 19.74
N GLY D 206 15.60 1.33 19.40
CA GLY D 206 14.76 0.31 19.99
C GLY D 206 15.61 -0.91 20.29
N MET D 207 14.97 -1.96 20.77
CA MET D 207 15.68 -3.14 21.29
C MET D 207 16.74 -2.69 22.30
N ARG D 208 16.34 -1.79 23.21
CA ARG D 208 17.32 -1.07 24.00
C ARG D 208 17.98 -1.88 25.09
N GLN D 209 17.46 -3.07 25.43
CA GLN D 209 18.07 -3.88 26.49
C GLN D 209 18.60 -5.22 25.98
N THR D 210 19.02 -5.27 24.72
CA THR D 210 19.59 -6.49 24.16
C THR D 210 21.10 -6.55 24.30
N ASP D 211 21.74 -5.48 24.78
CA ASP D 211 23.19 -5.45 25.02
C ASP D 211 23.96 -5.81 23.74
N SER D 212 23.47 -5.35 22.59
CA SER D 212 24.09 -5.67 21.30
C SER D 212 25.26 -4.75 20.94
N GLY D 213 26.09 -4.43 21.93
CA GLY D 213 27.24 -3.58 21.73
C GLY D 213 28.43 -4.37 21.22
N SER D 214 29.60 -3.76 21.35
CA SER D 214 30.83 -4.38 20.85
C SER D 214 31.54 -5.19 21.93
N VAL D 215 32.37 -6.12 21.48
CA VAL D 215 33.17 -6.99 22.35
C VAL D 215 34.58 -7.04 21.78
N THR D 216 35.56 -6.74 22.60
CA THR D 216 36.95 -6.70 22.17
C THR D 216 37.70 -7.89 22.74
N PHE D 217 38.41 -8.61 21.85
CA PHE D 217 39.19 -9.78 22.21
C PHE D 217 40.67 -9.41 22.14
N SER D 218 41.37 -9.60 23.25
CA SER D 218 42.80 -9.29 23.33
C SER D 218 43.54 -10.57 23.71
N GLY D 219 44.14 -11.22 22.73
CA GLY D 219 44.89 -12.45 23.00
C GLY D 219 44.09 -13.51 23.72
N VAL D 220 42.82 -13.69 23.34
CA VAL D 220 41.93 -14.60 24.03
C VAL D 220 42.20 -16.04 23.59
N VAL D 221 42.43 -16.91 24.56
CA VAL D 221 42.75 -18.29 24.26
C VAL D 221 41.46 -19.07 24.06
N VAL D 222 41.43 -19.90 23.02
CA VAL D 222 40.36 -20.86 22.79
C VAL D 222 40.98 -22.26 22.78
N TYR D 223 40.41 -23.18 23.62
CA TYR D 223 40.98 -24.52 23.75
C TYR D 223 40.33 -25.48 22.77
N PRO D 224 41.08 -26.51 22.36
CA PRO D 224 40.54 -27.44 21.35
C PRO D 224 39.16 -27.98 21.65
N ASP D 225 38.84 -28.25 22.93
CA ASP D 225 37.54 -28.82 23.24
C ASP D 225 36.44 -27.77 23.31
N GLU D 226 36.74 -26.52 22.98
CA GLU D 226 35.75 -25.47 22.87
C GLU D 226 35.40 -25.15 21.42
N LEU D 227 36.12 -25.73 20.47
CA LEU D 227 35.90 -25.44 19.06
C LEU D 227 34.69 -26.19 18.54
N LEU D 228 33.95 -25.54 17.65
CA LEU D 228 32.77 -26.15 17.03
C LEU D 228 33.14 -26.54 15.61
N GLY D 229 33.42 -27.82 15.40
CA GLY D 229 33.91 -28.27 14.10
C GLY D 229 35.34 -27.83 13.85
N THR D 230 35.74 -27.95 12.60
CA THR D 230 37.07 -27.62 12.11
C THR D 230 37.05 -26.31 11.34
N PRO D 231 38.21 -25.72 11.08
CA PRO D 231 38.22 -24.43 10.36
C PRO D 231 37.59 -24.55 8.98
N GLY D 232 36.72 -23.59 8.66
CA GLY D 232 36.00 -23.61 7.41
C GLY D 232 34.84 -24.58 7.34
N GLN D 233 34.57 -25.33 8.39
CA GLN D 233 33.50 -26.33 8.30
C GLN D 233 32.16 -25.69 8.03
N VAL D 234 31.89 -24.52 8.62
CA VAL D 234 30.60 -23.88 8.40
C VAL D 234 30.45 -23.48 6.94
N THR D 235 31.55 -22.99 6.33
CA THR D 235 31.54 -22.66 4.91
C THR D 235 31.24 -23.89 4.07
N ASP D 236 31.82 -25.03 4.42
CA ASP D 236 31.58 -26.25 3.67
C ASP D 236 30.13 -26.70 3.80
N ALA D 237 29.56 -26.58 5.00
CA ALA D 237 28.15 -26.97 5.18
C ALA D 237 27.21 -26.03 4.43
N PHE D 238 27.49 -24.72 4.44
CA PHE D 238 26.71 -23.78 3.64
C PHE D 238 26.79 -24.15 2.16
N ALA D 239 28.01 -24.43 1.69
CA ALA D 239 28.21 -24.68 0.25
C ALA D 239 27.47 -25.91 -0.21
N SER D 240 27.25 -26.87 0.68
CA SER D 240 26.58 -28.11 0.31
C SER D 240 25.11 -28.15 0.69
N GLY D 241 24.59 -27.09 1.32
CA GLY D 241 23.19 -27.08 1.71
C GLY D 241 22.81 -28.23 2.62
N SER D 242 23.75 -28.68 3.45
CA SER D 242 23.52 -29.81 4.34
C SER D 242 22.91 -29.33 5.66
N LYS D 243 22.62 -30.30 6.54
CA LYS D 243 21.81 -30.01 7.72
C LYS D 243 22.31 -28.84 8.54
N PRO D 244 23.62 -28.64 8.75
CA PRO D 244 24.05 -27.50 9.57
C PRO D 244 23.66 -26.16 8.97
N SER D 245 23.37 -26.12 7.66
CA SER D 245 22.91 -24.87 7.06
C SER D 245 21.47 -24.55 7.44
N LEU D 246 20.79 -25.44 8.16
CA LEU D 246 19.50 -25.10 8.73
C LEU D 246 19.60 -23.95 9.71
N TRP D 247 20.81 -23.64 10.20
CA TRP D 247 20.94 -22.58 11.18
C TRP D 247 20.27 -21.29 10.68
N THR D 248 20.38 -20.99 9.39
CA THR D 248 19.85 -19.72 8.89
C THR D 248 18.33 -19.69 8.86
N PRO D 249 17.62 -20.64 8.24
CA PRO D 249 16.16 -20.58 8.34
C PRO D 249 15.66 -20.66 9.77
N ILE D 250 16.33 -21.42 10.63
CA ILE D 250 15.93 -21.44 12.03
C ILE D 250 15.99 -20.04 12.62
N THR D 251 17.11 -19.35 12.38
CA THR D 251 17.35 -18.05 13.01
C THR D 251 16.48 -16.97 12.38
N GLN D 252 16.34 -17.01 11.06
CA GLN D 252 15.46 -16.06 10.40
C GLN D 252 14.01 -16.24 10.83
N LEU D 253 13.61 -17.47 11.20
CA LEU D 253 12.27 -17.67 11.73
C LEU D 253 12.16 -17.18 13.18
N ILE D 254 13.27 -17.18 13.93
CA ILE D 254 13.29 -16.52 15.24
C ILE D 254 12.97 -15.04 15.08
N PHE D 255 13.62 -14.37 14.12
CA PHE D 255 13.35 -12.96 13.87
C PHE D 255 11.88 -12.75 13.52
N THR D 256 11.34 -13.60 12.64
CA THR D 256 9.95 -13.51 12.25
C THR D 256 9.03 -13.51 13.46
N HIS D 257 9.32 -14.37 14.45
CA HIS D 257 8.45 -14.47 15.61
C HIS D 257 8.62 -13.28 16.54
N LEU D 258 9.79 -12.63 16.54
CA LEU D 258 9.89 -11.34 17.23
C LEU D 258 8.93 -10.33 16.61
N TYR D 259 8.87 -10.27 15.28
CA TYR D 259 8.00 -9.31 14.60
C TYR D 259 6.54 -9.62 14.84
N LEU D 260 6.15 -10.91 14.77
CA LEU D 260 4.77 -11.27 15.06
C LEU D 260 4.41 -10.96 16.50
N GLY D 261 5.33 -11.23 17.43
CA GLY D 261 5.10 -10.90 18.83
C GLY D 261 4.92 -9.41 19.07
N ILE D 262 5.84 -8.60 18.52
CA ILE D 262 5.70 -7.14 18.64
C ILE D 262 4.37 -6.68 18.04
N ALA D 263 3.99 -7.25 16.88
CA ALA D 263 2.75 -6.84 16.25
C ALA D 263 1.55 -7.12 17.15
N ARG D 264 1.49 -8.32 17.74
CA ARG D 264 0.39 -8.66 18.62
C ARG D 264 0.40 -7.76 19.86
N GLY D 265 1.56 -7.54 20.46
CA GLY D 265 1.61 -6.68 21.64
C GLY D 265 1.14 -5.28 21.34
N ALA D 266 1.55 -4.72 20.20
CA ALA D 266 1.16 -3.36 19.84
C ALA D 266 -0.34 -3.26 19.59
N LEU D 267 -0.91 -4.24 18.88
CA LEU D 267 -2.35 -4.27 18.65
C LEU D 267 -3.12 -4.34 19.96
N GLU D 268 -2.68 -5.18 20.90
CA GLU D 268 -3.40 -5.31 22.16
C GLU D 268 -3.30 -4.03 22.98
N GLU D 269 -2.10 -3.43 23.04
CA GLU D 269 -1.94 -2.20 23.81
C GLU D 269 -2.77 -1.06 23.21
N ALA D 270 -2.79 -0.96 21.88
CA ALA D 270 -3.60 0.08 21.23
C ALA D 270 -5.09 -0.12 21.52
N ALA D 271 -5.56 -1.37 21.49
CA ALA D 271 -6.98 -1.62 21.68
C ALA D 271 -7.39 -1.24 23.10
N HIS D 272 -6.51 -1.48 24.07
CA HIS D 272 -6.79 -1.05 25.43
C HIS D 272 -6.97 0.45 25.52
N TYR D 273 -6.12 1.23 24.85
CA TYR D 273 -6.28 2.68 24.82
C TYR D 273 -7.55 3.08 24.08
N SER D 274 -7.82 2.45 22.94
CA SER D 274 -9.02 2.81 22.19
C SER D 274 -10.27 2.57 23.03
N ARG D 275 -10.29 1.49 23.82
CA ARG D 275 -11.46 1.21 24.65
C ARG D 275 -11.54 2.15 25.85
N SER D 276 -10.41 2.58 26.39
CA SER D 276 -10.39 3.32 27.66
C SER D 276 -10.34 4.82 27.49
N HIS D 277 -9.64 5.33 26.47
CA HIS D 277 -9.30 6.74 26.47
C HIS D 277 -9.69 7.48 25.19
N SER D 278 -9.75 6.78 24.05
CA SER D 278 -10.10 7.47 22.82
C SER D 278 -11.47 8.13 22.93
N ARG D 279 -11.60 9.31 22.32
CA ARG D 279 -12.83 10.09 22.33
C ARG D 279 -13.57 9.98 21.01
N PRO D 280 -14.90 9.96 21.03
CA PRO D 280 -15.65 9.82 19.77
C PRO D 280 -15.56 11.10 18.96
N PHE D 281 -15.46 10.95 17.63
CA PHE D 281 -15.43 12.10 16.75
C PHE D 281 -16.88 12.55 16.55
N THR D 282 -17.40 13.28 17.55
CA THR D 282 -18.79 13.71 17.52
C THR D 282 -19.08 14.61 16.33
N LEU D 283 -18.09 15.39 15.87
CA LEU D 283 -18.24 16.22 14.68
C LEU D 283 -18.91 15.44 13.56
N ALA D 284 -18.60 14.16 13.45
CA ALA D 284 -19.12 13.31 12.38
C ALA D 284 -20.24 12.40 12.86
N GLY D 285 -20.79 12.63 14.04
CA GLY D 285 -21.91 11.86 14.54
C GLY D 285 -21.56 10.59 15.26
N VAL D 286 -20.27 10.32 15.48
CA VAL D 286 -19.86 9.13 16.22
C VAL D 286 -20.18 9.32 17.70
N GLU D 287 -20.71 8.28 18.33
CA GLU D 287 -21.02 8.33 19.75
C GLU D 287 -20.03 7.58 20.62
N LYS D 288 -19.40 6.53 20.11
CA LYS D 288 -18.39 5.77 20.83
C LYS D 288 -17.22 5.55 19.89
N ALA D 289 -16.00 5.79 20.37
CA ALA D 289 -14.83 5.53 19.53
C ALA D 289 -14.74 4.07 19.12
N THR D 290 -15.19 3.15 19.98
CA THR D 290 -15.14 1.73 19.66
C THR D 290 -16.18 1.32 18.61
N GLU D 291 -17.06 2.22 18.23
CA GLU D 291 -17.99 1.99 17.13
C GLU D 291 -17.62 2.80 15.89
N ASP D 292 -16.49 3.48 15.91
CA ASP D 292 -16.12 4.30 14.78
C ASP D 292 -15.75 3.41 13.60
N PRO D 293 -16.32 3.63 12.42
CA PRO D 293 -16.05 2.68 11.31
C PRO D 293 -14.60 2.65 10.90
N TYR D 294 -13.88 3.76 11.02
CA TYR D 294 -12.49 3.78 10.56
C TYR D 294 -11.53 3.26 11.62
N VAL D 295 -11.86 3.46 12.90
CA VAL D 295 -11.15 2.76 13.98
C VAL D 295 -11.30 1.26 13.80
N LEU D 296 -12.52 0.80 13.56
CA LEU D 296 -12.78 -0.64 13.45
C LEU D 296 -12.05 -1.23 12.25
N ALA D 297 -11.97 -0.46 11.15
CA ALA D 297 -11.28 -0.93 9.96
C ALA D 297 -9.77 -1.08 10.19
N ILE D 298 -9.16 -0.16 10.94
CA ILE D 298 -7.73 -0.29 11.24
C ILE D 298 -7.47 -1.57 12.03
N TYR D 299 -8.25 -1.80 13.09
CA TYR D 299 -8.05 -3.02 13.88
C TYR D 299 -8.33 -4.26 13.05
N GLY D 300 -9.38 -4.22 12.22
CA GLY D 300 -9.71 -5.37 11.40
C GLY D 300 -8.64 -5.71 10.37
N GLU D 301 -8.14 -4.69 9.66
CA GLU D 301 -7.13 -4.96 8.63
C GLU D 301 -5.88 -5.59 9.22
N PHE D 302 -5.39 -5.03 10.31
CA PHE D 302 -4.15 -5.51 10.89
C PHE D 302 -4.36 -6.82 11.66
N ALA D 303 -5.48 -6.94 12.41
CA ALA D 303 -5.78 -8.21 13.07
C ALA D 303 -5.89 -9.34 12.06
N ALA D 304 -6.53 -9.08 10.91
CA ALA D 304 -6.68 -10.10 9.87
C ALA D 304 -5.33 -10.56 9.34
N GLN D 305 -4.46 -9.61 8.97
CA GLN D 305 -3.15 -9.97 8.47
C GLN D 305 -2.37 -10.73 9.53
N LEU D 306 -2.50 -10.33 10.80
CA LEU D 306 -1.80 -11.03 11.85
C LEU D 306 -2.30 -12.47 11.99
N GLN D 307 -3.61 -12.69 11.92
CA GLN D 307 -4.10 -14.06 12.07
C GLN D 307 -3.50 -14.96 11.00
N VAL D 308 -3.47 -14.48 9.74
CA VAL D 308 -2.98 -15.32 8.65
C VAL D 308 -1.47 -15.55 8.80
N ALA D 309 -0.73 -14.50 9.17
CA ALA D 309 0.71 -14.66 9.35
C ALA D 309 1.03 -15.61 10.49
N GLU D 310 0.29 -15.52 11.61
CA GLU D 310 0.56 -16.43 12.72
C GLU D 310 0.23 -17.87 12.35
N ALA D 311 -0.85 -18.07 11.60
CA ALA D 311 -1.21 -19.42 11.19
C ALA D 311 -0.17 -20.00 10.25
N GLY D 312 0.27 -19.22 9.26
CA GLY D 312 1.32 -19.71 8.38
C GLY D 312 2.62 -19.96 9.11
N ALA D 313 2.93 -19.14 10.12
CA ALA D 313 4.18 -19.30 10.84
C ALA D 313 4.20 -20.61 11.60
N ARG D 314 3.04 -21.06 12.10
CA ARG D 314 2.97 -22.33 12.81
C ARG D 314 3.31 -23.50 11.89
N GLU D 315 2.82 -23.47 10.65
CA GLU D 315 3.18 -24.52 9.70
C GLU D 315 4.69 -24.58 9.46
N VAL D 316 5.32 -23.42 9.27
CA VAL D 316 6.74 -23.41 8.98
C VAL D 316 7.53 -23.89 10.20
N ALA D 317 7.07 -23.55 11.41
CA ALA D 317 7.75 -24.02 12.61
C ALA D 317 7.69 -25.54 12.73
N LEU D 318 6.58 -26.14 12.30
CA LEU D 318 6.49 -27.60 12.31
C LEU D 318 7.51 -28.23 11.37
N ARG D 319 7.76 -27.59 10.22
CA ARG D 319 8.73 -28.13 9.27
C ARG D 319 10.15 -27.96 9.79
N VAL D 320 10.41 -26.85 10.50
CA VAL D 320 11.71 -26.72 11.15
C VAL D 320 11.98 -27.93 12.04
N GLN D 321 10.99 -28.27 12.87
CA GLN D 321 11.14 -29.39 13.78
C GLN D 321 11.35 -30.69 13.01
N GLU D 322 10.56 -30.89 11.95
CA GLU D 322 10.71 -32.08 11.12
C GLU D 322 12.15 -32.26 10.66
N LEU D 323 12.73 -31.22 10.06
CA LEU D 323 14.09 -31.37 9.53
C LEU D 323 15.13 -31.39 10.63
N TRP D 324 14.85 -30.74 11.76
CA TRP D 324 15.76 -30.76 12.90
C TRP D 324 16.00 -32.17 13.40
N GLU D 325 14.97 -33.02 13.32
CA GLU D 325 15.06 -34.40 13.78
C GLU D 325 15.70 -35.33 12.76
N ARG D 326 15.96 -34.86 11.54
CA ARG D 326 16.54 -35.72 10.50
C ARG D 326 18.04 -35.90 10.69
N ASN D 327 18.54 -37.08 10.34
CA ASN D 327 19.98 -37.29 10.34
C ASN D 327 20.65 -36.53 9.20
N HIS D 328 20.00 -36.49 8.04
CA HIS D 328 20.54 -35.80 6.88
C HIS D 328 19.46 -34.94 6.26
N VAL D 329 19.86 -33.82 5.69
CA VAL D 329 18.94 -32.89 5.05
C VAL D 329 19.52 -32.53 3.69
N THR D 330 18.70 -32.58 2.67
CA THR D 330 19.17 -32.25 1.34
C THR D 330 19.10 -30.76 1.10
N PRO D 331 19.87 -30.25 0.14
CA PRO D 331 19.73 -28.82 -0.22
C PRO D 331 18.34 -28.45 -0.67
N GLU D 332 17.59 -29.38 -1.26
CA GLU D 332 16.23 -29.06 -1.68
C GLU D 332 15.32 -28.86 -0.47
N GLN D 333 15.42 -29.76 0.52
CA GLN D 333 14.64 -29.57 1.75
C GLN D 333 15.02 -28.26 2.43
N ARG D 334 16.33 -27.99 2.54
CA ARG D 334 16.79 -26.77 3.18
C ARG D 334 16.35 -25.54 2.39
N GLY D 335 16.48 -25.60 1.06
CA GLY D 335 16.10 -24.47 0.23
C GLY D 335 14.61 -24.17 0.29
N GLN D 336 13.77 -25.21 0.23
CA GLN D 336 12.34 -25.01 0.35
C GLN D 336 12.00 -24.41 1.72
N LEU D 337 12.64 -24.88 2.78
CA LEU D 337 12.37 -24.30 4.09
C LEU D 337 12.81 -22.84 4.14
N MET D 338 14.01 -22.54 3.63
CA MET D 338 14.46 -21.15 3.65
C MET D 338 13.51 -20.23 2.89
N VAL D 339 12.93 -20.71 1.80
CA VAL D 339 12.00 -19.89 1.04
C VAL D 339 10.73 -19.61 1.84
N GLN D 340 10.21 -20.64 2.53
CA GLN D 340 9.02 -20.45 3.37
C GLN D 340 9.31 -19.49 4.52
N VAL D 341 10.47 -19.64 5.15
CA VAL D 341 10.87 -18.73 6.23
C VAL D 341 11.00 -17.31 5.71
N ALA D 342 11.68 -17.15 4.57
CA ALA D 342 11.84 -15.80 4.00
C ALA D 342 10.49 -15.16 3.75
N SER D 343 9.54 -15.92 3.20
CA SER D 343 8.21 -15.36 2.94
C SER D 343 7.54 -14.92 4.23
N ALA D 344 7.62 -15.76 5.27
CA ALA D 344 7.04 -15.38 6.55
C ALA D 344 7.70 -14.13 7.08
N LYS D 345 9.02 -14.02 6.95
CA LYS D 345 9.71 -12.84 7.45
C LYS D 345 9.33 -11.58 6.69
N ILE D 346 9.18 -11.69 5.36
CA ILE D 346 8.75 -10.54 4.56
C ILE D 346 7.39 -10.04 5.03
N VAL D 347 6.42 -10.95 5.12
CA VAL D 347 5.06 -10.56 5.48
C VAL D 347 5.04 -9.96 6.89
N ALA D 348 5.75 -10.58 7.84
CA ALA D 348 5.75 -10.09 9.21
C ALA D 348 6.45 -8.74 9.30
N THR D 349 7.49 -8.54 8.50
CA THR D 349 8.20 -7.26 8.51
C THR D 349 7.28 -6.14 8.06
N ARG D 350 6.60 -6.32 6.94
CA ARG D 350 5.72 -5.28 6.45
C ARG D 350 4.57 -5.02 7.42
N LEU D 351 4.03 -6.08 8.01
CA LEU D 351 2.92 -5.95 8.94
C LEU D 351 3.33 -5.14 10.16
N VAL D 352 4.44 -5.50 10.79
CA VAL D 352 4.77 -4.87 12.07
C VAL D 352 5.17 -3.41 11.85
N ILE D 353 5.90 -3.12 10.77
CA ILE D 353 6.33 -1.75 10.50
C ILE D 353 5.13 -0.85 10.22
N GLU D 354 4.13 -1.36 9.48
CA GLU D 354 2.95 -0.57 9.20
C GLU D 354 2.07 -0.38 10.44
N LEU D 355 1.78 -1.46 11.16
CA LEU D 355 0.79 -1.32 12.23
C LEU D 355 1.34 -0.51 13.40
N THR D 356 2.63 -0.66 13.74
CA THR D 356 3.15 0.07 14.90
C THR D 356 3.12 1.57 14.68
N SER D 357 3.06 2.01 13.43
CA SER D 357 2.92 3.43 13.10
C SER D 357 1.45 3.83 12.93
N ARG D 358 0.70 3.05 12.15
CA ARG D 358 -0.66 3.43 11.80
C ARG D 358 -1.65 3.30 12.97
N LEU D 359 -1.38 2.43 13.95
CA LEU D 359 -2.34 2.29 15.05
C LEU D 359 -2.55 3.60 15.81
N TYR D 360 -1.65 4.57 15.71
CA TYR D 360 -1.95 5.84 16.34
C TYR D 360 -3.24 6.45 15.80
N GLU D 361 -3.54 6.22 14.53
CA GLU D 361 -4.76 6.75 13.95
C GLU D 361 -6.02 6.13 14.55
N ALA D 362 -5.91 4.98 15.19
CA ALA D 362 -7.05 4.39 15.89
C ALA D 362 -7.17 4.89 17.33
N MET D 363 -6.14 5.57 17.83
CA MET D 363 -6.07 5.99 19.23
C MET D 363 -6.31 7.49 19.40
N GLY D 364 -5.67 8.32 18.59
CA GLY D 364 -5.87 9.76 18.62
C GLY D 364 -4.62 10.48 19.04
N ALA D 365 -4.71 11.82 19.01
CA ALA D 365 -3.52 12.65 19.22
C ALA D 365 -2.93 12.47 20.60
N ARG D 366 -3.77 12.32 21.62
CA ARG D 366 -3.21 12.30 22.98
C ARG D 366 -2.38 11.04 23.24
N ALA D 367 -2.50 10.01 22.39
CA ALA D 367 -1.62 8.86 22.54
C ALA D 367 -0.17 9.19 22.22
N ALA D 368 0.06 10.18 21.36
CA ALA D 368 1.42 10.66 21.09
C ALA D 368 1.78 11.90 21.89
N ALA D 369 0.80 12.76 22.17
CA ALA D 369 1.09 14.00 22.89
C ALA D 369 1.57 13.72 24.32
N SER D 370 1.17 12.59 24.90
CA SER D 370 1.61 12.17 26.22
C SER D 370 2.73 11.15 26.03
N ARG D 371 3.98 11.65 26.01
CA ARG D 371 5.13 10.79 25.75
C ARG D 371 5.15 9.59 26.69
N GLN D 372 4.75 9.80 27.94
CA GLN D 372 4.85 8.74 28.94
C GLN D 372 4.01 7.52 28.60
N PHE D 373 2.99 7.67 27.74
CA PHE D 373 2.22 6.49 27.35
C PHE D 373 3.16 5.45 26.71
N GLY D 374 4.16 5.91 25.98
CA GLY D 374 5.24 5.06 25.53
C GLY D 374 4.90 4.06 24.45
N PHE D 375 3.84 4.31 23.68
CA PHE D 375 3.44 3.36 22.65
C PHE D 375 4.47 3.29 21.54
N ASP D 376 5.25 4.34 21.35
CA ASP D 376 6.25 4.36 20.29
C ASP D 376 7.30 3.30 20.47
N ARG D 377 7.38 2.67 21.67
CA ARG D 377 8.35 1.60 21.89
C ARG D 377 8.17 0.49 20.86
N PHE D 378 6.93 0.21 20.48
CA PHE D 378 6.71 -0.89 19.54
C PHE D 378 7.32 -0.55 18.18
N TRP D 379 7.05 0.64 17.66
CA TRP D 379 7.67 1.03 16.38
C TRP D 379 9.19 1.09 16.51
N ARG D 380 9.70 1.65 17.61
CA ARG D 380 11.14 1.74 17.76
C ARG D 380 11.78 0.36 17.76
N ASP D 381 11.18 -0.59 18.49
CA ASP D 381 11.73 -1.94 18.55
C ASP D 381 11.69 -2.61 17.17
N ALA D 382 10.54 -2.53 16.51
CA ALA D 382 10.38 -3.20 15.22
C ALA D 382 11.22 -2.53 14.15
N ARG D 383 11.24 -1.19 14.13
CA ARG D 383 12.00 -0.47 13.12
C ARG D 383 13.47 -0.81 13.24
N THR D 384 13.96 -0.99 14.48
CA THR D 384 15.37 -1.29 14.68
C THR D 384 15.68 -2.71 14.21
N HIS D 385 14.90 -3.68 14.68
CA HIS D 385 15.26 -5.07 14.44
C HIS D 385 15.06 -5.46 12.98
N THR D 386 13.99 -4.99 12.33
CA THR D 386 13.71 -5.40 10.96
C THR D 386 14.82 -5.01 9.99
N LEU D 387 15.76 -4.16 10.40
CA LEU D 387 16.90 -3.80 9.56
C LEU D 387 18.05 -4.79 9.68
N HIS D 388 17.91 -5.82 10.53
CA HIS D 388 18.97 -6.78 10.78
C HIS D 388 19.65 -7.21 9.49
N ASP D 389 18.86 -7.66 8.52
CA ASP D 389 19.32 -7.82 7.15
C ASP D 389 18.22 -7.29 6.23
N PRO D 390 18.57 -6.86 5.02
CA PRO D 390 17.61 -6.09 4.20
C PRO D 390 16.49 -6.95 3.65
N VAL D 391 15.25 -6.56 3.96
CA VAL D 391 14.09 -7.30 3.48
C VAL D 391 14.02 -7.25 1.96
N ALA D 392 14.57 -6.20 1.34
CA ALA D 392 14.58 -6.18 -0.13
C ALA D 392 15.24 -7.42 -0.71
N TYR D 393 16.28 -7.94 -0.04
CA TYR D 393 16.95 -9.12 -0.59
C TYR D 393 16.29 -10.42 -0.16
N LYS D 394 15.52 -10.44 0.93
CA LYS D 394 14.62 -11.57 1.15
C LYS D 394 13.58 -11.62 0.05
N ILE D 395 13.06 -10.46 -0.34
CA ILE D 395 12.10 -10.41 -1.45
C ILE D 395 12.75 -10.91 -2.75
N ARG D 396 13.97 -10.45 -3.04
CA ARG D 396 14.66 -10.93 -4.25
C ARG D 396 14.88 -12.43 -4.21
N GLU D 397 15.23 -12.97 -3.03
CA GLU D 397 15.48 -14.41 -2.90
C GLU D 397 14.21 -15.22 -3.16
N VAL D 398 13.06 -14.76 -2.66
CA VAL D 398 11.83 -15.47 -2.96
C VAL D 398 11.49 -15.32 -4.44
N GLY D 399 11.73 -14.14 -5.02
CA GLY D 399 11.46 -13.96 -6.44
C GLY D 399 12.35 -14.83 -7.32
N ASN D 400 13.64 -14.90 -6.99
CA ASN D 400 14.56 -15.73 -7.77
C ASN D 400 14.16 -17.21 -7.69
N TRP D 401 13.65 -17.64 -6.54
CA TRP D 401 13.14 -19.00 -6.44
C TRP D 401 11.90 -19.17 -7.30
N PHE D 402 10.93 -18.28 -7.17
CA PHE D 402 9.68 -18.49 -7.87
C PHE D 402 9.85 -18.40 -9.37
N LEU D 403 10.61 -17.41 -9.84
CA LEU D 403 10.74 -17.18 -11.27
C LEU D 403 11.77 -18.10 -11.91
N ASN D 404 12.93 -18.26 -11.27
CA ASN D 404 14.05 -18.97 -11.87
C ASN D 404 14.34 -20.32 -11.24
N HIS D 405 13.54 -20.76 -10.27
CA HIS D 405 13.70 -22.06 -9.63
C HIS D 405 15.06 -22.18 -8.96
N ARG D 406 15.58 -21.08 -8.44
CA ARG D 406 16.88 -21.04 -7.79
C ARG D 406 16.66 -20.84 -6.29
N PHE D 407 17.13 -21.80 -5.50
CA PHE D 407 17.05 -21.65 -4.06
C PHE D 407 18.07 -20.62 -3.58
N PRO D 408 17.82 -19.99 -2.44
CA PRO D 408 18.79 -19.04 -1.90
C PRO D 408 20.14 -19.67 -1.68
N THR D 409 21.20 -18.92 -1.97
CA THR D 409 22.54 -19.38 -1.66
C THR D 409 22.73 -19.39 -0.14
N PRO D 410 22.95 -20.54 0.48
CA PRO D 410 23.06 -20.58 1.95
C PRO D 410 24.21 -19.72 2.46
N SER D 411 23.94 -18.95 3.49
CA SER D 411 24.91 -18.03 4.08
C SER D 411 24.45 -17.72 5.49
N PHE D 412 25.18 -16.84 6.18
CA PHE D 412 24.68 -16.42 7.48
C PHE D 412 23.40 -15.61 7.36
N TYR D 413 23.01 -15.20 6.15
CA TYR D 413 21.82 -14.38 5.94
C TYR D 413 20.73 -15.04 5.09
N SER D 414 21.05 -16.09 4.33
CA SER D 414 20.06 -16.65 3.43
C SER D 414 20.23 -18.16 3.31
N1 FMN E . -25.53 -15.86 -3.95
C2 FMN E . -26.10 -17.07 -3.61
O2 FMN E . -27.02 -17.09 -2.79
N3 FMN E . -25.64 -18.25 -4.18
C4 FMN E . -24.60 -18.22 -5.10
O4 FMN E . -24.21 -19.28 -5.61
C4A FMN E . -24.03 -16.99 -5.44
N5 FMN E . -22.99 -16.95 -6.37
C5A FMN E . -22.41 -15.74 -6.70
C6 FMN E . -21.38 -15.71 -7.64
C7 FMN E . -20.78 -14.51 -8.00
C7M FMN E . -19.65 -14.53 -9.01
C8 FMN E . -21.23 -13.33 -7.41
C8M FMN E . -20.65 -11.99 -7.77
C9 FMN E . -22.28 -13.35 -6.50
C9A FMN E . -22.88 -14.56 -6.13
N10 FMN E . -23.91 -14.59 -5.18
C10 FMN E . -24.49 -15.81 -4.86
C1' FMN E . -24.48 -13.31 -4.59
C2' FMN E . -23.72 -12.59 -3.48
O2' FMN E . -23.73 -13.38 -2.32
C3' FMN E . -24.42 -11.24 -3.20
O3' FMN E . -25.79 -11.47 -2.95
C4' FMN E . -24.30 -10.22 -4.34
O4' FMN E . -22.98 -10.22 -4.83
C5' FMN E . -24.72 -8.81 -3.92
O5' FMN E . -24.49 -7.88 -4.97
P FMN E . -24.29 -6.30 -4.68
O1P FMN E . -22.89 -6.08 -4.11
O2P FMN E . -24.44 -5.48 -5.96
O3P FMN E . -25.34 -5.82 -3.70
HN3 FMN E . -26.07 -19.16 -3.91
H6 FMN E . -21.03 -16.64 -8.08
HM71 FMN E . -19.30 -13.52 -9.18
HM72 FMN E . -18.83 -15.15 -8.63
HM73 FMN E . -20.01 -14.96 -9.94
HM81 FMN E . -21.16 -11.21 -7.20
HM82 FMN E . -20.76 -11.81 -8.84
HM83 FMN E . -19.59 -11.99 -7.51
H9 FMN E . -22.63 -12.42 -6.06
H1'1 FMN E . -24.63 -12.61 -5.41
H1'2 FMN E . -25.47 -13.55 -4.20
H2' FMN E . -22.71 -12.40 -3.82
HO2' FMN E . -24.16 -12.90 -1.59
H3' FMN E . -23.96 -10.81 -2.31
HO3' FMN E . -26.33 -10.92 -3.57
H4' FMN E . -24.97 -10.54 -5.15
HO4' FMN E . -22.62 -9.32 -4.78
H5'1 FMN E . -25.78 -8.81 -3.66
H5'2 FMN E . -24.16 -8.51 -3.05
S SO4 F . -24.05 -39.34 9.63
O1 SO4 F . -23.42 -38.97 8.36
O2 SO4 F . -24.94 -40.48 9.45
O3 SO4 F . -23.01 -39.69 10.59
O4 SO4 F . -24.85 -38.22 10.11
S SO4 G . -10.28 -27.53 21.26
O1 SO4 G . -9.82 -28.18 20.04
O2 SO4 G . -9.16 -27.40 22.18
O3 SO4 G . -11.33 -28.35 21.86
O4 SO4 G . -10.82 -26.20 21.00
N1 FMN H . 6.17 2.86 -29.59
C2 FMN H . 6.43 3.75 -30.60
O2 FMN H . 7.58 3.91 -30.98
N3 FMN H . 5.40 4.49 -31.15
C4 FMN H . 4.10 4.33 -30.71
O4 FMN H . 3.21 4.99 -31.24
C4A FMN H . 3.84 3.42 -29.69
N5 FMN H . 2.56 3.24 -29.25
C5A FMN H . 2.30 2.32 -28.24
C6 FMN H . 0.99 2.17 -27.79
C7 FMN H . 0.70 1.26 -26.78
C7M FMN H . -0.75 1.11 -26.33
C8 FMN H . 1.74 0.53 -26.20
C8M FMN H . 1.48 -0.46 -25.10
C9 FMN H . 3.04 0.70 -26.64
C9A FMN H . 3.35 1.59 -27.67
N10 FMN H . 4.65 1.79 -28.09
C10 FMN H . 4.88 2.67 -29.14
C1' FMN H . 5.79 0.91 -27.59
C2' FMN H . 6.85 1.20 -26.55
O2' FMN H . 7.69 2.19 -27.10
C3' FMN H . 7.66 -0.08 -26.28
O3' FMN H . 8.35 -0.47 -27.47
C4' FMN H . 6.84 -1.31 -25.83
O4' FMN H . 5.83 -0.87 -24.94
C5' FMN H . 7.73 -2.35 -25.12
O5' FMN H . 7.14 -3.64 -25.10
P FMN H . 7.58 -4.77 -24.00
O1P FMN H . 6.64 -5.96 -24.17
O2P FMN H . 9.01 -5.20 -24.28
O3P FMN H . 7.44 -4.15 -22.62
HN3 FMN H . 5.61 5.18 -31.91
H6 FMN H . 0.19 2.75 -28.24
HM71 FMN H . -0.80 0.38 -25.53
HM72 FMN H . -1.35 0.79 -27.17
HM73 FMN H . -1.10 2.07 -25.97
HM81 FMN H . 2.42 -0.91 -24.80
HM82 FMN H . 0.80 -1.22 -25.45
HM83 FMN H . 1.04 0.06 -24.25
H9 FMN H . 3.84 0.12 -26.18
H1'1 FMN H . 5.31 -0.01 -27.26
H1'2 FMN H . 6.34 0.64 -28.49
H2' FMN H . 6.37 1.55 -25.63
HO2' FMN H . 8.60 1.82 -27.18
H3' FMN H . 8.39 0.15 -25.51
HO3' FMN H . 8.13 -1.40 -27.69
H4' FMN H . 6.39 -1.77 -26.71
HO4' FMN H . 5.92 -1.34 -24.09
H5'1 FMN H . 8.69 -2.40 -25.62
H5'2 FMN H . 7.90 -2.03 -24.09
S SO4 I . 15.53 29.29 -15.90
O1 SO4 I . 16.33 29.78 -17.02
O2 SO4 I . 15.89 27.89 -15.67
O3 SO4 I . 15.79 30.06 -14.70
O4 SO4 I . 14.12 29.42 -16.27
C1 GOL J . 8.17 18.34 -47.78
O1 GOL J . 7.04 17.94 -48.51
C2 GOL J . 7.92 19.74 -47.21
O2 GOL J . 7.81 20.64 -48.26
C3 GOL J . 9.04 20.22 -46.27
O3 GOL J . 10.27 20.13 -46.94
H11 GOL J . 8.34 17.71 -47.06
H12 GOL J . 8.95 18.36 -48.37
HO1 GOL J . 6.34 18.26 -48.15
H2 GOL J . 7.09 19.73 -46.71
HO2 GOL J . 7.21 21.22 -48.09
H31 GOL J . 9.07 19.65 -45.48
H32 GOL J . 8.87 21.13 -46.01
HO3 GOL J . 10.31 20.75 -47.52
C6 83R K . 6.50 9.37 -31.89
C5 83R K . 7.67 8.65 -31.72
C4 83R K . 8.63 6.19 -29.12
S1 83R K . 7.04 6.50 -28.46
C2 83R K . 7.78 7.77 -30.65
C7 83R K . 5.44 9.23 -31.00
C8 83R K . 5.53 8.37 -29.92
C9 83R K . 9.58 5.30 -28.60
C10 83R K . 10.79 5.19 -29.24
C11 83R K . 11.07 5.92 -30.39
C12 83R K . 10.14 6.80 -30.91
C1 83R K . 6.70 7.64 -29.75
C3 83R K . 8.91 6.94 -30.28
H2 83R K . 6.42 9.96 -32.62
H1 83R K . 8.39 8.75 -32.33
H3 83R K . 4.65 9.72 -31.14
H4 83R K . 4.81 8.28 -29.32
H5 83R K . 9.39 4.81 -27.82
H6 83R K . 11.44 4.59 -28.90
H7 83R K . 11.92 5.82 -30.81
H8 83R K . 10.33 7.30 -31.69
N1 FMN L . -5.65 22.58 19.37
C2 FMN L . -5.87 23.93 19.50
O2 FMN L . -7.03 24.32 19.65
N3 FMN L . -4.82 24.82 19.43
C4 FMN L . -3.52 24.34 19.26
O4 FMN L . -2.59 25.16 19.23
C4A FMN L . -3.29 22.97 19.13
N5 FMN L . -2.00 22.48 18.96
C5A FMN L . -1.81 21.10 18.84
C6 FMN L . -0.52 20.60 18.66
C7 FMN L . -0.31 19.24 18.54
C7M FMN L . 1.11 18.75 18.34
C8 FMN L . -1.38 18.35 18.59
C8M FMN L . -1.20 16.85 18.46
C9 FMN L . -2.66 18.85 18.77
C9A FMN L . -2.90 20.22 18.89
N10 FMN L . -4.19 20.72 19.04
C10 FMN L . -4.36 22.09 19.20
C1' FMN L . -5.35 19.81 19.26
C2' FMN L . -6.39 19.38 18.26
O2' FMN L . -7.17 20.53 18.03
C3' FMN L . -7.29 18.30 18.91
O3' FMN L . -7.95 18.86 20.02
C4' FMN L . -6.58 17.02 19.40
O4' FMN L . -5.56 16.61 18.51
C5' FMN L . -7.56 15.86 19.59
O5' FMN L . -7.02 14.90 20.49
P FMN L . -7.47 13.37 20.45
O1P FMN L . -8.91 13.28 20.88
O2P FMN L . -7.30 12.83 19.03
O3P FMN L . -6.59 12.64 21.44
HN3 FMN L . -4.98 25.83 19.58
H6 FMN L . 0.32 21.29 18.61
HM71 FMN L . 1.12 17.67 18.24
HM72 FMN L . 1.72 19.05 19.19
HM73 FMN L . 1.51 19.20 17.43
HM81 FMN L . -2.18 16.37 18.52
HM82 FMN L . -0.57 16.48 19.26
HM83 FMN L . -0.75 16.62 17.50
H9 FMN L . -3.51 18.16 18.82
H1'1 FMN L . -4.93 18.88 19.65
H1'2 FMN L . -5.91 20.24 20.09
H2' FMN L . -5.93 19.00 17.36
HO2' FMN L . -8.09 20.38 18.32
H3' FMN L . -8.03 18.00 18.17
HO3' FMN L . -7.79 18.31 20.81
H4' FMN L . -6.13 17.23 20.36
HO4' FMN L . -5.72 15.69 18.21
H5'1 FMN L . -8.51 16.24 19.98
H5'2 FMN L . -7.76 15.38 18.63
S SO4 M . -13.09 32.78 -9.52
O1 SO4 M . -11.71 33.08 -9.12
O2 SO4 M . -13.12 32.57 -10.97
O3 SO4 M . -13.60 31.60 -8.86
O4 SO4 M . -13.92 33.93 -9.18
C1 GOL N . -7.76 22.54 13.14
O1 GOL N . -8.55 22.89 12.04
C2 GOL N . -8.15 21.14 13.63
O2 GOL N . -7.04 20.26 13.53
C3 GOL N . -8.51 21.17 15.10
O3 GOL N . -7.41 21.73 15.78
H11 GOL N . -6.83 22.54 12.87
H12 GOL N . -7.90 23.19 13.85
HO1 GOL N . -8.14 23.47 11.56
H2 GOL N . -8.89 20.80 13.12
HO2 GOL N . -7.23 19.52 13.93
H31 GOL N . -8.66 20.27 15.42
H32 GOL N . -9.30 21.71 15.24
HO3 GOL N . -7.36 22.56 15.61
C6 83R O . -10.38 25.93 17.85
C5 83R O . -9.35 26.84 17.64
C4 83R O . -5.92 26.36 16.29
S1 83R O . -6.40 24.68 16.13
C2 83R O . -8.14 26.40 17.12
C7 83R O . -10.21 24.60 17.52
C8 83R O . -9.02 24.13 17.00
C9 83R O . -4.70 26.90 15.93
C10 83R O . -4.50 28.26 16.12
C11 83R O . -5.51 29.06 16.64
C12 83R O . -6.73 28.52 17.01
C1 83R O . -7.99 25.04 16.80
C3 83R O . -6.94 27.16 16.82
H2 83R O . -11.20 26.22 18.21
H1 83R O . -9.47 27.75 17.87
H3 83R O . -10.91 23.99 17.67
H4 83R O . -8.91 23.23 16.79
H5 83R O . -4.02 26.36 15.57
H6 83R O . -3.68 28.64 15.89
H7 83R O . -5.35 29.98 16.77
H8 83R O . -7.41 29.07 17.37
N1 FMN P . 24.71 -9.66 14.25
C2 FMN P . 25.30 -10.74 14.85
O2 FMN P . 26.19 -11.37 14.27
N3 FMN P . 24.88 -11.15 16.10
C4 FMN P . 23.89 -10.48 16.77
O4 FMN P . 23.56 -10.86 17.89
C4A FMN P . 23.30 -9.36 16.17
N5 FMN P . 22.31 -8.67 16.83
C5A FMN P . 21.72 -7.58 16.22
C6 FMN P . 20.72 -6.88 16.89
C7 FMN P . 20.12 -5.78 16.28
C7M FMN P . 19.02 -5.03 17.01
C8 FMN P . 20.54 -5.37 15.01
C8M FMN P . 19.94 -4.20 14.30
C9 FMN P . 21.54 -6.07 14.36
C9A FMN P . 22.14 -7.17 14.96
N10 FMN P . 23.12 -7.88 14.28
C10 FMN P . 23.72 -8.96 14.90
C1' FMN P . 23.68 -7.38 12.98
C2' FMN P . 23.33 -7.84 11.59
O2' FMN P . 23.86 -9.15 11.49
C3' FMN P . 24.01 -6.92 10.55
O3' FMN P . 25.42 -6.99 10.64
C4' FMN P . 23.62 -5.43 10.65
O4' FMN P . 22.25 -5.32 10.98
C5' FMN P . 23.93 -4.69 9.36
O5' FMN P . 23.99 -3.30 9.63
P FMN P . 23.88 -2.20 8.45
O1P FMN P . 25.04 -2.40 7.50
O2P FMN P . 22.58 -2.48 7.72
O3P FMN P . 23.95 -0.80 9.04
HN3 FMN P . 25.32 -11.99 16.55
H6 FMN P . 20.41 -7.20 17.88
HM71 FMN P . 18.68 -4.19 16.40
HM72 FMN P . 19.41 -4.64 17.95
HM73 FMN P . 18.18 -5.69 17.21
HM81 FMN P . 20.43 -4.08 13.34
HM82 FMN P . 20.10 -3.30 14.91
HM83 FMN P . 18.87 -4.36 14.16
H9 FMN P . 21.86 -5.74 13.37
H1'1 FMN P . 23.52 -6.30 12.98
H1'2 FMN P . 24.76 -7.50 13.05
H2' FMN P . 22.25 -7.84 11.46
HO2' FMN P . 24.53 -9.18 10.79
H3' FMN P . 23.70 -7.27 9.57
HO3' FMN P . 25.79 -6.09 10.73
H4' FMN P . 24.22 -4.99 11.45
HO4' FMN P . 21.80 -4.77 10.30
H5'1 FMN P . 24.88 -5.02 8.94
H5'2 FMN P . 23.15 -4.88 8.62
S SO4 Q . 10.32 -34.96 3.12
O1 SO4 Q . 11.31 -36.02 3.29
O2 SO4 Q . 9.29 -35.39 2.20
O3 SO4 Q . 9.73 -34.67 4.43
O4 SO4 Q . 10.99 -33.78 2.57
C1 GOL R . 33.06 -29.43 25.68
O1 GOL R . 34.29 -29.96 25.29
C2 GOL R . 33.23 -28.72 27.03
O2 GOL R . 33.56 -29.67 28.03
C3 GOL R . 34.31 -27.64 27.01
O3 GOL R . 34.34 -26.99 28.26
H11 GOL R . 32.76 -28.79 25.02
H12 GOL R . 32.41 -30.14 25.77
HO1 GOL R . 34.34 -29.98 24.44
H2 GOL R . 32.39 -28.31 27.27
HO2 GOL R . 33.01 -30.32 28.00
H31 GOL R . 34.10 -26.99 26.32
H32 GOL R . 35.17 -28.04 26.82
HO3 GOL R . 35.11 -27.09 28.61
C6 83R S . 26.83 -14.18 11.51
C5 83R S . 26.47 -14.76 12.71
C4 83R S . 23.42 -14.30 14.81
S1 83R S . 22.95 -13.16 13.56
C2 83R S . 25.26 -14.41 13.30
C7 83R S . 26.00 -13.26 10.89
C8 83R S . 24.79 -12.89 11.45
C9 83R S . 22.70 -14.61 15.95
C10 83R S . 23.24 -15.53 16.83
C11 83R S . 24.46 -16.12 16.59
C12 83R S . 25.19 -15.81 15.45
C1 83R S . 24.42 -13.48 12.66
C3 83R S . 24.67 -14.89 14.55
H2 83R S . 27.65 -14.41 11.11
H1 83R S . 27.04 -15.39 13.13
H3 83R S . 26.27 -12.87 10.07
H4 83R S . 24.23 -12.26 11.03
H5 83R S . 21.87 -14.21 16.12
H6 83R S . 22.75 -15.76 17.61
H7 83R S . 24.82 -16.75 17.21
H8 83R S . 26.03 -16.22 15.29
#